data_9P9V
#
_entry.id   9P9V
#
_cell.length_a   1.00
_cell.length_b   1.00
_cell.length_c   1.00
_cell.angle_alpha   90.00
_cell.angle_beta   90.00
_cell.angle_gamma   90.00
#
_symmetry.space_group_name_H-M   'P 1'
#
loop_
_entity.id
_entity.type
_entity.pdbx_description
1 polymer 'ATP-dependent clpX-like chaperone, mitochondrial'
2 non-polymer "ADENOSINE-5'-DIPHOSPHATE"
#
_entity_poly.entity_id   1
_entity_poly.type   'polypeptide(L)'
_entity_poly.pdbx_seq_one_letter_code
;FTETPAYFASKDGISKDGSGDGNKKSASEGSSKKSGSGNSGKGGNQLRCPKCGDLCTHVETFVSSTRFVKCEKCHHFFVV
LSEADSKKSIIKEPESAAEAVKLAFQQKPPPPPKKIYNYLDKYVVGQSFAKKVLSVAVYNHYKRIYNNIPANLRQQAEVE
KQTSLTPRELEIRRREDEYRFTKLLQIAGISPHGNALGASMQQQVNQQIPQEKRGGEVLDSSHDDIKLEKSNILLLGPTG
SGKTLLAQTLAKCLDVPFAICDCTTLTQAGYVGEDIESVIAKLLQDANYNVEKAQQGIVFLDQVDKIGSVPGIHQLRDVG
GEGVQQGLLKLLEGTIVNVPEKNSRKLRGETVQVDTTNILFVASGAFNGLDRIISRRKNEKYLGFGTPSNLGKGRRAAAA
ADLANRSGESNTHQDIEEKDRLLRHVEARDLIEFGMIPEFVGRLPVVVPLHSLDEKTLVQILTEPRNAVIPQYQALFSMD
KCELNVTEDALKAIARLALERKTGARGLRSIMEKLLLEPMFEVPNSDIVCVEVDKEVVEGKKEPGYIRAPTKESSEEEYD
SGVEEEGWPRQADAANS
;
_entity_poly.pdbx_strand_id   A,B,C,D,E,F
#
# COMPACT_ATOMS: atom_id res chain seq x y z
N PRO A 109 -0.04 -37.12 -39.48
CA PRO A 109 -0.05 -38.11 -38.39
C PRO A 109 1.10 -37.89 -37.41
N PRO A 110 0.83 -38.11 -36.13
CA PRO A 110 1.86 -37.92 -35.11
C PRO A 110 2.78 -39.12 -35.02
N PRO A 111 4.08 -38.91 -35.17
CA PRO A 111 5.04 -39.98 -34.92
C PRO A 111 4.97 -40.44 -33.48
N PRO A 112 5.18 -41.73 -33.23
CA PRO A 112 5.13 -42.25 -31.86
C PRO A 112 6.04 -41.49 -30.92
N PRO A 113 5.76 -41.56 -29.62
CA PRO A 113 6.57 -40.84 -28.63
C PRO A 113 8.01 -41.29 -28.55
N LYS A 114 8.29 -42.58 -28.73
CA LYS A 114 9.68 -43.04 -28.79
C LYS A 114 10.41 -42.44 -29.97
N LYS A 115 9.70 -42.12 -31.04
CA LYS A 115 10.32 -41.41 -32.14
C LYS A 115 10.50 -39.95 -31.75
N ILE A 116 9.52 -39.39 -31.05
CA ILE A 116 9.66 -38.05 -30.50
C ILE A 116 10.83 -37.99 -29.52
N TYR A 117 10.93 -39.02 -28.70
CA TYR A 117 12.07 -39.22 -27.81
C TYR A 117 13.40 -39.28 -28.55
N ASN A 118 13.40 -39.67 -29.83
CA ASN A 118 14.61 -39.50 -30.63
C ASN A 118 15.00 -38.04 -30.75
N TYR A 119 14.04 -37.19 -31.10
CA TYR A 119 14.32 -35.78 -31.36
C TYR A 119 14.85 -35.09 -30.11
N LEU A 120 14.19 -35.30 -28.97
CA LEU A 120 14.61 -34.68 -27.73
C LEU A 120 15.90 -35.28 -27.17
N ASP A 121 16.12 -36.58 -27.36
CA ASP A 121 17.40 -37.15 -26.95
C ASP A 121 18.57 -36.48 -27.65
N LYS A 122 18.36 -35.87 -28.82
CA LYS A 122 19.39 -35.07 -29.46
C LYS A 122 19.72 -33.77 -28.73
N TYR A 123 18.98 -33.40 -27.68
CA TYR A 123 19.19 -32.07 -27.10
C TYR A 123 19.20 -32.00 -25.58
N VAL A 124 18.47 -32.82 -24.85
CA VAL A 124 18.49 -32.82 -23.38
C VAL A 124 18.82 -34.21 -22.89
N VAL A 125 19.95 -34.33 -22.19
CA VAL A 125 20.60 -35.64 -22.09
C VAL A 125 19.94 -36.50 -21.01
N GLY A 126 19.70 -35.95 -19.83
CA GLY A 126 19.39 -36.77 -18.68
C GLY A 126 17.95 -36.83 -18.23
N GLN A 127 17.03 -36.18 -18.95
CA GLN A 127 15.65 -36.07 -18.51
C GLN A 127 14.76 -37.09 -19.19
N SER A 128 15.36 -38.18 -19.66
CA SER A 128 14.62 -39.25 -20.33
C SER A 128 13.35 -39.64 -19.61
N PHE A 129 13.37 -39.62 -18.28
CA PHE A 129 12.24 -40.09 -17.48
C PHE A 129 11.24 -39.00 -17.15
N ALA A 130 11.48 -37.78 -17.61
CA ALA A 130 10.44 -36.78 -17.82
C ALA A 130 10.13 -36.60 -19.29
N LYS A 131 11.17 -36.69 -20.14
CA LYS A 131 10.97 -36.65 -21.58
C LYS A 131 10.04 -37.77 -22.03
N LYS A 132 10.11 -38.93 -21.39
CA LYS A 132 9.15 -39.99 -21.65
C LYS A 132 7.72 -39.53 -21.45
N VAL A 133 7.43 -38.92 -20.30
CA VAL A 133 6.08 -38.43 -20.04
C VAL A 133 5.64 -37.36 -21.04
N LEU A 134 6.52 -36.41 -21.34
CA LEU A 134 6.17 -35.36 -22.30
C LEU A 134 5.84 -35.95 -23.67
N SER A 135 6.67 -36.84 -24.17
CA SER A 135 6.44 -37.44 -25.47
C SER A 135 5.10 -38.17 -25.52
N VAL A 136 4.81 -38.96 -24.50
CA VAL A 136 3.52 -39.67 -24.44
C VAL A 136 2.36 -38.69 -24.48
N ALA A 137 2.44 -37.62 -23.69
CA ALA A 137 1.35 -36.66 -23.62
C ALA A 137 1.09 -35.96 -24.96
N VAL A 138 2.15 -35.63 -25.70
CA VAL A 138 1.98 -35.04 -27.02
C VAL A 138 1.30 -36.01 -27.96
N TYR A 139 1.75 -37.26 -27.98
CA TYR A 139 1.08 -38.25 -28.82
C TYR A 139 -0.36 -38.47 -28.40
N ASN A 140 -0.67 -38.37 -27.11
CA ASN A 140 -2.06 -38.43 -26.68
C ASN A 140 -2.84 -37.24 -27.20
N HIS A 141 -2.29 -36.03 -27.06
CA HIS A 141 -2.95 -34.83 -27.57
C HIS A 141 -3.18 -34.91 -29.07
N TYR A 142 -2.18 -35.37 -29.81
CA TYR A 142 -2.36 -35.56 -31.25
C TYR A 142 -3.33 -36.70 -31.55
N LYS A 143 -3.24 -37.80 -30.81
CA LYS A 143 -4.31 -38.78 -30.90
C LYS A 143 -5.59 -38.24 -30.29
N ARG A 144 -5.54 -37.12 -29.59
CA ARG A 144 -6.74 -36.43 -29.18
C ARG A 144 -7.16 -35.36 -30.18
N ILE A 145 -6.32 -35.07 -31.17
CA ILE A 145 -6.72 -34.07 -32.15
C ILE A 145 -7.94 -34.54 -32.92
N TYR A 146 -8.05 -35.85 -33.14
CA TYR A 146 -9.24 -36.44 -33.71
C TYR A 146 -9.57 -37.71 -32.94
N ASN A 147 -10.85 -38.06 -32.93
CA ASN A 147 -11.32 -39.25 -32.22
C ASN A 147 -10.92 -39.22 -30.75
N GLU A 229 -9.38 -34.54 -19.71
CA GLU A 229 -8.74 -35.28 -20.79
C GLU A 229 -7.64 -34.45 -21.44
N LYS A 230 -7.60 -33.17 -21.08
CA LYS A 230 -6.69 -32.23 -21.74
C LYS A 230 -5.24 -32.61 -21.49
N SER A 231 -4.43 -32.58 -22.54
CA SER A 231 -3.01 -32.91 -22.40
C SER A 231 -2.19 -31.75 -21.86
N ASN A 232 -2.84 -30.63 -21.50
CA ASN A 232 -2.15 -29.44 -21.03
C ASN A 232 -1.23 -29.74 -19.85
N ILE A 233 -0.04 -29.15 -19.86
CA ILE A 233 1.08 -29.69 -19.11
C ILE A 233 1.85 -28.58 -18.42
N LEU A 234 2.58 -28.97 -17.38
CA LEU A 234 3.31 -28.07 -16.50
C LEU A 234 4.70 -28.64 -16.25
N LEU A 235 5.72 -27.78 -16.37
CA LEU A 235 7.10 -28.17 -16.11
C LEU A 235 7.57 -27.54 -14.80
N LEU A 236 8.22 -28.35 -13.97
CA LEU A 236 8.63 -27.94 -12.64
C LEU A 236 10.09 -28.31 -12.41
N GLY A 237 10.70 -27.63 -11.44
CA GLY A 237 12.04 -27.91 -11.02
C GLY A 237 13.07 -26.94 -11.57
N PRO A 238 14.34 -27.32 -11.48
CA PRO A 238 15.41 -26.32 -11.45
C PRO A 238 15.54 -25.52 -12.74
N THR A 239 15.91 -24.26 -12.57
CA THR A 239 16.51 -23.42 -13.61
C THR A 239 17.73 -24.10 -14.19
N GLY A 240 18.10 -23.74 -15.42
CA GLY A 240 19.31 -24.25 -16.01
C GLY A 240 19.30 -25.73 -16.28
N SER A 241 18.11 -26.33 -16.36
CA SER A 241 17.96 -27.78 -16.48
C SER A 241 16.87 -28.12 -17.48
N GLY A 242 16.77 -27.34 -18.56
CA GLY A 242 16.14 -27.81 -19.77
C GLY A 242 14.68 -27.43 -19.93
N LYS A 243 14.14 -26.65 -19.00
CA LYS A 243 12.72 -26.29 -19.07
C LYS A 243 12.37 -25.58 -20.36
N THR A 244 13.13 -24.54 -20.71
CA THR A 244 12.86 -23.82 -21.94
C THR A 244 13.39 -24.54 -23.17
N LEU A 245 14.50 -25.25 -23.04
CA LEU A 245 15.05 -25.95 -24.19
C LEU A 245 14.13 -27.05 -24.69
N LEU A 246 13.49 -27.79 -23.78
CA LEU A 246 12.52 -28.79 -24.20
C LEU A 246 11.37 -28.18 -24.99
N ALA A 247 10.87 -27.03 -24.57
CA ALA A 247 9.78 -26.38 -25.27
C ALA A 247 10.16 -25.97 -26.67
N GLN A 248 11.27 -25.25 -26.81
CA GLN A 248 11.74 -24.85 -28.13
C GLN A 248 12.10 -26.05 -29.00
N THR A 249 12.67 -27.09 -28.39
CA THR A 249 13.02 -28.28 -29.17
C THR A 249 11.77 -28.99 -29.68
N LEU A 250 10.76 -29.16 -28.83
CA LEU A 250 9.53 -29.81 -29.25
C LEU A 250 8.89 -29.08 -30.43
N ALA A 251 8.91 -27.75 -30.41
CA ALA A 251 8.40 -26.99 -31.52
C ALA A 251 9.22 -27.20 -32.79
N LYS A 252 10.49 -27.57 -32.65
CA LYS A 252 11.33 -27.78 -33.83
C LYS A 252 10.95 -29.02 -34.61
N CYS A 253 10.19 -29.93 -34.01
CA CYS A 253 9.61 -31.04 -34.75
C CYS A 253 8.11 -30.89 -34.91
N LEU A 254 7.55 -29.79 -34.43
CA LEU A 254 6.11 -29.58 -34.39
C LEU A 254 5.69 -28.91 -35.68
N ASP A 255 4.90 -29.61 -36.48
CA ASP A 255 4.41 -29.00 -37.71
C ASP A 255 3.45 -27.87 -37.41
N VAL A 256 2.53 -28.08 -36.47
CA VAL A 256 1.55 -27.05 -36.13
C VAL A 256 2.23 -25.89 -35.43
N PRO A 257 1.73 -24.67 -35.60
CA PRO A 257 2.39 -23.49 -35.03
C PRO A 257 2.45 -23.55 -33.51
N PHE A 258 3.38 -22.80 -32.95
CA PHE A 258 3.54 -22.79 -31.51
C PHE A 258 3.83 -21.39 -31.01
N ALA A 259 3.45 -21.14 -29.77
CA ALA A 259 3.83 -19.95 -29.00
C ALA A 259 4.48 -20.43 -27.72
N ILE A 260 5.57 -19.78 -27.32
CA ILE A 260 6.00 -19.79 -25.94
C ILE A 260 5.71 -18.44 -25.32
N CYS A 261 5.23 -18.45 -24.07
CA CYS A 261 5.28 -17.26 -23.25
C CYS A 261 5.47 -17.66 -21.79
N ASP A 262 5.79 -16.67 -20.97
CA ASP A 262 5.93 -16.81 -19.53
C ASP A 262 5.07 -15.76 -18.84
N CYS A 263 4.58 -16.07 -17.66
CA CYS A 263 3.85 -15.09 -16.87
C CYS A 263 4.70 -13.88 -16.48
N GLU A 277 -3.06 -12.45 -23.02
CA GLU A 277 -4.22 -12.60 -23.90
C GLU A 277 -3.86 -12.30 -25.35
N SER A 278 -2.69 -11.69 -25.56
CA SER A 278 -2.19 -11.46 -26.90
C SER A 278 -1.03 -12.39 -27.25
N VAL A 279 -0.78 -13.41 -26.44
CA VAL A 279 0.23 -14.40 -26.81
C VAL A 279 -0.26 -15.22 -27.99
N ILE A 280 -1.52 -15.65 -27.94
CA ILE A 280 -2.14 -16.30 -29.10
C ILE A 280 -2.20 -15.32 -30.26
N ALA A 281 -2.25 -14.02 -29.97
CA ALA A 281 -2.14 -13.04 -31.03
C ALA A 281 -0.76 -13.06 -31.66
N LYS A 282 0.27 -13.33 -30.86
CA LYS A 282 1.59 -13.57 -31.45
C LYS A 282 1.59 -14.84 -32.29
N LEU A 283 1.03 -15.93 -31.76
CA LEU A 283 0.91 -17.16 -32.53
C LEU A 283 0.08 -16.95 -33.79
N LEU A 284 -1.08 -16.30 -33.65
CA LEU A 284 -1.97 -16.08 -34.78
C LEU A 284 -1.34 -15.19 -35.84
N GLN A 285 -0.70 -14.10 -35.43
CA GLN A 285 -0.21 -13.15 -36.43
C GLN A 285 0.93 -13.75 -37.22
N ASP A 286 1.98 -14.21 -36.55
CA ASP A 286 3.16 -14.66 -37.27
C ASP A 286 2.95 -16.01 -37.90
N ALA A 287 2.58 -17.00 -37.10
CA ALA A 287 2.51 -18.37 -37.56
C ALA A 287 1.21 -18.67 -38.30
N ASN A 288 0.07 -18.36 -37.70
CA ASN A 288 -1.18 -19.00 -38.13
C ASN A 288 -1.68 -18.35 -39.41
N TYR A 289 -1.76 -19.15 -40.47
CA TYR A 289 -2.67 -18.90 -41.58
C TYR A 289 -4.04 -19.53 -41.40
N ASN A 290 -4.15 -20.64 -40.67
CA ASN A 290 -5.39 -21.39 -40.53
C ASN A 290 -5.83 -21.37 -39.07
N VAL A 291 -7.08 -20.95 -38.85
CA VAL A 291 -7.59 -20.83 -37.49
C VAL A 291 -7.78 -22.18 -36.82
N GLU A 292 -8.16 -23.21 -37.58
CA GLU A 292 -8.12 -24.57 -37.02
C GLU A 292 -6.69 -24.97 -36.66
N LYS A 293 -5.72 -24.56 -37.47
CA LYS A 293 -4.32 -24.71 -37.09
C LYS A 293 -4.02 -23.88 -35.86
N ALA A 294 -4.59 -22.67 -35.79
CA ALA A 294 -4.39 -21.80 -34.64
C ALA A 294 -4.99 -22.41 -33.37
N GLN A 295 -6.21 -22.95 -33.48
CA GLN A 295 -6.73 -23.79 -32.40
C GLN A 295 -5.83 -24.98 -32.16
N GLN A 296 -5.30 -25.58 -33.23
CA GLN A 296 -4.31 -26.66 -33.15
C GLN A 296 -2.95 -26.19 -32.65
N GLY A 297 -2.76 -24.95 -32.18
CA GLY A 297 -1.44 -24.51 -31.80
C GLY A 297 -1.01 -25.06 -30.45
N ILE A 298 0.30 -25.00 -30.20
CA ILE A 298 0.86 -25.30 -28.88
C ILE A 298 1.29 -24.01 -28.20
N VAL A 299 0.84 -23.83 -26.96
CA VAL A 299 1.20 -22.67 -26.16
C VAL A 299 1.94 -23.16 -24.93
N PHE A 300 3.16 -22.67 -24.76
CA PHE A 300 3.96 -22.91 -23.57
C PHE A 300 3.84 -21.72 -22.63
N LEU A 301 3.43 -21.99 -21.39
CA LEU A 301 3.33 -20.94 -20.37
C LEU A 301 4.36 -21.24 -19.27
N ASP A 302 5.56 -20.71 -19.44
CA ASP A 302 6.62 -20.94 -18.48
C ASP A 302 6.56 -19.89 -17.36
N GLN A 303 7.31 -20.15 -16.28
CA GLN A 303 7.30 -19.32 -15.08
C GLN A 303 5.91 -19.18 -14.45
N VAL A 304 4.96 -20.05 -14.80
CA VAL A 304 3.62 -19.93 -14.24
C VAL A 304 3.66 -19.99 -12.71
N ASP A 305 4.63 -20.71 -12.15
CA ASP A 305 4.80 -20.77 -10.71
C ASP A 305 5.26 -19.45 -10.09
N LYS A 306 5.65 -18.48 -10.91
CA LYS A 306 6.03 -17.17 -10.39
C LYS A 306 4.82 -16.45 -9.81
N GLY A 323 -5.48 -12.50 -10.33
CA GLY A 323 -6.43 -12.23 -11.39
C GLY A 323 -6.20 -13.11 -12.61
N VAL A 324 -4.93 -13.29 -12.97
CA VAL A 324 -4.59 -14.12 -14.11
C VAL A 324 -4.91 -15.58 -13.84
N GLN A 325 -4.65 -16.05 -12.62
CA GLN A 325 -4.94 -17.45 -12.29
C GLN A 325 -6.40 -17.78 -12.54
N GLN A 326 -7.30 -16.89 -12.12
CA GLN A 326 -8.70 -17.06 -12.45
C GLN A 326 -8.91 -16.97 -13.96
N GLY A 327 -8.20 -16.04 -14.61
CA GLY A 327 -8.31 -15.91 -16.06
C GLY A 327 -7.73 -17.07 -16.82
N LEU A 328 -6.66 -17.68 -16.30
CA LEU A 328 -6.10 -18.85 -16.97
C LEU A 328 -7.02 -20.07 -16.87
N LEU A 329 -7.89 -20.12 -15.85
CA LEU A 329 -8.92 -21.15 -15.84
C LEU A 329 -9.77 -21.12 -17.09
N LYS A 330 -9.98 -19.93 -17.68
CA LYS A 330 -10.70 -19.83 -18.95
C LYS A 330 -9.88 -20.37 -20.12
N LEU A 331 -8.60 -20.58 -19.93
CA LEU A 331 -7.72 -21.27 -20.87
C LEU A 331 -7.40 -22.69 -20.43
N LEU A 332 -7.28 -22.90 -19.12
CA LEU A 332 -7.08 -24.24 -18.59
C LEU A 332 -8.27 -25.13 -18.88
N GLU A 333 -9.49 -24.60 -18.70
CA GLU A 333 -10.64 -25.26 -19.29
C GLU A 333 -10.70 -25.00 -20.79
N GLY A 334 -10.14 -23.88 -21.25
CA GLY A 334 -10.28 -23.44 -22.61
C GLY A 334 -11.63 -22.80 -22.91
N THR A 335 -11.65 -21.86 -23.84
CA THR A 335 -12.86 -21.13 -24.16
C THR A 335 -12.68 -20.35 -25.45
N ILE A 336 -13.55 -19.37 -25.68
CA ILE A 336 -13.21 -18.28 -26.60
C ILE A 336 -12.14 -17.38 -26.01
N VAL A 337 -11.97 -17.40 -24.69
CA VAL A 337 -10.86 -16.71 -24.05
C VAL A 337 -9.53 -17.19 -24.60
N THR A 351 -12.10 -10.12 -37.17
CA THR A 351 -11.44 -10.92 -36.15
C THR A 351 -12.40 -11.94 -35.55
N VAL A 352 -11.85 -12.87 -34.77
CA VAL A 352 -12.62 -13.90 -34.10
C VAL A 352 -12.00 -14.14 -32.74
N GLN A 353 -12.80 -14.69 -31.83
CA GLN A 353 -12.30 -15.20 -30.55
C GLN A 353 -12.49 -16.72 -30.53
N VAL A 354 -11.51 -17.41 -31.13
CA VAL A 354 -11.60 -18.82 -31.41
C VAL A 354 -11.82 -19.64 -30.14
N ASP A 355 -12.48 -20.78 -30.27
CA ASP A 355 -12.58 -21.78 -29.21
C ASP A 355 -11.21 -22.42 -29.02
N THR A 356 -10.47 -21.93 -28.03
CA THR A 356 -9.08 -22.29 -27.77
C THR A 356 -8.92 -23.67 -27.18
N THR A 357 -10.00 -24.42 -26.99
CA THR A 357 -9.90 -25.74 -26.37
C THR A 357 -8.92 -26.65 -27.11
N ASN A 358 -8.72 -26.45 -28.41
CA ASN A 358 -7.77 -27.29 -29.13
C ASN A 358 -6.32 -26.98 -28.78
N ILE A 359 -6.03 -25.83 -28.19
CA ILE A 359 -4.64 -25.45 -27.95
C ILE A 359 -4.04 -26.32 -26.86
N LEU A 360 -2.81 -26.77 -27.08
CA LEU A 360 -2.02 -27.42 -26.03
C LEU A 360 -1.37 -26.37 -25.14
N PHE A 361 -1.94 -26.16 -23.96
CA PHE A 361 -1.30 -25.37 -22.91
C PHE A 361 -0.29 -26.23 -22.17
N VAL A 362 0.93 -26.24 -22.66
CA VAL A 362 2.08 -26.62 -21.85
C VAL A 362 2.50 -25.44 -21.01
N ALA A 363 3.11 -25.72 -19.85
CA ALA A 363 3.39 -24.67 -18.89
C ALA A 363 4.63 -25.04 -18.07
N SER A 364 5.18 -24.06 -17.36
CA SER A 364 6.44 -24.28 -16.68
C SER A 364 6.67 -23.19 -15.64
N GLY A 365 7.63 -23.45 -14.76
CA GLY A 365 8.12 -22.44 -13.84
C GLY A 365 8.99 -23.05 -12.76
N ALA A 366 9.64 -22.16 -12.01
CA ALA A 366 10.58 -22.58 -10.97
C ALA A 366 9.90 -23.32 -9.84
N PHE A 367 8.69 -22.90 -9.46
CA PHE A 367 8.00 -23.44 -8.28
C PHE A 367 8.92 -23.49 -7.06
N ASN A 368 9.72 -22.44 -6.89
CA ASN A 368 10.79 -22.42 -5.90
C ASN A 368 10.25 -22.63 -4.49
N GLY A 369 10.56 -23.78 -3.88
CA GLY A 369 10.06 -24.10 -2.56
C GLY A 369 9.05 -25.23 -2.53
N LEU A 370 8.66 -25.75 -3.68
CA LEU A 370 7.73 -26.88 -3.72
C LEU A 370 8.30 -28.08 -2.95
N ASP A 371 9.60 -28.32 -3.07
CA ASP A 371 10.23 -29.43 -2.36
C ASP A 371 10.12 -29.28 -0.85
N ARG A 372 10.21 -28.06 -0.33
CA ARG A 372 10.06 -27.84 1.10
C ARG A 372 8.67 -28.23 1.57
N ILE A 373 7.63 -27.76 0.88
CA ILE A 373 6.26 -28.17 1.21
C ILE A 373 6.14 -29.68 1.15
N ILE A 374 6.72 -30.30 0.12
CA ILE A 374 6.68 -31.75 -0.01
C ILE A 374 7.41 -32.41 1.15
N SER A 375 8.58 -31.89 1.50
CA SER A 375 9.33 -32.46 2.63
C SER A 375 8.53 -32.34 3.92
N ARG A 376 7.87 -31.20 4.13
CA ARG A 376 7.07 -31.01 5.33
C ARG A 376 5.86 -31.94 5.39
N ARG A 377 5.47 -32.52 4.25
CA ARG A 377 4.34 -33.44 4.21
C ARG A 377 4.75 -34.91 4.09
N LYS A 378 5.83 -35.20 3.37
CA LYS A 378 6.21 -36.58 3.11
C LYS A 378 6.80 -37.26 4.35
N ASN A 379 7.49 -36.52 5.21
CA ASN A 379 8.13 -37.11 6.38
C ASN A 379 7.68 -36.44 7.66
N GLU A 380 7.67 -37.22 8.73
CA GLU A 380 7.36 -36.73 10.07
C GLU A 380 8.56 -36.90 10.98
N LYS A 381 8.56 -36.14 12.08
CA LYS A 381 9.63 -36.18 13.08
C LYS A 381 9.52 -37.42 13.97
N TYR A 382 9.61 -38.59 13.33
CA TYR A 382 9.62 -39.85 14.08
C TYR A 382 10.81 -39.91 15.02
N LEU A 383 10.55 -40.28 16.28
CA LEU A 383 11.51 -40.08 17.35
C LEU A 383 11.39 -41.21 18.36
N GLY A 384 12.51 -41.52 19.01
CA GLY A 384 12.55 -42.59 19.98
C GLY A 384 13.82 -43.42 19.91
N PHE A 385 13.68 -44.74 20.00
CA PHE A 385 14.83 -45.64 20.05
C PHE A 385 14.72 -46.84 19.11
N GLY A 386 13.53 -47.18 18.62
CA GLY A 386 13.38 -48.28 17.69
C GLY A 386 13.69 -49.63 18.29
N ALA A 428 -0.21 -33.00 -6.56
CA ALA A 428 -1.21 -31.96 -6.77
C ALA A 428 -1.50 -31.23 -5.47
N ARG A 429 -1.60 -32.01 -4.39
CA ARG A 429 -1.82 -31.41 -3.07
C ARG A 429 -0.69 -30.47 -2.68
N ASP A 430 0.54 -30.77 -3.11
CA ASP A 430 1.65 -29.85 -2.88
C ASP A 430 1.54 -28.59 -3.74
N LEU A 431 1.11 -28.74 -5.00
CA LEU A 431 0.96 -27.58 -5.87
C LEU A 431 -0.12 -26.64 -5.38
N ILE A 432 -1.19 -27.17 -4.80
CA ILE A 432 -2.20 -26.30 -4.21
C ILE A 432 -1.61 -25.56 -3.02
N GLU A 433 -0.83 -26.27 -2.19
CA GLU A 433 -0.19 -25.66 -1.04
C GLU A 433 0.84 -24.61 -1.43
N PHE A 434 1.48 -24.78 -2.58
CA PHE A 434 2.47 -23.82 -3.03
C PHE A 434 1.88 -22.43 -3.24
N GLY A 435 0.57 -22.34 -3.46
CA GLY A 435 -0.08 -21.05 -3.66
C GLY A 435 -0.97 -21.04 -4.88
N MET A 436 -0.91 -22.13 -5.65
CA MET A 436 -1.79 -22.28 -6.79
C MET A 436 -3.20 -22.61 -6.35
N ILE A 437 -4.18 -22.10 -7.09
CA ILE A 437 -5.59 -22.42 -6.82
C ILE A 437 -5.85 -23.89 -7.11
N PRO A 438 -6.69 -24.54 -6.30
CA PRO A 438 -7.08 -25.94 -6.57
C PRO A 438 -7.62 -26.18 -7.97
N GLU A 439 -8.44 -25.26 -8.47
CA GLU A 439 -8.93 -25.37 -9.84
C GLU A 439 -7.79 -25.28 -10.83
N PHE A 440 -6.80 -24.43 -10.53
CA PHE A 440 -5.68 -24.27 -11.44
C PHE A 440 -4.83 -25.53 -11.45
N VAL A 441 -4.53 -26.05 -10.25
CA VAL A 441 -3.80 -27.31 -10.13
C VAL A 441 -4.58 -28.46 -10.76
N GLY A 442 -5.91 -28.38 -10.76
CA GLY A 442 -6.68 -29.40 -11.46
C GLY A 442 -6.80 -29.24 -12.96
N ARG A 443 -6.60 -28.03 -13.49
CA ARG A 443 -7.00 -27.74 -14.86
C ARG A 443 -5.85 -27.65 -15.87
N LEU A 444 -4.61 -27.87 -15.46
CA LEU A 444 -3.54 -28.33 -16.34
C LEU A 444 -3.27 -29.79 -16.06
N PRO A 445 -3.97 -30.71 -16.73
CA PRO A 445 -4.12 -32.08 -16.20
C PRO A 445 -2.84 -32.90 -16.09
N VAL A 446 -1.69 -32.48 -16.63
CA VAL A 446 -0.48 -33.27 -16.52
C VAL A 446 0.72 -32.42 -16.08
N VAL A 447 1.57 -33.02 -15.25
CA VAL A 447 2.67 -32.34 -14.56
C VAL A 447 3.92 -33.21 -14.63
N VAL A 448 5.09 -32.60 -14.83
CA VAL A 448 6.35 -33.33 -14.67
C VAL A 448 7.36 -32.57 -13.80
N PRO A 449 7.98 -33.25 -12.83
CA PRO A 449 9.27 -32.79 -12.30
C PRO A 449 10.46 -33.22 -13.16
N LEU A 450 11.44 -32.34 -13.29
CA LEU A 450 12.66 -32.63 -14.03
C LEU A 450 13.87 -32.77 -13.12
N HIS A 451 14.74 -33.74 -13.45
CA HIS A 451 15.89 -34.04 -12.61
C HIS A 451 16.77 -32.82 -12.38
N SER A 452 17.29 -32.69 -11.18
CA SER A 452 18.52 -31.93 -11.01
C SER A 452 19.66 -32.66 -11.71
N LEU A 453 20.53 -31.91 -12.36
CA LEU A 453 21.63 -32.49 -13.12
C LEU A 453 22.63 -33.20 -12.21
N ASP A 454 23.47 -34.04 -12.83
CA ASP A 454 24.56 -34.69 -12.12
C ASP A 454 25.77 -34.73 -13.04
N GLU A 455 26.93 -35.06 -12.47
CA GLU A 455 28.17 -35.15 -13.23
C GLU A 455 28.03 -36.01 -14.47
N LYS A 456 27.18 -37.04 -14.39
CA LYS A 456 26.87 -37.84 -15.55
C LYS A 456 26.21 -37.03 -16.66
N THR A 457 25.29 -36.15 -16.30
CA THR A 457 24.73 -35.23 -17.29
C THR A 457 25.76 -34.20 -17.72
N LEU A 458 26.39 -33.53 -16.77
CA LEU A 458 27.24 -32.39 -17.07
C LEU A 458 28.37 -32.76 -18.04
N VAL A 459 29.02 -33.90 -17.82
CA VAL A 459 30.11 -34.30 -18.71
C VAL A 459 29.60 -34.56 -20.12
N GLN A 460 28.40 -35.14 -20.24
CA GLN A 460 27.78 -35.24 -21.55
C GLN A 460 27.34 -33.87 -22.06
N ILE A 461 26.74 -33.05 -21.20
CA ILE A 461 26.29 -31.72 -21.60
C ILE A 461 27.44 -30.88 -22.15
N LEU A 462 28.65 -31.07 -21.64
CA LEU A 462 29.77 -30.26 -22.07
C LEU A 462 30.11 -30.46 -23.54
N THR A 463 29.97 -31.67 -24.07
CA THR A 463 30.33 -31.92 -25.45
C THR A 463 29.29 -32.67 -26.27
N GLU A 464 28.34 -33.33 -25.66
CA GLU A 464 27.46 -34.15 -26.47
C GLU A 464 26.45 -33.35 -27.28
N PRO A 465 25.67 -32.43 -26.70
CA PRO A 465 24.66 -31.72 -27.50
C PRO A 465 25.29 -30.92 -28.62
N ARG A 466 24.51 -30.71 -29.68
CA ARG A 466 24.77 -29.60 -30.58
C ARG A 466 24.66 -28.29 -29.81
N ASN A 467 25.52 -27.34 -30.15
CA ASN A 467 25.59 -26.04 -29.50
C ASN A 467 26.17 -26.12 -28.09
N ALA A 468 26.77 -27.24 -27.73
CA ALA A 468 27.27 -27.43 -26.38
C ALA A 468 28.45 -26.51 -26.09
N VAL A 469 28.76 -26.39 -24.79
CA VAL A 469 29.63 -25.33 -24.28
C VAL A 469 31.06 -25.48 -24.79
N ILE A 470 31.66 -26.66 -24.62
CA ILE A 470 33.04 -26.86 -25.05
C ILE A 470 33.22 -26.74 -26.56
N PRO A 471 32.37 -27.30 -27.40
CA PRO A 471 32.41 -26.94 -28.83
C PRO A 471 32.42 -25.44 -29.13
N GLN A 472 31.58 -24.64 -28.48
CA GLN A 472 31.63 -23.20 -28.72
C GLN A 472 32.94 -22.56 -28.30
N TYR A 473 33.47 -22.92 -27.13
CA TYR A 473 34.75 -22.33 -26.75
C TYR A 473 35.88 -22.72 -27.69
N GLN A 474 35.91 -23.98 -28.12
CA GLN A 474 36.89 -24.35 -29.14
C GLN A 474 36.68 -23.53 -30.41
N ALA A 475 35.42 -23.36 -30.80
CA ALA A 475 35.11 -22.50 -31.94
C ALA A 475 35.58 -21.08 -31.70
N LEU A 476 35.32 -20.55 -30.50
CA LEU A 476 35.80 -19.21 -30.16
C LEU A 476 37.31 -19.10 -30.30
N PHE A 477 38.04 -20.12 -29.91
CA PHE A 477 39.48 -20.11 -30.09
C PHE A 477 39.92 -20.55 -31.47
N SER A 478 39.08 -21.22 -32.24
CA SER A 478 39.52 -21.59 -33.59
C SER A 478 39.60 -20.37 -34.49
N MET A 479 38.69 -19.41 -34.34
CA MET A 479 38.81 -18.18 -35.11
C MET A 479 40.03 -17.36 -34.74
N ASP A 480 40.71 -17.67 -33.65
CA ASP A 480 42.00 -17.06 -33.34
C ASP A 480 43.19 -17.95 -33.66
N LYS A 481 43.05 -18.84 -34.64
CA LYS A 481 44.17 -19.67 -35.13
C LYS A 481 44.75 -20.53 -34.03
N CYS A 482 43.93 -20.93 -33.06
CA CYS A 482 44.38 -21.81 -32.02
C CYS A 482 43.55 -23.08 -32.00
N GLU A 483 44.16 -24.16 -31.56
CA GLU A 483 43.42 -25.33 -31.09
C GLU A 483 43.52 -25.36 -29.57
N LEU A 484 42.38 -25.29 -28.90
CA LEU A 484 42.34 -25.50 -27.47
C LEU A 484 42.02 -26.95 -27.19
N ASN A 485 42.91 -27.65 -26.53
CA ASN A 485 42.64 -29.00 -26.07
C ASN A 485 42.20 -28.95 -24.62
N VAL A 486 41.08 -29.58 -24.34
CA VAL A 486 40.62 -29.79 -22.97
C VAL A 486 40.48 -31.28 -22.79
N THR A 487 41.26 -31.84 -21.89
CA THR A 487 41.28 -33.28 -21.74
C THR A 487 40.10 -33.73 -20.88
N GLU A 488 39.86 -35.05 -20.89
CA GLU A 488 38.72 -35.59 -20.16
C GLU A 488 38.86 -35.39 -18.66
N ASP A 489 40.07 -35.44 -18.11
CA ASP A 489 40.25 -35.14 -16.69
C ASP A 489 39.87 -33.71 -16.35
N ALA A 490 40.11 -32.78 -17.25
CA ALA A 490 39.68 -31.41 -17.01
C ALA A 490 38.18 -31.32 -16.84
N LEU A 491 37.44 -31.96 -17.76
CA LEU A 491 35.98 -31.96 -17.65
C LEU A 491 35.52 -32.58 -16.33
N LYS A 492 36.16 -33.67 -15.92
CA LYS A 492 35.81 -34.31 -14.66
C LYS A 492 35.91 -33.36 -13.48
N ALA A 493 36.98 -32.58 -13.39
CA ALA A 493 37.07 -31.58 -12.34
C ALA A 493 36.02 -30.48 -12.53
N ILE A 494 35.88 -29.99 -13.75
CA ILE A 494 34.99 -28.86 -14.03
C ILE A 494 33.55 -29.18 -13.64
N ALA A 495 33.10 -30.41 -13.93
CA ALA A 495 31.76 -30.81 -13.51
C ALA A 495 31.57 -30.69 -12.01
N ARG A 496 32.62 -30.98 -11.24
CA ARG A 496 32.53 -30.84 -9.79
C ARG A 496 32.23 -29.41 -9.40
N LEU A 497 33.03 -28.47 -9.94
CA LEU A 497 32.86 -27.05 -9.62
C LEU A 497 31.54 -26.50 -10.14
N ALA A 498 31.17 -26.85 -11.38
CA ALA A 498 30.01 -26.22 -12.01
C ALA A 498 28.71 -26.53 -11.29
N LEU A 499 28.62 -27.67 -10.63
CA LEU A 499 27.41 -28.01 -9.89
C LEU A 499 27.36 -27.37 -8.51
N GLU A 500 28.50 -26.92 -7.99
CA GLU A 500 28.48 -26.31 -6.67
C GLU A 500 27.67 -25.03 -6.64
N ARG A 501 27.49 -24.37 -7.77
CA ARG A 501 26.47 -23.36 -7.92
C ARG A 501 25.34 -23.93 -8.78
N LYS A 502 24.11 -23.72 -8.33
CA LYS A 502 22.96 -24.40 -8.92
C LYS A 502 22.71 -24.02 -10.36
N THR A 503 23.39 -23.00 -10.88
CA THR A 503 23.04 -22.46 -12.19
C THR A 503 23.26 -23.46 -13.33
N GLY A 504 23.73 -24.65 -13.05
CA GLY A 504 23.50 -25.77 -13.94
C GLY A 504 24.12 -25.55 -15.31
N ALA A 505 23.26 -25.49 -16.34
CA ALA A 505 23.74 -25.22 -17.69
C ALA A 505 24.39 -23.87 -17.85
N ARG A 506 24.24 -22.98 -16.88
CA ARG A 506 25.01 -21.74 -16.84
C ARG A 506 26.23 -21.82 -15.92
N GLY A 507 26.28 -22.80 -15.01
CA GLY A 507 27.49 -23.00 -14.24
C GLY A 507 28.67 -23.44 -15.09
N LEU A 508 28.40 -24.20 -16.16
CA LEU A 508 29.42 -24.49 -17.15
C LEU A 508 30.00 -23.21 -17.73
N ARG A 509 29.13 -22.28 -18.11
CA ARG A 509 29.60 -21.05 -18.73
C ARG A 509 30.41 -20.20 -17.76
N SER A 510 29.90 -20.00 -16.54
CA SER A 510 30.61 -19.16 -15.58
C SER A 510 32.01 -19.66 -15.30
N ILE A 511 32.18 -20.97 -15.12
CA ILE A 511 33.50 -21.47 -14.78
C ILE A 511 34.40 -21.63 -16.00
N MET A 512 33.84 -21.95 -17.16
CA MET A 512 34.62 -21.86 -18.39
C MET A 512 35.05 -20.43 -18.68
N GLU A 513 34.17 -19.46 -18.45
CA GLU A 513 34.57 -18.06 -18.59
C GLU A 513 35.71 -17.71 -17.66
N LYS A 514 35.54 -18.02 -16.37
CA LYS A 514 36.54 -17.64 -15.39
C LYS A 514 37.90 -18.25 -15.68
N LEU A 515 37.92 -19.50 -16.14
CA LEU A 515 39.17 -20.16 -16.45
C LEU A 515 39.78 -19.63 -17.74
N LEU A 516 39.02 -19.61 -18.83
CA LEU A 516 39.55 -19.24 -20.14
C LEU A 516 39.68 -17.73 -20.36
N LEU A 517 39.47 -16.91 -19.34
CA LEU A 517 39.70 -15.48 -19.47
C LEU A 517 41.16 -15.16 -19.80
N GLU A 518 42.09 -15.69 -19.03
CA GLU A 518 43.49 -15.36 -19.28
C GLU A 518 44.09 -15.83 -20.61
N PRO A 519 43.82 -17.05 -21.08
CA PRO A 519 44.32 -17.39 -22.42
C PRO A 519 43.69 -16.52 -23.48
N MET A 520 42.44 -16.11 -23.26
CA MET A 520 41.79 -15.25 -24.23
C MET A 520 42.33 -13.84 -24.17
N PHE A 521 42.84 -13.42 -23.01
CA PHE A 521 43.57 -12.17 -22.94
C PHE A 521 44.88 -12.22 -23.73
N GLU A 522 45.53 -13.39 -23.78
CA GLU A 522 46.83 -13.49 -24.43
C GLU A 522 46.85 -14.24 -25.75
N VAL A 523 45.76 -14.87 -26.17
CA VAL A 523 45.77 -15.47 -27.52
C VAL A 523 45.82 -14.46 -28.66
N PRO A 524 45.11 -13.32 -28.62
CA PRO A 524 44.90 -12.58 -29.88
C PRO A 524 46.17 -11.91 -30.41
N ASN A 525 46.40 -12.06 -31.71
CA ASN A 525 47.56 -11.52 -32.42
C ASN A 525 48.88 -11.90 -31.79
N SER A 526 48.93 -13.01 -31.07
CA SER A 526 50.01 -13.23 -30.10
C SER A 526 50.92 -14.38 -30.48
N ASP A 527 50.78 -14.93 -31.68
CA ASP A 527 51.58 -16.03 -32.21
C ASP A 527 51.50 -17.27 -31.36
N ILE A 528 50.54 -17.33 -30.45
CA ILE A 528 50.24 -18.58 -29.76
C ILE A 528 49.37 -19.43 -30.69
N VAL A 529 49.49 -20.75 -30.56
CA VAL A 529 48.71 -21.65 -31.40
C VAL A 529 47.99 -22.74 -30.64
N CYS A 530 48.34 -23.07 -29.40
CA CYS A 530 47.54 -24.03 -28.67
C CYS A 530 47.61 -23.76 -27.18
N VAL A 531 46.53 -24.11 -26.49
CA VAL A 531 46.47 -24.18 -25.04
C VAL A 531 46.04 -25.58 -24.65
N GLU A 532 46.56 -26.04 -23.52
CA GLU A 532 46.18 -27.33 -22.95
C GLU A 532 45.74 -27.11 -21.52
N VAL A 533 44.68 -27.77 -21.11
CA VAL A 533 44.15 -27.65 -19.76
C VAL A 533 44.22 -29.00 -19.04
N ASP A 534 44.59 -28.97 -17.76
CA ASP A 534 44.74 -30.18 -16.95
C ASP A 534 44.10 -29.94 -15.59
N LYS A 535 43.92 -31.04 -14.85
CA LYS A 535 43.25 -30.95 -13.55
C LYS A 535 43.92 -29.96 -12.61
N GLU A 536 45.25 -29.88 -12.64
CA GLU A 536 45.95 -28.89 -11.84
C GLU A 536 45.65 -27.48 -12.33
N VAL A 537 45.55 -27.31 -13.65
CA VAL A 537 45.25 -26.00 -14.22
C VAL A 537 43.87 -25.53 -13.80
N VAL A 538 42.90 -26.44 -13.83
CA VAL A 538 41.58 -26.11 -13.30
C VAL A 538 41.69 -25.79 -11.83
N GLU A 539 42.54 -26.52 -11.11
CA GLU A 539 42.72 -26.31 -9.69
C GLU A 539 43.53 -25.06 -9.40
N GLY A 540 44.09 -24.42 -10.42
CA GLY A 540 44.90 -23.23 -10.21
C GLY A 540 46.34 -23.49 -9.87
N LYS A 541 46.78 -24.74 -9.87
CA LYS A 541 48.16 -25.04 -9.51
C LYS A 541 49.13 -24.73 -10.63
N LYS A 542 48.64 -24.46 -11.84
CA LYS A 542 49.52 -24.20 -12.96
C LYS A 542 48.85 -23.20 -13.89
N GLU A 543 49.67 -22.42 -14.58
CA GLU A 543 49.15 -21.51 -15.56
C GLU A 543 48.64 -22.29 -16.76
N PRO A 544 47.78 -21.69 -17.57
CA PRO A 544 47.42 -22.33 -18.84
C PRO A 544 48.66 -22.58 -19.66
N GLY A 545 48.77 -23.79 -20.18
CA GLY A 545 49.81 -24.04 -21.15
C GLY A 545 49.54 -23.25 -22.41
N TYR A 546 50.59 -22.68 -22.98
CA TYR A 546 50.55 -22.11 -24.30
C TYR A 546 51.51 -22.84 -25.20
N ILE A 547 51.19 -22.88 -26.48
CA ILE A 547 52.10 -23.38 -27.50
C ILE A 547 52.20 -22.31 -28.57
N ARG A 548 53.41 -22.06 -29.05
CA ARG A 548 53.68 -20.88 -29.84
C ARG A 548 54.53 -21.26 -31.04
N ALA A 549 54.54 -20.38 -32.03
CA ALA A 549 55.45 -20.54 -33.15
C ALA A 549 56.87 -20.60 -32.65
N PRO B 109 39.62 -4.48 -38.41
CA PRO B 109 39.46 -5.59 -37.47
C PRO B 109 39.09 -5.09 -36.09
N PRO B 110 38.50 -5.94 -35.25
CA PRO B 110 38.27 -5.56 -33.87
C PRO B 110 39.58 -5.18 -33.21
N PRO B 111 39.60 -4.11 -32.43
CA PRO B 111 40.79 -3.83 -31.63
C PRO B 111 41.03 -4.94 -30.64
N PRO B 112 42.29 -5.19 -30.28
CA PRO B 112 42.60 -6.20 -29.28
C PRO B 112 42.21 -5.74 -27.89
N PRO B 113 42.23 -6.65 -26.91
CA PRO B 113 42.06 -6.19 -25.53
C PRO B 113 43.19 -5.32 -25.03
N LYS B 114 44.40 -5.46 -25.56
CA LYS B 114 45.48 -4.58 -25.14
C LYS B 114 45.34 -3.16 -25.69
N LYS B 115 44.66 -2.97 -26.82
CA LYS B 115 44.23 -1.61 -27.15
C LYS B 115 43.18 -1.10 -26.17
N ILE B 116 42.15 -1.89 -25.92
CA ILE B 116 41.10 -1.49 -24.97
C ILE B 116 41.68 -1.31 -23.58
N TYR B 117 42.60 -2.18 -23.18
CA TYR B 117 43.24 -2.05 -21.88
C TYR B 117 44.14 -0.82 -21.80
N ASN B 118 44.91 -0.53 -22.84
CA ASN B 118 45.59 0.76 -22.90
C ASN B 118 44.62 1.94 -22.88
N TYR B 119 43.48 1.81 -23.55
CA TYR B 119 42.50 2.89 -23.50
C TYR B 119 41.90 3.08 -22.11
N LEU B 120 41.41 2.01 -21.51
CA LEU B 120 40.83 2.12 -20.18
C LEU B 120 41.85 2.53 -19.15
N ASP B 121 43.10 2.09 -19.31
CA ASP B 121 44.15 2.55 -18.42
C ASP B 121 44.38 4.06 -18.46
N LYS B 122 43.97 4.75 -19.52
CA LYS B 122 44.09 6.20 -19.54
C LYS B 122 43.07 6.92 -18.65
N TYR B 123 42.06 6.25 -18.11
CA TYR B 123 41.11 6.97 -17.28
C TYR B 123 40.90 6.39 -15.89
N VAL B 124 40.97 5.09 -15.74
CA VAL B 124 40.76 4.44 -14.44
C VAL B 124 42.09 3.92 -13.97
N VAL B 125 42.46 4.25 -12.73
CA VAL B 125 43.66 3.66 -12.17
C VAL B 125 43.43 2.17 -12.01
N GLY B 126 44.21 1.37 -12.72
CA GLY B 126 44.20 -0.05 -12.56
C GLY B 126 42.84 -0.66 -12.76
N GLN B 127 42.32 -1.23 -11.68
CA GLN B 127 41.17 -2.12 -11.75
C GLN B 127 41.40 -3.18 -12.82
N SER B 128 42.62 -3.73 -12.84
CA SER B 128 43.07 -4.49 -14.00
C SER B 128 42.17 -5.66 -14.29
N PHE B 129 41.59 -6.26 -13.26
CA PHE B 129 40.70 -7.39 -13.49
C PHE B 129 39.42 -6.96 -14.22
N ALA B 130 38.78 -5.90 -13.74
CA ALA B 130 37.61 -5.38 -14.44
C ALA B 130 37.96 -4.86 -15.82
N LYS B 131 39.11 -4.20 -15.95
CA LYS B 131 39.57 -3.73 -17.25
C LYS B 131 39.78 -4.89 -18.22
N LYS B 132 40.44 -5.95 -17.77
CA LYS B 132 40.57 -7.17 -18.56
C LYS B 132 39.22 -7.78 -18.94
N VAL B 133 38.32 -7.92 -17.97
CA VAL B 133 37.04 -8.57 -18.25
C VAL B 133 36.21 -7.78 -19.26
N LEU B 134 36.13 -6.46 -19.09
CA LEU B 134 35.46 -5.66 -20.11
C LEU B 134 36.12 -5.81 -21.48
N SER B 135 37.45 -5.78 -21.51
CA SER B 135 38.15 -5.85 -22.78
C SER B 135 37.87 -7.15 -23.52
N VAL B 136 38.06 -8.28 -22.85
CA VAL B 136 37.82 -9.57 -23.48
C VAL B 136 36.36 -9.75 -23.85
N ALA B 137 35.44 -9.25 -23.02
CA ALA B 137 34.03 -9.39 -23.33
C ALA B 137 33.63 -8.58 -24.55
N VAL B 138 34.08 -7.34 -24.66
CA VAL B 138 33.72 -6.54 -25.83
C VAL B 138 34.30 -7.15 -27.09
N TYR B 139 35.55 -7.58 -27.01
CA TYR B 139 36.20 -8.22 -28.15
C TYR B 139 35.42 -9.46 -28.58
N ASN B 140 35.01 -10.27 -27.60
CA ASN B 140 34.26 -11.48 -27.91
C ASN B 140 32.93 -11.14 -28.57
N HIS B 141 32.31 -10.06 -28.13
CA HIS B 141 31.06 -9.60 -28.74
C HIS B 141 31.28 -9.12 -30.17
N TYR B 142 32.30 -8.30 -30.39
CA TYR B 142 32.57 -7.83 -31.75
C TYR B 142 32.92 -8.99 -32.66
N LYS B 143 33.76 -9.90 -32.18
CA LYS B 143 34.15 -11.05 -32.98
C LYS B 143 32.93 -11.90 -33.32
N ARG B 144 32.03 -12.06 -32.35
CA ARG B 144 30.82 -12.85 -32.57
C ARG B 144 29.93 -12.24 -33.64
N ILE B 145 29.85 -10.91 -33.71
CA ILE B 145 29.04 -10.28 -34.75
C ILE B 145 29.65 -10.50 -36.13
N TYR B 146 30.98 -10.53 -36.24
CA TYR B 146 31.57 -10.83 -37.53
C TYR B 146 31.13 -12.20 -38.02
N ASN B 147 31.07 -13.18 -37.12
CA ASN B 147 30.67 -14.52 -37.50
C ASN B 147 29.15 -14.60 -37.59
N ASN B 148 28.47 -14.31 -36.48
CA ASN B 148 27.02 -14.47 -36.43
C ASN B 148 26.29 -13.49 -37.33
N ILE B 149 26.94 -12.40 -37.75
CA ILE B 149 26.30 -11.38 -38.57
C ILE B 149 25.07 -10.83 -37.87
N ILE B 226 26.26 -23.29 -35.59
CA ILE B 226 26.26 -23.15 -34.14
C ILE B 226 25.97 -21.71 -33.77
N LYS B 227 25.05 -21.49 -32.83
CA LYS B 227 24.83 -20.14 -32.35
C LYS B 227 25.89 -19.76 -31.34
N LEU B 228 26.33 -18.50 -31.40
CA LEU B 228 27.34 -17.98 -30.49
C LEU B 228 26.66 -17.14 -29.40
N GLU B 229 26.17 -17.82 -28.37
CA GLU B 229 25.43 -17.12 -27.33
C GLU B 229 26.33 -16.14 -26.56
N LYS B 230 25.76 -15.01 -26.19
CA LYS B 230 26.42 -14.02 -25.36
C LYS B 230 26.58 -14.53 -23.92
N SER B 231 27.48 -13.87 -23.18
CA SER B 231 27.55 -13.98 -21.73
C SER B 231 27.42 -12.59 -21.11
N ASN B 232 26.34 -12.36 -20.38
CA ASN B 232 26.15 -11.09 -19.68
C ASN B 232 27.16 -10.91 -18.55
N ILE B 233 27.37 -9.66 -18.17
CA ILE B 233 28.55 -9.25 -17.39
C ILE B 233 28.06 -8.55 -16.12
N LEU B 234 28.77 -8.74 -15.01
CA LEU B 234 28.36 -8.13 -13.76
C LEU B 234 29.53 -7.47 -13.03
N LEU B 235 29.32 -6.23 -12.62
CA LEU B 235 30.28 -5.43 -11.85
C LEU B 235 29.72 -5.23 -10.46
N LEU B 236 30.47 -5.62 -9.44
CA LEU B 236 30.01 -5.53 -8.05
C LEU B 236 30.56 -4.33 -7.32
N GLY B 237 31.19 -3.40 -8.02
CA GLY B 237 32.00 -2.40 -7.37
C GLY B 237 31.26 -1.46 -6.46
N PRO B 238 31.86 -1.14 -5.33
CA PRO B 238 31.25 -0.19 -4.41
C PRO B 238 31.18 1.22 -4.98
N THR B 239 30.59 2.12 -4.20
CA THR B 239 30.53 3.53 -4.54
C THR B 239 31.91 4.10 -4.82
N GLY B 240 31.97 5.01 -5.79
CA GLY B 240 33.16 5.80 -6.01
C GLY B 240 34.37 5.03 -6.47
N SER B 241 34.17 3.89 -7.11
CA SER B 241 35.29 3.12 -7.66
C SER B 241 35.20 3.04 -9.17
N GLY B 242 34.35 3.83 -9.81
CA GLY B 242 34.45 4.08 -11.23
C GLY B 242 33.59 3.23 -12.13
N LYS B 243 32.58 2.55 -11.60
CA LYS B 243 31.74 1.71 -12.44
C LYS B 243 31.08 2.51 -13.55
N THR B 244 30.44 3.62 -13.18
CA THR B 244 29.91 4.53 -14.19
C THR B 244 31.01 5.08 -15.06
N LEU B 245 32.17 5.37 -14.46
CA LEU B 245 33.30 5.83 -15.24
C LEU B 245 33.82 4.78 -16.20
N LEU B 246 33.89 3.50 -15.78
CA LEU B 246 34.31 2.47 -16.72
C LEU B 246 33.35 2.38 -17.89
N ALA B 247 32.06 2.40 -17.59
CA ALA B 247 31.06 2.41 -18.66
C ALA B 247 31.24 3.63 -19.54
N GLN B 248 31.24 4.82 -18.93
CA GLN B 248 31.38 6.04 -19.71
C GLN B 248 32.73 6.12 -20.41
N THR B 249 33.75 5.48 -19.88
CA THR B 249 35.05 5.48 -20.56
C THR B 249 35.01 4.58 -21.79
N LEU B 250 34.52 3.36 -21.61
CA LEU B 250 34.31 2.46 -22.74
C LEU B 250 33.35 3.08 -23.75
N ALA B 251 32.34 3.80 -23.26
CA ALA B 251 31.37 4.43 -24.14
C ALA B 251 32.01 5.30 -25.21
N LYS B 252 33.11 5.98 -24.89
CA LYS B 252 33.73 6.86 -25.86
C LYS B 252 34.60 6.11 -26.87
N CYS B 253 34.79 4.81 -26.69
CA CYS B 253 35.57 3.99 -27.59
C CYS B 253 34.72 3.05 -28.42
N LEU B 254 33.44 2.88 -28.08
CA LEU B 254 32.65 1.86 -28.75
C LEU B 254 32.30 2.28 -30.16
N ASP B 255 32.76 1.48 -31.11
CA ASP B 255 32.36 1.57 -32.51
C ASP B 255 31.11 0.74 -32.77
N VAL B 256 30.40 0.37 -31.72
CA VAL B 256 29.20 -0.45 -31.83
C VAL B 256 28.13 0.35 -31.09
N PRO B 257 26.87 0.26 -31.47
CA PRO B 257 25.83 0.92 -30.69
C PRO B 257 25.87 0.49 -29.24
N PHE B 258 25.58 1.44 -28.36
CA PHE B 258 25.58 1.17 -26.93
C PHE B 258 24.49 2.04 -26.32
N ALA B 259 24.03 1.61 -25.17
CA ALA B 259 22.97 2.31 -24.48
C ALA B 259 23.36 2.48 -23.02
N ILE B 260 23.05 3.64 -22.47
CA ILE B 260 23.20 3.87 -21.05
C ILE B 260 21.80 4.02 -20.48
N CYS B 261 21.51 3.25 -19.45
CA CYS B 261 20.21 3.33 -18.80
C CYS B 261 20.40 3.02 -17.34
N ASP B 262 19.40 3.33 -16.55
CA ASP B 262 19.53 3.17 -15.12
C ASP B 262 18.25 2.60 -14.55
N CYS B 263 18.39 1.62 -13.67
CA CYS B 263 17.29 1.18 -12.83
C CYS B 263 16.86 2.23 -11.82
N ILE B 276 10.15 -0.42 -20.29
CA ILE B 276 11.52 -0.90 -20.43
C ILE B 276 12.02 -0.56 -21.82
N GLU B 277 11.09 -0.56 -22.77
CA GLU B 277 11.42 -0.46 -24.18
C GLU B 277 12.02 0.89 -24.55
N SER B 278 11.83 1.90 -23.70
CA SER B 278 12.50 3.17 -23.95
C SER B 278 14.00 3.00 -23.96
N VAL B 279 14.52 2.01 -23.22
CA VAL B 279 15.96 1.75 -23.23
C VAL B 279 16.41 1.39 -24.63
N ILE B 280 15.67 0.49 -25.28
CA ILE B 280 15.97 0.12 -26.65
C ILE B 280 15.58 1.23 -27.62
N ALA B 281 14.56 2.02 -27.25
CA ALA B 281 14.26 3.21 -28.04
C ALA B 281 15.43 4.17 -28.05
N LYS B 282 16.12 4.31 -26.92
CA LYS B 282 17.38 5.06 -26.93
C LYS B 282 18.31 4.50 -27.99
N LEU B 283 18.57 3.20 -27.90
CA LEU B 283 19.45 2.51 -28.84
C LEU B 283 18.95 2.61 -30.27
N LEU B 284 17.63 2.58 -30.46
CA LEU B 284 17.10 2.61 -31.81
C LEU B 284 17.25 4.00 -32.43
N GLN B 285 16.95 5.04 -31.66
CA GLN B 285 17.17 6.39 -32.17
C GLN B 285 18.64 6.75 -32.16
N ASP B 286 19.43 6.18 -31.26
CA ASP B 286 20.88 6.24 -31.44
C ASP B 286 21.26 5.71 -32.82
N ALA B 287 20.79 4.52 -33.16
CA ALA B 287 21.02 3.93 -34.48
C ALA B 287 20.47 4.82 -35.57
N ASN B 288 19.48 5.63 -35.26
CA ASN B 288 18.62 6.27 -36.26
C ASN B 288 17.91 5.20 -37.08
N TYR B 289 17.12 4.38 -36.37
CA TYR B 289 16.22 3.38 -36.91
C TYR B 289 16.90 2.27 -37.72
N ASN B 290 18.22 2.17 -37.71
CA ASN B 290 18.85 0.97 -38.25
C ASN B 290 18.66 -0.16 -37.25
N VAL B 291 17.66 -0.99 -37.48
CA VAL B 291 17.33 -2.10 -36.59
C VAL B 291 18.48 -3.08 -36.48
N GLU B 292 19.11 -3.38 -37.61
CA GLU B 292 20.27 -4.28 -37.61
C GLU B 292 21.40 -3.74 -36.76
N LYS B 293 21.59 -2.42 -36.71
CA LYS B 293 22.64 -1.87 -35.89
C LYS B 293 22.32 -1.97 -34.40
N ALA B 294 21.07 -1.73 -34.02
CA ALA B 294 20.69 -1.85 -32.62
C ALA B 294 20.70 -3.31 -32.13
N GLN B 295 20.31 -4.25 -32.99
CA GLN B 295 20.26 -5.66 -32.64
C GLN B 295 21.62 -6.26 -32.31
N GLN B 296 22.67 -5.44 -32.31
CA GLN B 296 23.99 -5.93 -31.98
C GLN B 296 24.65 -5.04 -30.93
N GLY B 297 23.87 -4.19 -30.26
CA GLY B 297 24.42 -3.25 -29.31
C GLY B 297 24.76 -3.86 -27.97
N ILE B 298 25.29 -3.00 -27.11
CA ILE B 298 25.66 -3.34 -25.75
C ILE B 298 24.98 -2.35 -24.82
N VAL B 299 24.33 -2.86 -23.78
CA VAL B 299 23.58 -2.01 -22.87
C VAL B 299 24.22 -2.04 -21.49
N PHE B 300 24.34 -0.87 -20.87
CA PHE B 300 24.81 -0.79 -19.50
C PHE B 300 23.61 -0.64 -18.60
N LEU B 301 23.48 -1.54 -17.63
CA LEU B 301 22.47 -1.44 -16.59
C LEU B 301 23.16 -0.92 -15.33
N ASP B 302 23.12 0.38 -15.16
CA ASP B 302 23.50 0.96 -13.89
C ASP B 302 22.56 0.52 -12.78
N GLN B 303 23.12 0.39 -11.58
CA GLN B 303 22.37 0.25 -10.33
C GLN B 303 21.41 -0.94 -10.34
N VAL B 304 21.81 -2.04 -10.97
CA VAL B 304 21.07 -3.28 -10.81
C VAL B 304 21.01 -3.69 -9.34
N ASP B 305 22.10 -3.48 -8.61
CA ASP B 305 22.15 -3.80 -7.19
C ASP B 305 21.19 -2.99 -6.35
N LYS B 306 20.63 -1.90 -6.87
CA LYS B 306 19.59 -1.21 -6.11
C LYS B 306 18.31 -2.02 -6.11
N ILE B 307 17.96 -2.64 -7.23
CA ILE B 307 16.72 -3.39 -7.31
C ILE B 307 16.85 -4.69 -6.52
N GLY B 308 15.79 -5.02 -5.79
CA GLY B 308 15.79 -6.17 -4.89
C GLY B 308 14.41 -6.77 -4.86
N SER B 309 14.09 -7.43 -3.74
CA SER B 309 12.82 -8.12 -3.61
C SER B 309 12.47 -8.34 -2.14
N GLY B 321 10.84 -2.56 -9.13
CA GLY B 321 10.44 -3.70 -8.32
C GLY B 321 10.91 -5.02 -8.89
N GLU B 322 10.65 -6.10 -8.15
CA GLU B 322 11.03 -7.44 -8.59
C GLU B 322 10.45 -7.77 -9.95
N GLY B 323 9.28 -7.24 -10.28
CA GLY B 323 8.69 -7.45 -11.59
C GLY B 323 9.59 -7.01 -12.74
N VAL B 324 10.49 -6.06 -12.47
CA VAL B 324 11.50 -5.73 -13.46
C VAL B 324 12.55 -6.83 -13.54
N GLN B 325 12.94 -7.38 -12.39
CA GLN B 325 13.84 -8.54 -12.39
C GLN B 325 13.21 -9.69 -13.16
N GLN B 326 11.93 -9.96 -12.90
CA GLN B 326 11.21 -10.93 -13.70
C GLN B 326 11.25 -10.53 -15.17
N GLY B 327 10.91 -9.28 -15.44
CA GLY B 327 10.90 -8.78 -16.81
C GLY B 327 12.25 -8.88 -17.49
N LEU B 328 13.32 -8.63 -16.74
CA LEU B 328 14.64 -8.68 -17.36
C LEU B 328 15.09 -10.09 -17.69
N LEU B 329 14.50 -11.12 -17.07
CA LEU B 329 14.88 -12.49 -17.40
C LEU B 329 14.83 -12.73 -18.90
N LYS B 330 13.70 -12.37 -19.52
CA LYS B 330 13.51 -12.58 -20.95
C LYS B 330 13.93 -11.37 -21.78
N LEU B 331 14.77 -10.50 -21.24
CA LEU B 331 15.46 -9.50 -22.03
C LEU B 331 16.98 -9.62 -21.90
N LEU B 332 17.48 -9.96 -20.72
CA LEU B 332 18.86 -10.44 -20.61
C LEU B 332 19.06 -11.66 -21.47
N GLU B 333 18.09 -12.54 -21.49
CA GLU B 333 18.02 -13.54 -22.55
C GLU B 333 17.18 -13.00 -23.71
N GLY B 334 17.34 -13.62 -24.87
CA GLY B 334 16.81 -13.04 -26.09
C GLY B 334 15.30 -13.09 -26.16
N THR B 335 14.69 -11.94 -26.44
CA THR B 335 13.39 -11.86 -27.09
C THR B 335 13.36 -10.66 -28.04
N ILE B 336 12.56 -10.80 -29.10
CA ILE B 336 12.20 -9.68 -29.96
C ILE B 336 11.22 -8.78 -29.21
N VAL B 337 11.35 -7.47 -29.40
CA VAL B 337 10.43 -6.53 -28.79
C VAL B 337 10.23 -5.33 -29.71
N ASN B 338 9.04 -4.74 -29.66
CA ASN B 338 8.63 -3.68 -30.55
C ASN B 338 9.15 -2.33 -30.08
N VAL B 339 8.84 -1.30 -30.87
CA VAL B 339 8.72 0.06 -30.36
C VAL B 339 7.33 0.61 -30.66
N VAL B 352 8.77 -1.04 -33.98
CA VAL B 352 9.52 -2.00 -34.78
C VAL B 352 10.16 -3.05 -33.87
N GLN B 353 10.23 -4.30 -34.32
CA GLN B 353 10.75 -5.37 -33.49
C GLN B 353 12.26 -5.52 -33.65
N VAL B 354 12.92 -5.81 -32.53
CA VAL B 354 14.34 -6.12 -32.53
C VAL B 354 14.58 -7.07 -31.36
N ASP B 355 15.60 -7.91 -31.48
CA ASP B 355 15.78 -9.03 -30.56
C ASP B 355 17.00 -8.81 -29.67
N THR B 356 16.78 -8.89 -28.36
CA THR B 356 17.80 -8.74 -27.32
C THR B 356 18.80 -9.90 -27.25
N THR B 357 18.62 -10.95 -28.07
CA THR B 357 19.48 -12.13 -27.98
C THR B 357 20.96 -11.79 -28.04
N ASN B 358 21.36 -10.89 -28.93
CA ASN B 358 22.76 -10.49 -28.99
C ASN B 358 23.10 -9.30 -28.10
N ILE B 359 22.10 -8.55 -27.63
CA ILE B 359 22.39 -7.33 -26.88
C ILE B 359 23.11 -7.70 -25.59
N LEU B 360 24.33 -7.20 -25.43
CA LEU B 360 25.18 -7.59 -24.32
C LEU B 360 24.91 -6.64 -23.14
N PHE B 361 24.69 -7.22 -21.97
CA PHE B 361 24.37 -6.44 -20.79
C PHE B 361 25.52 -6.41 -19.81
N VAL B 362 25.83 -5.21 -19.32
CA VAL B 362 26.83 -4.99 -18.29
C VAL B 362 26.14 -4.42 -17.08
N ALA B 363 26.22 -5.13 -15.96
CA ALA B 363 25.43 -4.83 -14.78
C ALA B 363 26.32 -4.26 -13.68
N SER B 364 25.75 -3.34 -12.90
CA SER B 364 26.52 -2.52 -11.98
C SER B 364 25.75 -2.27 -10.71
N GLY B 365 26.48 -2.17 -9.61
CA GLY B 365 25.91 -1.71 -8.36
C GLY B 365 26.80 -2.00 -7.18
N ALA B 366 26.53 -1.35 -6.04
CA ALA B 366 27.33 -1.56 -4.84
C ALA B 366 26.97 -2.85 -4.12
N PHE B 367 25.79 -3.40 -4.36
CA PHE B 367 25.28 -4.56 -3.65
C PHE B 367 25.54 -4.41 -2.16
N ASN B 368 24.85 -3.43 -1.57
CA ASN B 368 25.26 -2.83 -0.30
C ASN B 368 25.49 -3.88 0.78
N GLY B 369 24.55 -4.81 0.91
CA GLY B 369 24.68 -5.88 1.89
C GLY B 369 25.64 -6.99 1.53
N LEU B 370 25.88 -7.19 0.23
CA LEU B 370 26.43 -8.45 -0.26
C LEU B 370 27.69 -8.87 0.47
N ASP B 371 28.51 -7.91 0.88
CA ASP B 371 29.71 -8.26 1.65
C ASP B 371 29.35 -9.01 2.92
N ARG B 372 28.33 -8.54 3.65
CA ARG B 372 27.88 -9.25 4.84
C ARG B 372 27.38 -10.66 4.52
N ILE B 373 26.68 -10.82 3.40
CA ILE B 373 26.23 -12.14 3.00
C ILE B 373 27.42 -13.06 2.73
N ILE B 374 28.43 -12.53 2.04
CA ILE B 374 29.61 -13.32 1.73
C ILE B 374 30.28 -13.80 3.01
N SER B 375 30.44 -12.90 3.98
CA SER B 375 31.04 -13.29 5.25
C SER B 375 30.19 -14.31 5.99
N ARG B 376 28.87 -14.21 5.88
CA ARG B 376 28.02 -15.27 6.41
C ARG B 376 28.22 -16.57 5.64
N ARG B 377 28.26 -16.48 4.31
CA ARG B 377 28.49 -17.68 3.50
C ARG B 377 29.83 -18.31 3.80
N LYS B 378 30.85 -17.49 4.06
CA LYS B 378 32.14 -18.00 4.50
C LYS B 378 32.13 -18.51 5.94
N ASN B 379 31.03 -18.34 6.65
CA ASN B 379 30.91 -18.69 8.07
C ASN B 379 31.95 -17.99 8.93
N GLU B 380 32.49 -16.87 8.45
CA GLU B 380 33.43 -16.08 9.25
C GLU B 380 32.75 -15.38 10.42
N LYS B 381 31.43 -15.20 10.36
CA LYS B 381 30.67 -14.61 11.44
C LYS B 381 30.22 -15.63 12.48
N TYR B 382 30.68 -16.87 12.39
CA TYR B 382 30.37 -17.86 13.42
C TYR B 382 31.03 -17.44 14.73
N LEU B 383 30.44 -17.89 15.84
CA LEU B 383 30.91 -17.54 17.17
C LEU B 383 30.78 -18.74 18.09
N GLY B 384 31.72 -18.84 19.04
CA GLY B 384 31.77 -19.95 19.95
C GLY B 384 32.50 -21.16 19.42
N PHE B 385 32.36 -22.26 20.17
CA PHE B 385 33.05 -23.50 19.84
C PHE B 385 32.47 -24.12 18.57
N GLY B 386 33.30 -24.90 17.89
CA GLY B 386 32.89 -25.58 16.68
C GLY B 386 34.01 -26.44 16.14
N THR B 387 33.69 -27.17 15.08
CA THR B 387 34.64 -28.08 14.46
C THR B 387 35.86 -27.35 13.91
N ILE B 416 39.82 -2.89 4.97
CA ILE B 416 39.39 -2.84 3.58
C ILE B 416 40.05 -3.98 2.81
N GLU B 417 41.24 -4.38 3.25
CA GLU B 417 41.85 -5.58 2.71
C GLU B 417 40.96 -6.80 2.92
N GLU B 418 40.28 -6.85 4.07
CA GLU B 418 39.33 -7.93 4.32
C GLU B 418 38.20 -7.88 3.30
N LYS B 419 37.71 -6.69 2.99
CA LYS B 419 36.62 -6.56 2.03
C LYS B 419 37.08 -6.92 0.63
N ASP B 420 38.32 -6.56 0.28
CA ASP B 420 38.87 -7.00 -1.00
C ASP B 420 38.89 -8.52 -1.11
N ARG B 421 39.30 -9.19 -0.04
CA ARG B 421 39.32 -10.65 -0.05
C ARG B 421 37.92 -11.23 -0.19
N LEU B 422 36.97 -10.70 0.60
CA LEU B 422 35.59 -11.20 0.55
C LEU B 422 34.96 -11.01 -0.82
N LEU B 423 35.02 -9.79 -1.34
CA LEU B 423 34.43 -9.53 -2.66
C LEU B 423 35.05 -10.41 -3.73
N ARG B 424 36.35 -10.69 -3.61
CA ARG B 424 37.03 -11.59 -4.52
C ARG B 424 36.43 -13.01 -4.52
N HIS B 425 35.68 -13.37 -3.49
CA HIS B 425 35.10 -14.72 -3.38
C HIS B 425 33.59 -14.72 -3.44
N VAL B 426 33.00 -13.76 -4.17
CA VAL B 426 31.56 -13.75 -4.36
C VAL B 426 31.06 -15.08 -4.96
N GLU B 427 29.86 -15.47 -4.56
CA GLU B 427 29.19 -16.65 -5.09
C GLU B 427 27.77 -16.28 -5.47
N ALA B 428 27.21 -17.03 -6.42
CA ALA B 428 25.81 -16.81 -6.82
C ALA B 428 24.86 -16.97 -5.65
N ARG B 429 25.19 -17.82 -4.69
CA ARG B 429 24.43 -17.92 -3.45
C ARG B 429 24.23 -16.56 -2.79
N ASP B 430 25.27 -15.73 -2.81
CA ASP B 430 25.17 -14.41 -2.18
C ASP B 430 24.35 -13.42 -3.01
N LEU B 431 24.48 -13.46 -4.34
CA LEU B 431 23.77 -12.52 -5.19
C LEU B 431 22.27 -12.80 -5.19
N ILE B 432 21.90 -14.06 -5.17
CA ILE B 432 20.52 -14.44 -4.90
C ILE B 432 20.06 -13.82 -3.59
N GLU B 433 20.86 -13.99 -2.54
CA GLU B 433 20.49 -13.53 -1.20
C GLU B 433 20.41 -12.01 -1.10
N PHE B 434 21.04 -11.27 -1.99
CA PHE B 434 20.98 -9.81 -1.93
C PHE B 434 19.66 -9.26 -2.48
N GLY B 435 18.63 -10.11 -2.60
CA GLY B 435 17.33 -9.73 -3.09
C GLY B 435 17.07 -10.00 -4.56
N MET B 436 18.07 -10.51 -5.28
CA MET B 436 17.87 -10.87 -6.68
C MET B 436 17.11 -12.19 -6.78
N ILE B 437 16.39 -12.35 -7.87
CA ILE B 437 15.80 -13.66 -8.22
C ILE B 437 16.88 -14.57 -8.79
N PRO B 438 16.92 -15.84 -8.38
CA PRO B 438 18.00 -16.73 -8.82
C PRO B 438 18.10 -16.91 -10.32
N GLU B 439 17.01 -16.74 -11.06
CA GLU B 439 17.11 -16.81 -12.52
C GLU B 439 17.94 -15.66 -13.06
N PHE B 440 17.84 -14.49 -12.42
CA PHE B 440 18.58 -13.33 -12.86
C PHE B 440 20.04 -13.44 -12.46
N VAL B 441 20.30 -14.06 -11.30
CA VAL B 441 21.65 -14.41 -10.92
C VAL B 441 22.15 -15.58 -11.75
N GLY B 442 21.24 -16.41 -12.26
CA GLY B 442 21.69 -17.54 -13.05
C GLY B 442 22.27 -17.12 -14.38
N ARG B 443 21.64 -16.15 -15.03
CA ARG B 443 22.30 -15.37 -16.07
C ARG B 443 23.19 -14.34 -15.41
N LEU B 444 23.83 -13.48 -16.21
CA LEU B 444 25.02 -12.76 -15.77
C LEU B 444 26.12 -13.74 -15.39
N PRO B 445 26.56 -14.60 -16.30
CA PRO B 445 27.53 -15.64 -15.90
C PRO B 445 28.90 -15.09 -15.55
N VAL B 446 29.28 -13.92 -16.03
CA VAL B 446 30.56 -13.34 -15.68
C VAL B 446 30.34 -12.25 -14.64
N VAL B 447 31.02 -12.36 -13.51
CA VAL B 447 30.93 -11.39 -12.44
C VAL B 447 32.34 -11.01 -12.01
N VAL B 448 32.56 -9.73 -11.74
CA VAL B 448 33.83 -9.29 -11.18
C VAL B 448 33.59 -8.34 -10.00
N PRO B 449 34.36 -8.47 -8.93
CA PRO B 449 34.51 -7.36 -8.01
C PRO B 449 35.38 -6.27 -8.63
N LEU B 450 35.12 -5.04 -8.26
CA LEU B 450 36.11 -3.99 -8.39
C LEU B 450 36.75 -3.78 -7.03
N HIS B 451 38.07 -3.91 -6.96
CA HIS B 451 38.72 -3.84 -5.66
C HIS B 451 38.62 -2.43 -5.12
N SER B 452 38.30 -2.32 -3.83
CA SER B 452 38.23 -1.01 -3.20
C SER B 452 39.58 -0.31 -3.26
N LEU B 453 39.53 1.00 -3.47
CA LEU B 453 40.74 1.76 -3.77
C LEU B 453 41.64 1.89 -2.55
N ASP B 454 42.95 1.81 -2.79
CA ASP B 454 43.97 1.82 -1.77
C ASP B 454 44.66 3.18 -1.66
N GLU B 455 45.55 3.28 -0.69
CA GLU B 455 46.24 4.54 -0.41
C GLU B 455 47.03 5.06 -1.60
N LYS B 456 47.80 4.20 -2.26
CA LYS B 456 48.47 4.62 -3.49
C LYS B 456 47.48 5.00 -4.58
N THR B 457 46.38 4.25 -4.69
CA THR B 457 45.38 4.56 -5.70
C THR B 457 44.84 5.98 -5.55
N LEU B 458 44.56 6.40 -4.32
CA LEU B 458 44.05 7.76 -4.13
C LEU B 458 45.11 8.79 -4.44
N VAL B 459 46.34 8.59 -4.00
CA VAL B 459 47.41 9.51 -4.35
C VAL B 459 47.61 9.52 -5.86
N GLN B 460 47.52 8.34 -6.47
CA GLN B 460 47.59 8.23 -7.91
C GLN B 460 46.45 8.98 -8.59
N ILE B 461 45.22 8.85 -8.07
CA ILE B 461 44.06 9.52 -8.65
C ILE B 461 44.18 11.04 -8.62
N LEU B 462 44.90 11.60 -7.66
CA LEU B 462 44.94 13.06 -7.57
C LEU B 462 45.67 13.69 -8.75
N THR B 463 46.64 13.02 -9.33
CA THR B 463 47.31 13.56 -10.50
C THR B 463 47.21 12.70 -11.74
N GLU B 464 47.19 11.38 -11.63
CA GLU B 464 47.44 10.55 -12.80
C GLU B 464 46.35 10.67 -13.86
N PRO B 465 45.06 10.45 -13.57
CA PRO B 465 44.09 10.42 -14.66
C PRO B 465 43.98 11.73 -15.40
N ARG B 466 43.41 11.63 -16.60
CA ARG B 466 42.86 12.79 -17.27
C ARG B 466 41.65 13.33 -16.50
N ASN B 467 41.69 14.63 -16.18
CA ASN B 467 40.80 15.25 -15.20
C ASN B 467 40.95 14.65 -13.81
N ALA B 468 42.20 14.51 -13.37
CA ALA B 468 42.48 14.26 -11.97
C ALA B 468 42.00 15.44 -11.13
N VAL B 469 41.91 15.23 -9.81
CA VAL B 469 41.25 16.20 -8.95
C VAL B 469 42.07 17.48 -8.82
N ILE B 470 43.37 17.37 -8.61
CA ILE B 470 44.20 18.57 -8.47
C ILE B 470 44.25 19.38 -9.75
N PRO B 471 44.47 18.79 -10.92
CA PRO B 471 44.40 19.58 -12.16
C PRO B 471 43.15 20.43 -12.32
N GLN B 472 41.97 19.91 -12.01
CA GLN B 472 40.78 20.74 -12.19
C GLN B 472 40.68 21.88 -11.18
N TYR B 473 41.15 21.71 -9.94
CA TYR B 473 41.16 22.85 -9.04
C TYR B 473 42.12 23.94 -9.51
N GLN B 474 43.33 23.56 -9.88
CA GLN B 474 44.30 24.57 -10.27
C GLN B 474 43.91 25.27 -11.55
N ALA B 475 43.09 24.64 -12.40
CA ALA B 475 42.51 25.35 -13.53
C ALA B 475 41.55 26.45 -13.06
N LEU B 476 40.70 26.17 -12.08
CA LEU B 476 39.84 27.21 -11.53
C LEU B 476 40.66 28.36 -10.95
N PHE B 477 41.71 28.04 -10.21
CA PHE B 477 42.58 29.09 -9.70
C PHE B 477 43.28 29.81 -10.84
N SER B 478 43.52 29.13 -11.95
CA SER B 478 44.20 29.76 -13.07
C SER B 478 43.37 30.89 -13.68
N MET B 479 42.05 30.76 -13.71
CA MET B 479 41.23 31.87 -14.15
C MET B 479 41.39 33.07 -13.22
N ASP B 480 41.72 32.82 -11.96
CA ASP B 480 42.01 33.88 -11.01
C ASP B 480 43.43 34.42 -11.15
N LYS B 481 44.13 34.06 -12.23
CA LYS B 481 45.53 34.38 -12.41
C LYS B 481 46.38 33.86 -11.25
N CYS B 482 45.99 32.73 -10.67
CA CYS B 482 46.76 32.15 -9.59
C CYS B 482 47.07 30.69 -9.88
N GLU B 483 48.25 30.25 -9.48
CA GLU B 483 48.61 28.85 -9.56
C GLU B 483 48.52 28.24 -8.17
N LEU B 484 47.67 27.25 -8.02
CA LEU B 484 47.74 26.38 -6.86
C LEU B 484 48.94 25.46 -6.99
N ASN B 485 49.67 25.32 -5.90
CA ASN B 485 50.72 24.32 -5.83
C ASN B 485 50.60 23.60 -4.51
N VAL B 486 50.71 22.27 -4.55
CA VAL B 486 50.59 21.45 -3.37
C VAL B 486 51.83 20.58 -3.27
N THR B 487 52.43 20.52 -2.09
CA THR B 487 53.60 19.69 -1.94
C THR B 487 53.20 18.24 -2.05
N GLU B 488 54.14 17.41 -2.47
CA GLU B 488 53.81 16.00 -2.69
C GLU B 488 53.43 15.32 -1.38
N ASP B 489 54.00 15.77 -0.27
CA ASP B 489 53.70 15.16 1.02
C ASP B 489 52.30 15.49 1.52
N ALA B 490 51.70 16.58 1.05
CA ALA B 490 50.35 16.90 1.49
C ALA B 490 49.33 15.98 0.84
N LEU B 491 49.64 15.48 -0.36
CA LEU B 491 48.71 14.58 -1.04
C LEU B 491 48.47 13.30 -0.24
N LYS B 492 49.49 12.83 0.48
CA LYS B 492 49.33 11.61 1.28
C LYS B 492 48.25 11.74 2.34
N ALA B 493 48.31 12.81 3.14
CA ALA B 493 47.33 12.97 4.21
C ALA B 493 45.94 13.17 3.65
N ILE B 494 45.83 13.94 2.55
CA ILE B 494 44.54 14.09 1.87
C ILE B 494 43.98 12.73 1.53
N ALA B 495 44.79 11.90 0.90
CA ALA B 495 44.36 10.55 0.54
C ALA B 495 43.89 9.78 1.76
N ARG B 496 44.68 9.81 2.83
CA ARG B 496 44.29 9.15 4.07
C ARG B 496 42.97 9.70 4.59
N LEU B 497 42.84 11.03 4.61
CA LEU B 497 41.61 11.64 5.10
C LEU B 497 40.40 11.26 4.25
N ALA B 498 40.57 11.23 2.93
CA ALA B 498 39.46 10.84 2.07
C ALA B 498 39.21 9.34 2.08
N LEU B 499 40.27 8.55 2.25
CA LEU B 499 40.07 7.13 2.50
C LEU B 499 39.27 6.91 3.76
N GLU B 500 39.53 7.69 4.79
CA GLU B 500 38.78 7.61 6.02
C GLU B 500 37.33 8.04 5.85
N ARG B 501 37.01 8.79 4.79
CA ARG B 501 35.64 9.21 4.55
C ARG B 501 34.77 8.09 4.02
N LYS B 502 35.36 6.97 3.64
CA LYS B 502 34.62 5.78 3.23
C LYS B 502 33.62 6.12 2.13
N THR B 503 34.01 7.03 1.24
CA THR B 503 33.10 7.48 0.20
C THR B 503 33.79 7.63 -1.15
N GLY B 504 34.81 6.83 -1.40
CA GLY B 504 35.34 6.70 -2.73
C GLY B 504 36.01 7.95 -3.24
N ALA B 505 36.35 7.91 -4.53
CA ALA B 505 37.15 8.96 -5.13
C ALA B 505 36.45 10.31 -5.09
N ARG B 506 35.13 10.33 -5.11
CA ARG B 506 34.42 11.59 -5.00
C ARG B 506 34.54 12.21 -3.61
N GLY B 507 34.95 11.44 -2.61
CA GLY B 507 35.32 12.04 -1.34
C GLY B 507 36.54 12.93 -1.42
N LEU B 508 37.37 12.75 -2.43
CA LEU B 508 38.55 13.60 -2.59
C LEU B 508 38.17 15.07 -2.75
N ARG B 509 37.15 15.36 -3.53
CA ARG B 509 36.77 16.75 -3.72
C ARG B 509 36.24 17.39 -2.44
N SER B 510 35.57 16.62 -1.58
CA SER B 510 35.08 17.17 -0.32
C SER B 510 36.21 17.68 0.56
N ILE B 511 37.26 16.88 0.73
CA ILE B 511 38.37 17.33 1.55
C ILE B 511 39.07 18.51 0.90
N MET B 512 39.26 18.45 -0.42
CA MET B 512 39.90 19.55 -1.13
C MET B 512 39.08 20.83 -1.03
N GLU B 513 37.76 20.72 -1.19
CA GLU B 513 36.90 21.88 -1.03
C GLU B 513 37.06 22.52 0.34
N LYS B 514 37.15 21.72 1.39
CA LYS B 514 37.33 22.28 2.72
C LYS B 514 38.68 22.99 2.82
N LEU B 515 39.76 22.33 2.42
CA LEU B 515 41.08 22.98 2.50
C LEU B 515 41.13 24.23 1.66
N LEU B 516 40.65 24.15 0.43
CA LEU B 516 40.72 25.31 -0.46
C LEU B 516 39.82 26.45 -0.02
N LEU B 517 38.98 26.24 0.98
CA LEU B 517 37.89 27.17 1.26
C LEU B 517 38.38 28.58 1.46
N GLU B 518 39.24 28.80 2.45
CA GLU B 518 39.74 30.15 2.71
C GLU B 518 40.43 30.74 1.50
N PRO B 519 41.40 30.08 0.86
CA PRO B 519 41.97 30.64 -0.37
C PRO B 519 40.95 31.08 -1.38
N MET B 520 39.92 30.27 -1.62
CA MET B 520 38.95 30.59 -2.66
C MET B 520 38.17 31.86 -2.37
N PHE B 521 37.94 32.18 -1.09
CA PHE B 521 37.26 33.43 -0.80
C PHE B 521 38.17 34.64 -0.78
N GLU B 522 39.43 34.47 -0.45
CA GLU B 522 40.33 35.61 -0.33
C GLU B 522 40.96 36.00 -1.66
N VAL B 523 41.06 35.05 -2.59
CA VAL B 523 41.74 35.33 -3.85
C VAL B 523 41.09 36.39 -4.73
N PRO B 524 39.73 36.50 -4.85
CA PRO B 524 39.14 37.06 -6.08
C PRO B 524 39.82 38.26 -6.72
N ASN B 525 40.18 39.30 -5.95
CA ASN B 525 40.85 40.46 -6.54
C ASN B 525 42.10 40.88 -5.77
N SER B 526 42.63 40.04 -4.90
CA SER B 526 43.41 40.53 -3.77
C SER B 526 44.90 40.66 -4.08
N ASP B 527 45.27 40.68 -5.35
CA ASP B 527 46.66 40.74 -5.79
C ASP B 527 47.52 39.58 -5.29
N ILE B 528 46.92 38.47 -4.92
CA ILE B 528 47.69 37.25 -4.71
C ILE B 528 48.00 36.63 -6.07
N VAL B 529 49.25 36.26 -6.28
CA VAL B 529 49.66 35.68 -7.56
C VAL B 529 49.58 34.16 -7.54
N CYS B 530 49.98 33.54 -6.44
CA CYS B 530 50.09 32.09 -6.35
C CYS B 530 49.77 31.69 -4.93
N VAL B 531 49.14 30.53 -4.77
CA VAL B 531 48.75 30.02 -3.47
C VAL B 531 49.46 28.70 -3.24
N GLU B 532 50.15 28.60 -2.12
CA GLU B 532 50.91 27.41 -1.77
C GLU B 532 50.18 26.65 -0.68
N VAL B 533 50.04 25.35 -0.88
CA VAL B 533 49.47 24.46 0.11
C VAL B 533 50.53 23.44 0.45
N ASP B 534 50.76 23.22 1.74
CA ASP B 534 51.78 22.27 2.13
C ASP B 534 51.25 21.24 3.11
N LYS B 535 52.15 20.47 3.71
CA LYS B 535 51.75 19.46 4.67
C LYS B 535 51.02 20.09 5.85
N GLU B 536 51.47 21.27 6.28
CA GLU B 536 50.85 21.92 7.42
C GLU B 536 49.42 22.34 7.10
N VAL B 537 49.15 22.74 5.87
CA VAL B 537 47.79 23.12 5.51
C VAL B 537 46.87 21.91 5.58
N VAL B 538 47.29 20.80 4.98
CA VAL B 538 46.50 19.57 5.05
C VAL B 538 46.30 19.17 6.51
N GLU B 539 47.33 19.33 7.32
CA GLU B 539 47.18 19.00 8.72
C GLU B 539 46.30 20.00 9.44
N GLY B 540 46.02 21.14 8.83
CA GLY B 540 45.20 22.18 9.43
C GLY B 540 45.96 23.08 10.37
N LYS B 541 47.23 22.79 10.62
CA LYS B 541 48.05 23.53 11.56
C LYS B 541 48.42 24.92 11.06
N LYS B 542 48.24 25.18 9.77
CA LYS B 542 48.70 26.44 9.20
C LYS B 542 47.73 26.89 8.14
N GLU B 543 47.48 28.19 8.10
CA GLU B 543 46.70 28.74 7.02
C GLU B 543 47.53 28.69 5.74
N PRO B 544 46.88 28.52 4.60
CA PRO B 544 47.62 28.46 3.32
C PRO B 544 48.48 29.69 3.07
N GLY B 545 49.70 29.44 2.62
CA GLY B 545 50.65 30.51 2.44
C GLY B 545 50.34 31.23 1.14
N TYR B 546 50.39 32.56 1.18
CA TYR B 546 49.98 33.39 0.06
C TYR B 546 51.18 34.12 -0.51
N ILE B 547 51.28 34.09 -1.83
CA ILE B 547 52.28 34.84 -2.57
C ILE B 547 51.63 36.12 -3.06
N ARG B 548 52.11 37.26 -2.57
CA ARG B 548 51.55 38.56 -2.93
C ARG B 548 52.48 39.29 -3.87
N ALA B 549 51.88 40.02 -4.80
CA ALA B 549 52.64 40.76 -5.80
C ALA B 549 53.51 41.81 -5.14
N PRO C 109 31.59 40.27 -16.12
CA PRO C 109 32.24 39.35 -15.17
C PRO C 109 31.27 38.85 -14.11
N PRO C 110 31.52 37.65 -13.59
CA PRO C 110 30.66 37.15 -12.53
C PRO C 110 30.83 37.99 -11.27
N PRO C 111 29.79 38.10 -10.45
CA PRO C 111 29.91 38.89 -9.24
C PRO C 111 30.96 38.27 -8.31
N PRO C 112 31.78 39.09 -7.67
CA PRO C 112 32.77 38.54 -6.76
C PRO C 112 32.13 38.04 -5.48
N PRO C 113 32.72 37.04 -4.84
CA PRO C 113 32.30 36.67 -3.48
C PRO C 113 32.14 37.85 -2.53
N LYS C 114 33.00 38.86 -2.64
CA LYS C 114 32.85 40.06 -1.84
C LYS C 114 31.44 40.61 -1.89
N LYS C 115 30.93 40.85 -3.10
CA LYS C 115 29.62 41.47 -3.25
C LYS C 115 28.51 40.59 -2.73
N ILE C 116 28.57 39.29 -3.01
CA ILE C 116 27.50 38.40 -2.60
C ILE C 116 27.36 38.37 -1.09
N TYR C 117 28.48 38.20 -0.39
CA TYR C 117 28.45 38.20 1.06
C TYR C 117 27.85 39.49 1.60
N ASN C 118 28.29 40.64 1.09
CA ASN C 118 27.73 41.91 1.49
C ASN C 118 26.26 42.02 1.10
N TYR C 119 25.90 41.53 -0.09
CA TYR C 119 24.50 41.55 -0.50
C TYR C 119 23.62 40.72 0.43
N LEU C 120 24.07 39.52 0.78
CA LEU C 120 23.29 38.68 1.67
C LEU C 120 23.28 39.17 3.11
N ASP C 121 24.35 39.83 3.56
CA ASP C 121 24.43 40.21 4.96
C ASP C 121 23.32 41.15 5.39
N LYS C 122 22.69 41.83 4.44
CA LYS C 122 21.61 42.74 4.79
C LYS C 122 20.36 41.99 5.21
N TYR C 123 20.19 40.75 4.74
CA TYR C 123 19.01 39.94 5.04
C TYR C 123 19.25 38.81 6.02
N VAL C 124 20.42 38.19 6.03
CA VAL C 124 20.73 37.06 6.89
C VAL C 124 21.72 37.54 7.93
N VAL C 125 21.41 37.33 9.18
CA VAL C 125 22.33 37.69 10.25
C VAL C 125 23.28 36.53 10.51
N GLY C 126 24.50 36.88 10.92
CA GLY C 126 25.52 35.95 11.36
C GLY C 126 25.92 34.96 10.30
N GLN C 127 26.35 33.79 10.76
CA GLN C 127 26.55 32.62 9.89
C GLN C 127 27.51 32.92 8.74
N SER C 128 28.66 33.52 9.07
CA SER C 128 29.62 33.83 8.05
C SER C 128 30.17 32.58 7.36
N PHE C 129 30.21 31.45 8.06
CA PHE C 129 30.57 30.21 7.38
C PHE C 129 29.52 29.79 6.37
N ALA C 130 28.26 29.88 6.74
CA ALA C 130 27.20 29.56 5.78
C ALA C 130 27.20 30.54 4.62
N LYS C 131 27.38 31.84 4.90
CA LYS C 131 27.46 32.79 3.82
C LYS C 131 28.68 32.58 2.93
N LYS C 132 29.85 32.31 3.54
CA LYS C 132 31.04 32.07 2.74
C LYS C 132 30.87 30.90 1.77
N VAL C 133 30.36 29.77 2.25
CA VAL C 133 30.18 28.61 1.37
C VAL C 133 29.27 28.94 0.19
N LEU C 134 28.11 29.53 0.46
CA LEU C 134 27.22 29.88 -0.64
C LEU C 134 27.81 30.94 -1.54
N SER C 135 28.51 31.92 -0.95
CA SER C 135 29.11 32.96 -1.77
C SER C 135 30.11 32.37 -2.75
N VAL C 136 31.02 31.53 -2.26
CA VAL C 136 32.00 30.89 -3.14
C VAL C 136 31.31 30.04 -4.20
N ALA C 137 30.29 29.30 -3.82
CA ALA C 137 29.71 28.31 -4.72
C ALA C 137 29.00 28.93 -5.91
N VAL C 138 28.26 30.02 -5.73
CA VAL C 138 27.59 30.59 -6.88
C VAL C 138 28.58 31.29 -7.79
N TYR C 139 29.65 31.83 -7.23
CA TYR C 139 30.73 32.35 -8.06
C TYR C 139 31.41 31.21 -8.81
N ASN C 140 31.69 30.10 -8.12
CA ASN C 140 32.21 28.90 -8.79
C ASN C 140 31.24 28.35 -9.82
N HIS C 141 29.94 28.39 -9.55
CA HIS C 141 28.98 27.95 -10.56
C HIS C 141 29.08 28.80 -11.82
N TYR C 142 29.34 30.10 -11.66
CA TYR C 142 29.59 30.93 -12.82
C TYR C 142 30.83 30.51 -13.57
N LYS C 143 31.89 30.14 -12.84
CA LYS C 143 33.10 29.69 -13.51
C LYS C 143 32.86 28.47 -14.39
N ARG C 144 32.10 27.50 -13.90
CA ARG C 144 31.78 26.33 -14.74
C ARG C 144 31.06 26.70 -16.02
N ILE C 145 30.03 27.57 -15.92
CA ILE C 145 29.25 27.91 -17.10
C ILE C 145 30.14 28.49 -18.20
N TYR C 146 31.07 29.35 -17.82
CA TYR C 146 31.94 29.96 -18.81
C TYR C 146 33.00 28.98 -19.30
N ASN C 147 33.34 27.98 -18.48
CA ASN C 147 34.35 27.02 -18.86
C ASN C 147 33.79 25.95 -19.78
N ASN C 148 32.78 25.22 -19.31
CA ASN C 148 32.24 24.15 -20.12
C ASN C 148 31.53 24.66 -21.37
N ILE C 149 31.18 25.94 -21.40
CA ILE C 149 30.46 26.57 -22.50
C ILE C 149 29.40 25.66 -23.12
N ILE C 226 40.22 20.26 -20.34
CA ILE C 226 40.05 20.06 -18.91
C ILE C 226 38.63 20.39 -18.51
N LYS C 227 37.93 19.43 -17.93
CA LYS C 227 36.52 19.58 -17.59
C LYS C 227 36.32 19.68 -16.09
N LEU C 228 35.65 20.75 -15.67
CA LEU C 228 35.32 21.00 -14.29
C LEU C 228 33.99 20.30 -13.95
N GLU C 229 33.83 19.90 -12.69
CA GLU C 229 32.57 19.30 -12.30
C GLU C 229 32.10 19.84 -10.96
N LYS C 230 30.78 19.76 -10.78
CA LYS C 230 30.09 20.41 -9.68
C LYS C 230 30.32 19.76 -8.33
N SER C 231 30.36 20.60 -7.31
CA SER C 231 30.27 20.18 -5.92
C SER C 231 28.89 20.56 -5.40
N ASN C 232 28.11 19.57 -4.97
CA ASN C 232 26.79 19.84 -4.44
C ASN C 232 26.89 20.32 -2.99
N ILE C 233 25.97 21.21 -2.61
CA ILE C 233 25.99 21.86 -1.30
C ILE C 233 24.90 21.29 -0.43
N LEU C 234 25.23 21.02 0.83
CA LEU C 234 24.25 20.60 1.81
C LEU C 234 24.25 21.58 2.97
N LEU C 235 23.10 22.19 3.23
CA LEU C 235 22.92 23.06 4.38
C LEU C 235 22.10 22.31 5.41
N LEU C 236 22.59 22.24 6.63
CA LEU C 236 21.88 21.59 7.71
C LEU C 236 21.96 22.46 8.94
N GLY C 237 20.83 22.62 9.62
CA GLY C 237 20.71 23.59 10.67
C GLY C 237 19.53 23.35 11.56
N PRO C 238 19.59 23.84 12.79
CA PRO C 238 18.43 23.80 13.67
C PRO C 238 17.23 24.48 13.02
N THR C 239 16.05 24.18 13.56
CA THR C 239 14.77 24.44 12.92
C THR C 239 14.58 25.83 12.35
N GLY C 240 14.55 25.96 11.03
CA GLY C 240 14.13 27.18 10.41
C GLY C 240 15.07 28.36 10.52
N SER C 241 16.20 28.24 11.20
CA SER C 241 16.97 29.39 11.65
C SER C 241 17.89 29.90 10.55
N GLY C 242 17.30 30.28 9.42
CA GLY C 242 18.04 30.91 8.35
C GLY C 242 18.11 30.11 7.08
N LYS C 243 17.97 28.79 7.16
CA LYS C 243 18.13 27.94 5.99
C LYS C 243 17.31 28.41 4.80
N THR C 244 15.99 28.50 4.97
CA THR C 244 15.14 28.92 3.84
C THR C 244 15.42 30.35 3.44
N LEU C 245 15.67 31.22 4.42
CA LEU C 245 15.85 32.64 4.10
C LEU C 245 17.08 32.84 3.25
N LEU C 246 18.17 32.15 3.59
CA LEU C 246 19.40 32.26 2.82
C LEU C 246 19.18 31.86 1.37
N ALA C 247 18.51 30.73 1.17
CA ALA C 247 18.25 30.28 -0.19
C ALA C 247 17.45 31.31 -0.99
N GLN C 248 16.35 31.81 -0.42
CA GLN C 248 15.51 32.74 -1.17
C GLN C 248 16.22 34.05 -1.42
N THR C 249 16.93 34.56 -0.42
CA THR C 249 17.68 35.79 -0.63
C THR C 249 18.80 35.57 -1.65
N LEU C 250 19.50 34.44 -1.54
CA LEU C 250 20.51 34.10 -2.54
C LEU C 250 19.87 33.91 -3.89
N ALA C 251 18.68 33.33 -3.91
CA ALA C 251 17.95 33.17 -5.16
C ALA C 251 17.69 34.52 -5.81
N LYS C 252 17.38 35.53 -5.00
CA LYS C 252 17.18 36.87 -5.55
C LYS C 252 18.40 37.40 -6.29
N CYS C 253 19.59 36.94 -5.94
CA CYS C 253 20.82 37.41 -6.57
C CYS C 253 21.38 36.43 -7.59
N LEU C 254 20.53 35.72 -8.32
CA LEU C 254 21.00 34.78 -9.32
C LEU C 254 20.68 35.30 -10.71
N ASP C 255 21.64 35.16 -11.62
CA ASP C 255 21.42 35.47 -13.01
C ASP C 255 21.01 34.24 -13.80
N VAL C 256 20.80 33.13 -13.13
CA VAL C 256 20.45 31.87 -13.78
C VAL C 256 19.13 31.44 -13.17
N PRO C 257 18.29 30.70 -13.87
CA PRO C 257 17.05 30.26 -13.26
C PRO C 257 17.30 29.38 -12.05
N PHE C 258 16.38 29.46 -11.11
CA PHE C 258 16.45 28.71 -9.88
C PHE C 258 15.08 28.17 -9.57
N ALA C 259 15.06 27.09 -8.79
CA ALA C 259 13.81 26.44 -8.41
C ALA C 259 13.98 25.86 -7.03
N ILE C 260 12.98 26.05 -6.18
CA ILE C 260 13.00 25.48 -4.84
C ILE C 260 11.79 24.60 -4.67
N CYS C 261 11.99 23.40 -4.13
CA CYS C 261 10.90 22.47 -4.01
C CYS C 261 11.14 21.60 -2.78
N ASP C 262 10.09 20.93 -2.36
CA ASP C 262 10.10 20.08 -1.18
C ASP C 262 10.18 18.61 -1.54
N CYS C 263 11.14 17.91 -0.95
CA CYS C 263 11.26 16.49 -1.18
C CYS C 263 10.23 15.75 -0.34
N ASP C 275 6.34 13.95 -7.87
CA ASP C 275 7.28 13.08 -8.59
C ASP C 275 8.63 13.76 -8.82
N ILE C 276 9.65 12.95 -9.12
CA ILE C 276 10.99 13.46 -9.37
C ILE C 276 11.08 14.25 -10.67
N GLU C 277 10.20 13.98 -11.64
CA GLU C 277 10.04 14.90 -12.75
C GLU C 277 9.76 16.33 -12.31
N SER C 278 9.17 16.51 -11.13
CA SER C 278 8.76 17.84 -10.69
C SER C 278 9.93 18.79 -10.50
N VAL C 279 11.14 18.29 -10.30
CA VAL C 279 12.29 19.19 -10.18
C VAL C 279 12.56 19.91 -11.49
N ILE C 280 12.82 19.14 -12.55
CA ILE C 280 13.10 19.75 -13.85
C ILE C 280 11.86 20.34 -14.47
N ALA C 281 10.69 19.77 -14.16
CA ALA C 281 9.45 20.37 -14.63
C ALA C 281 9.35 21.82 -14.21
N LYS C 282 9.55 22.10 -12.92
CA LYS C 282 9.46 23.48 -12.48
C LYS C 282 10.66 24.33 -12.89
N LEU C 283 11.86 23.76 -12.98
CA LEU C 283 12.99 24.55 -13.50
C LEU C 283 12.77 24.97 -14.94
N LEU C 284 12.32 24.04 -15.77
CA LEU C 284 12.11 24.37 -17.18
C LEU C 284 11.00 25.40 -17.33
N GLN C 285 9.94 25.23 -16.54
CA GLN C 285 8.91 26.25 -16.47
C GLN C 285 9.46 27.58 -16.00
N ASP C 286 10.29 27.54 -14.96
CA ASP C 286 10.85 28.75 -14.37
C ASP C 286 11.76 29.51 -15.33
N ALA C 287 12.39 28.81 -16.26
CA ALA C 287 13.34 29.41 -17.18
C ALA C 287 12.71 29.90 -18.47
N ASN C 288 11.39 30.10 -18.49
CA ASN C 288 10.66 30.46 -19.70
C ASN C 288 10.95 29.47 -20.80
N TYR C 289 11.17 28.22 -20.39
CA TYR C 289 11.45 27.13 -21.31
C TYR C 289 12.65 27.45 -22.20
N ASN C 290 13.55 28.29 -21.70
CA ASN C 290 14.81 28.59 -22.39
C ASN C 290 15.82 27.57 -21.90
N VAL C 291 15.97 26.49 -22.67
CA VAL C 291 16.82 25.36 -22.26
C VAL C 291 18.28 25.77 -22.19
N GLU C 292 18.74 26.60 -23.12
CA GLU C 292 20.16 26.91 -23.14
C GLU C 292 20.59 27.68 -21.91
N LYS C 293 19.67 28.39 -21.27
CA LYS C 293 19.95 29.02 -20.00
C LYS C 293 19.52 28.14 -18.82
N ALA C 294 18.50 27.32 -19.01
CA ALA C 294 17.99 26.48 -17.93
C ALA C 294 18.97 25.43 -17.47
N GLN C 295 19.72 24.80 -18.38
CA GLN C 295 20.67 23.80 -17.93
C GLN C 295 21.76 24.38 -17.05
N GLN C 296 21.99 25.68 -17.12
CA GLN C 296 22.91 26.32 -16.19
C GLN C 296 22.28 26.56 -14.82
N GLY C 297 21.06 26.09 -14.61
CA GLY C 297 20.29 26.50 -13.46
C GLY C 297 20.86 25.99 -12.15
N ILE C 298 20.38 26.62 -11.07
CA ILE C 298 20.65 26.19 -9.70
C ILE C 298 19.34 25.68 -9.12
N VAL C 299 19.39 24.52 -8.46
CA VAL C 299 18.21 23.95 -7.84
C VAL C 299 18.40 23.92 -6.34
N PHE C 300 17.42 24.43 -5.62
CA PHE C 300 17.36 24.30 -4.17
C PHE C 300 16.37 23.20 -3.82
N LEU C 301 16.82 22.25 -3.02
CA LEU C 301 15.93 21.24 -2.45
C LEU C 301 15.74 21.51 -0.97
N ASP C 302 14.50 21.48 -0.53
CA ASP C 302 14.21 21.54 0.89
C ASP C 302 13.86 20.18 1.47
N GLN C 303 13.88 20.13 2.81
CA GLN C 303 13.46 18.99 3.61
C GLN C 303 14.09 17.68 3.16
N VAL C 304 15.29 17.75 2.60
CA VAL C 304 15.94 16.53 2.14
C VAL C 304 16.18 15.59 3.32
N ASP C 305 16.39 16.16 4.50
CA ASP C 305 16.55 15.36 5.72
C ASP C 305 15.37 14.41 5.94
N LYS C 306 14.16 14.83 5.58
CA LYS C 306 13.00 14.01 5.85
C LYS C 306 12.93 12.76 4.98
N ILE C 307 13.78 12.65 3.96
CA ILE C 307 13.72 11.51 3.04
C ILE C 307 14.64 10.41 3.53
N GLY C 308 15.09 10.53 4.78
CA GLY C 308 15.93 9.50 5.33
C GLY C 308 15.18 8.19 5.46
N SER C 309 15.91 7.09 5.32
CA SER C 309 15.29 5.77 5.40
C SER C 309 14.95 5.39 6.84
N GLY C 321 10.25 7.42 1.21
CA GLY C 321 11.28 6.92 2.10
C GLY C 321 12.63 6.76 1.44
N GLU C 322 13.23 5.58 1.62
CA GLU C 322 14.53 5.28 1.04
C GLU C 322 14.49 5.30 -0.48
N GLY C 323 13.38 4.88 -1.07
CA GLY C 323 13.23 4.84 -2.52
C GLY C 323 13.37 6.17 -3.24
N VAL C 324 13.13 7.28 -2.55
CA VAL C 324 13.28 8.57 -3.22
C VAL C 324 14.75 8.97 -3.33
N GLN C 325 15.58 8.58 -2.37
CA GLN C 325 17.01 8.89 -2.46
C GLN C 325 17.62 8.32 -3.73
N GLN C 326 17.34 7.05 -4.02
CA GLN C 326 17.90 6.41 -5.20
C GLN C 326 17.40 7.01 -6.49
N GLY C 327 16.21 7.61 -6.50
CA GLY C 327 15.73 8.22 -7.73
C GLY C 327 16.47 9.48 -8.12
N LEU C 328 16.76 10.35 -7.15
CA LEU C 328 17.48 11.57 -7.50
C LEU C 328 18.97 11.38 -7.73
N LEU C 329 19.53 10.21 -7.41
CA LEU C 329 20.93 9.95 -7.70
C LEU C 329 21.29 10.18 -9.16
N LYS C 330 20.31 10.19 -10.05
CA LYS C 330 20.58 10.51 -11.45
C LYS C 330 20.65 12.00 -11.70
N LEU C 331 19.88 12.81 -10.98
CA LEU C 331 19.95 14.25 -11.23
C LEU C 331 21.11 14.87 -10.46
N LEU C 332 21.37 14.41 -9.25
CA LEU C 332 22.69 14.61 -8.69
C LEU C 332 23.69 13.86 -9.55
N GLU C 333 24.94 14.30 -9.51
CA GLU C 333 25.87 13.92 -10.55
C GLU C 333 25.20 14.25 -11.87
N GLY C 334 25.03 13.28 -12.75
CA GLY C 334 24.50 13.66 -14.03
C GLY C 334 23.64 12.63 -14.71
N THR C 335 22.55 13.10 -15.28
CA THR C 335 21.79 12.35 -16.26
C THR C 335 20.92 13.32 -17.03
N ILE C 336 20.44 12.86 -18.18
CA ILE C 336 19.34 13.52 -18.84
C ILE C 336 18.04 13.23 -18.10
N VAL C 337 17.12 14.17 -18.15
CA VAL C 337 15.85 14.07 -17.43
C VAL C 337 14.71 14.30 -18.41
N ASN C 338 13.66 13.49 -18.27
CA ASN C 338 12.54 13.46 -19.20
C ASN C 338 11.51 14.54 -18.84
N VAL C 339 11.92 15.78 -19.04
CA VAL C 339 11.06 16.92 -18.78
C VAL C 339 9.74 16.79 -19.52
N THR C 351 6.94 17.54 -24.22
CA THR C 351 7.99 17.09 -23.33
C THR C 351 9.35 17.05 -24.03
N VAL C 352 10.43 17.12 -23.25
CA VAL C 352 11.79 17.14 -23.76
C VAL C 352 12.64 16.37 -22.76
N GLN C 353 13.77 15.86 -23.22
CA GLN C 353 14.78 15.28 -22.35
C GLN C 353 15.94 16.24 -22.14
N VAL C 354 16.30 16.48 -20.87
CA VAL C 354 17.21 17.56 -20.47
C VAL C 354 18.24 17.01 -19.49
N ASP C 355 19.49 17.49 -19.60
CA ASP C 355 20.63 16.93 -18.87
C ASP C 355 20.96 17.74 -17.62
N THR C 356 20.91 17.08 -16.46
CA THR C 356 21.14 17.65 -15.13
C THR C 356 22.60 17.86 -14.77
N THR C 357 23.54 17.42 -15.61
CA THR C 357 24.95 17.34 -15.21
C THR C 357 25.52 18.64 -14.66
N ASN C 358 25.18 19.79 -15.25
CA ASN C 358 25.68 21.06 -14.73
C ASN C 358 24.89 21.64 -13.56
N ILE C 359 23.66 21.19 -13.31
CA ILE C 359 22.79 21.87 -12.36
C ILE C 359 23.34 21.75 -10.95
N LEU C 360 23.43 22.88 -10.26
CA LEU C 360 24.02 22.93 -8.93
C LEU C 360 22.91 22.81 -7.88
N PHE C 361 23.01 21.79 -7.05
CA PHE C 361 21.97 21.46 -6.08
C PHE C 361 22.37 21.89 -4.69
N VAL C 362 21.48 22.63 -4.03
CA VAL C 362 21.65 22.97 -2.63
C VAL C 362 20.60 22.19 -1.85
N ALA C 363 21.03 21.21 -1.09
CA ALA C 363 20.12 20.41 -0.28
C ALA C 363 20.01 21.02 1.11
N SER C 364 18.80 21.40 1.48
CA SER C 364 18.52 21.97 2.77
C SER C 364 17.70 20.96 3.55
N GLY C 365 18.09 20.71 4.79
CA GLY C 365 17.26 19.89 5.64
C GLY C 365 17.43 20.36 7.07
N ALA C 366 16.41 20.09 7.87
CA ALA C 366 16.53 20.38 9.28
C ALA C 366 17.43 19.36 9.96
N PHE C 367 17.35 18.11 9.54
CA PHE C 367 18.07 17.03 10.18
C PHE C 367 17.83 17.08 11.68
N ASN C 368 16.55 17.13 12.05
CA ASN C 368 16.17 17.09 13.44
C ASN C 368 16.73 15.85 14.09
N GLY C 369 17.43 16.04 15.19
CA GLY C 369 18.04 14.91 15.86
C GLY C 369 19.32 14.41 15.25
N LEU C 370 19.81 15.03 14.19
CA LEU C 370 21.11 14.59 13.67
C LEU C 370 22.22 14.87 14.66
N ASP C 371 22.03 15.86 15.54
CA ASP C 371 22.94 16.02 16.67
C ASP C 371 22.97 14.81 17.58
N ARG C 372 21.87 14.07 17.69
CA ARG C 372 21.89 12.83 18.46
C ARG C 372 22.91 11.85 17.91
N ILE C 373 23.07 11.82 16.59
CA ILE C 373 23.97 10.86 15.97
C ILE C 373 25.41 11.35 16.00
N ILE C 374 25.61 12.64 15.73
CA ILE C 374 26.96 13.19 15.85
C ILE C 374 27.46 13.09 17.27
N SER C 375 26.57 13.23 18.24
CA SER C 375 26.98 13.04 19.63
C SER C 375 27.38 11.60 19.91
N ARG C 376 26.60 10.63 19.43
CA ARG C 376 27.05 9.25 19.48
C ARG C 376 28.34 9.02 18.69
N ARG C 377 28.49 9.70 17.55
CA ARG C 377 29.71 9.57 16.75
C ARG C 377 30.92 10.26 17.36
N LYS C 378 30.74 11.39 18.03
CA LYS C 378 31.85 12.18 18.56
C LYS C 378 32.40 11.64 19.86
N ASN C 379 32.17 10.38 20.15
CA ASN C 379 32.48 9.75 21.43
C ASN C 379 31.69 10.39 22.56
N GLU C 380 30.77 11.30 22.26
CA GLU C 380 29.92 11.84 23.31
C GLU C 380 28.95 10.77 23.77
N LYS C 381 28.70 9.78 22.92
CA LYS C 381 28.34 8.44 23.32
C LYS C 381 29.47 7.52 22.88
N TYR C 382 29.92 6.66 23.80
CA TYR C 382 31.11 5.86 23.58
C TYR C 382 31.05 4.66 24.51
N LEU C 383 31.85 3.65 24.21
CA LEU C 383 31.85 2.40 24.96
C LEU C 383 33.19 2.08 25.59
N GLY C 384 33.13 1.39 26.72
CA GLY C 384 34.30 1.03 27.49
C GLY C 384 34.83 2.12 28.41
N PHE C 385 36.04 1.87 28.92
CA PHE C 385 36.63 2.73 29.92
C PHE C 385 37.10 4.06 29.35
N GLY C 386 37.22 4.18 28.03
CA GLY C 386 37.64 5.43 27.42
C GLY C 386 39.00 5.90 27.83
N THR C 387 39.85 5.00 28.32
CA THR C 387 41.08 5.40 29.01
C THR C 387 42.26 4.54 28.57
N ASP C 415 24.23 23.01 26.96
CA ASP C 415 23.70 22.29 25.81
C ASP C 415 23.86 23.11 24.55
N ILE C 416 23.62 24.42 24.68
CA ILE C 416 23.76 25.31 23.53
C ILE C 416 25.21 25.35 23.07
N GLU C 417 26.14 25.38 24.02
CA GLU C 417 27.55 25.37 23.65
C GLU C 417 27.94 24.04 23.03
N GLU C 418 27.42 22.95 23.57
CA GLU C 418 27.72 21.62 23.04
C GLU C 418 27.15 21.43 21.64
N LYS C 419 25.90 21.85 21.41
CA LYS C 419 25.25 21.57 20.13
C LYS C 419 25.95 22.30 18.98
N ASP C 420 26.27 23.57 19.15
CA ASP C 420 27.01 24.26 18.08
C ASP C 420 28.38 23.66 17.89
N ARG C 421 29.07 23.33 18.98
CA ARG C 421 30.35 22.65 18.91
C ARG C 421 30.21 21.29 18.23
N LEU C 422 29.18 20.54 18.59
CA LEU C 422 29.04 19.17 18.11
C LEU C 422 28.84 19.11 16.60
N LEU C 423 27.91 19.91 16.07
CA LEU C 423 27.69 19.93 14.63
C LEU C 423 28.93 20.36 13.85
N ARG C 424 29.82 21.14 14.46
CA ARG C 424 31.03 21.52 13.75
C ARG C 424 31.98 20.36 13.51
N HIS C 425 31.75 19.21 14.13
CA HIS C 425 32.54 18.02 13.90
C HIS C 425 31.93 17.06 12.88
N VAL C 426 30.75 17.38 12.33
CA VAL C 426 29.95 16.43 11.56
C VAL C 426 30.79 15.71 10.52
N GLU C 427 30.72 14.39 10.52
CA GLU C 427 31.39 13.57 9.51
C GLU C 427 30.38 13.01 8.52
N ALA C 428 30.90 12.61 7.35
CA ALA C 428 30.08 11.92 6.36
C ALA C 428 29.39 10.70 6.95
N ARG C 429 30.11 9.96 7.79
CA ARG C 429 29.55 8.78 8.44
C ARG C 429 28.33 9.11 9.28
N ASP C 430 28.22 10.37 9.72
CA ASP C 430 27.05 10.78 10.49
C ASP C 430 25.82 10.91 9.60
N LEU C 431 25.97 11.41 8.38
CA LEU C 431 24.85 11.40 7.46
C LEU C 431 24.45 9.97 7.11
N ILE C 432 25.44 9.09 6.98
CA ILE C 432 25.16 7.69 6.72
C ILE C 432 24.38 7.10 7.88
N GLU C 433 24.83 7.38 9.09
CA GLU C 433 24.16 6.91 10.29
C GLU C 433 22.77 7.52 10.46
N PHE C 434 22.53 8.71 9.90
CA PHE C 434 21.20 9.30 10.03
C PHE C 434 20.15 8.51 9.29
N GLY C 435 20.52 7.87 8.20
CA GLY C 435 19.57 7.13 7.41
C GLY C 435 19.78 7.47 5.96
N MET C 436 20.70 8.39 5.69
CA MET C 436 21.01 8.73 4.32
C MET C 436 21.86 7.66 3.68
N ILE C 437 21.49 7.33 2.45
CA ILE C 437 22.18 6.27 1.71
C ILE C 437 23.65 6.65 1.54
N PRO C 438 24.59 5.79 1.90
CA PRO C 438 26.01 6.11 1.66
C PRO C 438 26.28 6.59 0.26
N GLU C 439 25.56 6.07 -0.72
CA GLU C 439 25.64 6.59 -2.07
C GLU C 439 25.19 8.05 -2.13
N PHE C 440 24.13 8.39 -1.41
CA PHE C 440 23.60 9.75 -1.48
C PHE C 440 24.44 10.74 -0.70
N VAL C 441 25.02 10.31 0.42
CA VAL C 441 25.98 11.16 1.12
C VAL C 441 27.16 11.49 0.23
N GLY C 442 27.67 10.50 -0.50
CA GLY C 442 28.90 10.70 -1.24
C GLY C 442 28.82 11.79 -2.29
N ARG C 443 27.66 11.94 -2.93
CA ARG C 443 27.46 12.97 -3.93
C ARG C 443 26.86 14.25 -3.37
N LEU C 444 26.90 14.43 -2.05
CA LEU C 444 26.77 15.74 -1.43
C LEU C 444 28.08 16.06 -0.73
N PRO C 445 29.09 16.52 -1.47
CA PRO C 445 30.40 16.76 -0.85
C PRO C 445 30.41 17.84 0.22
N VAL C 446 29.74 18.96 0.01
CA VAL C 446 29.96 20.15 0.82
C VAL C 446 28.87 20.20 1.88
N VAL C 447 29.26 19.98 3.13
CA VAL C 447 28.34 19.89 4.24
C VAL C 447 28.51 21.15 5.07
N VAL C 448 27.42 21.89 5.26
CA VAL C 448 27.48 23.21 5.89
C VAL C 448 26.67 23.22 7.18
N PRO C 449 27.32 23.32 8.34
CA PRO C 449 26.58 23.50 9.59
C PRO C 449 26.15 24.95 9.78
N LEU C 450 24.87 25.16 10.08
CA LEU C 450 24.38 26.48 10.44
C LEU C 450 24.20 26.58 11.94
N HIS C 451 24.78 27.60 12.54
CA HIS C 451 24.87 27.64 14.00
C HIS C 451 23.55 28.02 14.65
N SER C 452 23.34 27.49 15.85
CA SER C 452 22.21 27.85 16.68
C SER C 452 22.22 29.34 17.00
N LEU C 453 21.02 29.91 17.16
CA LEU C 453 20.86 31.34 17.31
C LEU C 453 21.21 31.75 18.75
N ASP C 454 22.27 32.54 18.90
CA ASP C 454 22.63 33.10 20.18
C ASP C 454 21.65 34.19 20.59
N GLU C 455 21.66 34.50 21.89
CA GLU C 455 20.77 35.53 22.42
C GLU C 455 21.03 36.91 21.82
N LYS C 456 22.30 37.29 21.70
CA LYS C 456 22.60 38.58 21.10
C LYS C 456 22.18 38.63 19.64
N THR C 457 22.38 37.52 18.91
CA THR C 457 21.92 37.47 17.53
C THR C 457 20.43 37.69 17.44
N LEU C 458 19.69 37.23 18.44
CA LEU C 458 18.26 37.51 18.47
C LEU C 458 18.01 38.99 18.66
N VAL C 459 18.84 39.66 19.47
CA VAL C 459 18.71 41.09 19.64
C VAL C 459 18.88 41.82 18.31
N GLN C 460 19.89 41.42 17.52
CA GLN C 460 20.03 42.03 16.22
C GLN C 460 18.84 41.71 15.32
N ILE C 461 18.36 40.47 15.35
CA ILE C 461 17.27 40.07 14.47
C ILE C 461 16.04 40.94 14.71
N LEU C 462 15.80 41.33 15.97
CA LEU C 462 14.62 42.13 16.26
C LEU C 462 14.61 43.45 15.51
N THR C 463 15.76 44.06 15.32
CA THR C 463 15.79 45.40 14.73
C THR C 463 16.63 45.52 13.47
N GLU C 464 17.82 44.91 13.46
CA GLU C 464 18.83 45.28 12.46
C GLU C 464 18.44 44.87 11.04
N PRO C 465 18.25 43.59 10.73
CA PRO C 465 18.18 43.20 9.33
C PRO C 465 16.90 43.71 8.69
N ARG C 466 16.83 43.54 7.38
CA ARG C 466 15.62 43.93 6.67
C ARG C 466 14.46 43.09 7.17
N ASN C 467 13.28 43.71 7.20
CA ASN C 467 12.08 43.05 7.68
C ASN C 467 12.25 42.52 9.10
N ALA C 468 12.87 43.33 9.95
CA ALA C 468 13.01 42.95 11.34
C ALA C 468 11.65 42.96 12.00
N VAL C 469 11.52 42.23 13.11
CA VAL C 469 10.20 41.98 13.68
C VAL C 469 9.55 43.28 14.13
N ILE C 470 10.27 44.09 14.91
CA ILE C 470 9.68 45.33 15.40
C ILE C 470 9.37 46.33 14.29
N PRO C 471 10.20 46.51 13.26
CA PRO C 471 9.76 47.31 12.11
C PRO C 471 8.45 46.83 11.51
N GLN C 472 8.23 45.52 11.47
CA GLN C 472 6.96 45.02 10.98
C GLN C 472 5.82 45.47 11.87
N TYR C 473 6.00 45.37 13.19
CA TYR C 473 4.92 45.74 14.10
C TYR C 473 4.66 47.24 14.14
N GLN C 474 5.67 48.10 14.01
CA GLN C 474 5.32 49.51 14.00
C GLN C 474 4.63 49.89 12.71
N ALA C 475 4.91 49.18 11.62
CA ALA C 475 4.14 49.39 10.40
C ALA C 475 2.67 49.03 10.59
N LEU C 476 2.40 47.91 11.26
CA LEU C 476 1.01 47.60 11.62
C LEU C 476 0.37 48.70 12.45
N PHE C 477 1.07 49.15 13.48
CA PHE C 477 0.53 50.22 14.30
C PHE C 477 0.51 51.57 13.60
N SER C 478 1.48 51.85 12.73
CA SER C 478 1.42 53.10 11.99
C SER C 478 0.27 53.09 10.99
N MET C 479 -0.15 51.92 10.53
CA MET C 479 -1.36 51.85 9.71
C MET C 479 -2.61 52.15 10.52
N ASP C 480 -2.55 51.99 11.83
CA ASP C 480 -3.55 52.57 12.71
C ASP C 480 -3.16 53.97 13.16
N LYS C 481 -2.16 54.57 12.51
CA LYS C 481 -1.69 55.92 12.83
C LYS C 481 -1.27 56.03 14.29
N CYS C 482 -0.60 55.00 14.79
CA CYS C 482 -0.12 54.96 16.15
C CYS C 482 1.33 54.51 16.14
N GLU C 483 2.12 55.02 17.09
CA GLU C 483 3.52 54.67 17.22
C GLU C 483 3.75 53.66 18.32
N LEU C 484 4.79 52.83 18.13
CA LEU C 484 5.21 51.84 19.10
C LEU C 484 6.66 52.07 19.52
N ASN C 485 6.90 52.28 20.80
CA ASN C 485 8.22 52.53 21.34
C ASN C 485 8.62 51.37 22.23
N VAL C 486 9.70 50.69 21.89
CA VAL C 486 10.19 49.55 22.64
C VAL C 486 11.58 49.88 23.17
N THR C 487 11.76 49.76 24.48
CA THR C 487 13.04 50.10 25.05
C THR C 487 14.05 49.01 24.73
N GLU C 488 15.33 49.39 24.77
CA GLU C 488 16.38 48.45 24.44
C GLU C 488 16.45 47.29 25.42
N ASP C 489 16.16 47.55 26.70
CA ASP C 489 16.07 46.48 27.66
C ASP C 489 14.91 45.55 27.33
N ALA C 490 13.82 46.11 26.81
CA ALA C 490 12.71 45.26 26.38
C ALA C 490 13.14 44.32 25.27
N LEU C 491 14.06 44.76 24.41
CA LEU C 491 14.63 43.86 23.41
C LEU C 491 15.35 42.71 24.09
N LYS C 492 16.14 43.03 25.11
CA LYS C 492 16.90 42.02 25.83
C LYS C 492 15.95 41.02 26.49
N ALA C 493 14.86 41.52 27.05
CA ALA C 493 13.87 40.65 27.68
C ALA C 493 13.18 39.77 26.64
N ILE C 494 12.81 40.33 25.48
CA ILE C 494 12.10 39.54 24.49
C ILE C 494 12.99 38.43 23.96
N ALA C 495 14.25 38.73 23.67
CA ALA C 495 15.16 37.69 23.20
C ALA C 495 15.37 36.62 24.27
N ARG C 496 15.53 37.03 25.52
CA ARG C 496 15.71 36.06 26.59
C ARG C 496 14.48 35.16 26.69
N LEU C 497 13.30 35.74 26.51
CA LEU C 497 12.08 34.93 26.50
C LEU C 497 12.01 34.03 25.27
N ALA C 498 12.45 34.52 24.11
CA ALA C 498 12.37 33.71 22.90
C ALA C 498 13.36 32.55 22.93
N LEU C 499 14.53 32.77 23.53
CA LEU C 499 15.50 31.69 23.65
C LEU C 499 14.96 30.53 24.47
N GLU C 500 14.01 30.81 25.35
CA GLU C 500 13.40 29.78 26.17
C GLU C 500 12.36 28.98 25.41
N ARG C 501 11.94 29.47 24.24
CA ARG C 501 10.95 28.81 23.42
C ARG C 501 11.53 27.71 22.56
N LYS C 502 12.85 27.55 22.55
CA LYS C 502 13.55 26.55 21.75
C LYS C 502 12.96 26.43 20.35
N THR C 503 12.56 27.56 19.78
CA THR C 503 11.89 27.56 18.49
C THR C 503 12.44 28.62 17.54
N GLY C 504 13.59 29.19 17.85
CA GLY C 504 14.29 30.03 16.90
C GLY C 504 13.52 31.25 16.48
N ALA C 505 13.68 31.62 15.20
CA ALA C 505 13.17 32.90 14.73
C ALA C 505 11.66 33.00 14.77
N ARG C 506 10.95 31.89 14.91
CA ARG C 506 9.50 31.98 14.97
C ARG C 506 9.02 32.32 16.37
N GLY C 507 9.88 32.13 17.37
CA GLY C 507 9.52 32.48 18.73
C GLY C 507 9.43 33.97 18.96
N LEU C 508 10.15 34.75 18.16
CA LEU C 508 10.02 36.19 18.26
C LEU C 508 8.59 36.62 17.97
N ARG C 509 8.00 36.02 16.95
CA ARG C 509 6.64 36.37 16.59
C ARG C 509 5.66 36.01 17.69
N SER C 510 5.81 34.82 18.27
CA SER C 510 4.86 34.40 19.30
C SER C 510 4.91 35.29 20.53
N ILE C 511 6.11 35.62 21.00
CA ILE C 511 6.19 36.51 22.15
C ILE C 511 5.74 37.91 21.79
N MET C 512 6.10 38.40 20.61
CA MET C 512 5.63 39.71 20.16
C MET C 512 4.12 39.73 19.97
N GLU C 513 3.56 38.66 19.40
CA GLU C 513 2.12 38.60 19.19
C GLU C 513 1.37 38.62 20.51
N LYS C 514 1.85 37.87 21.49
CA LYS C 514 1.12 37.77 22.75
C LYS C 514 1.06 39.13 23.44
N LEU C 515 2.13 39.91 23.35
CA LEU C 515 2.17 41.16 24.10
C LEU C 515 1.18 42.19 23.55
N LEU C 516 1.03 42.26 22.22
CA LEU C 516 0.36 43.40 21.63
C LEU C 516 -1.09 43.10 21.24
N LEU C 517 -1.68 42.07 21.82
CA LEU C 517 -3.06 41.73 21.46
C LEU C 517 -4.04 42.82 21.88
N GLU C 518 -4.02 43.24 23.13
CA GLU C 518 -4.92 44.30 23.58
C GLU C 518 -4.67 45.66 22.99
N PRO C 519 -3.41 46.14 22.89
CA PRO C 519 -3.20 47.40 22.19
C PRO C 519 -3.74 47.37 20.77
N MET C 520 -3.41 46.34 20.01
CA MET C 520 -3.90 46.23 18.64
C MET C 520 -5.42 46.14 18.61
N PHE C 521 -6.04 45.58 19.63
CA PHE C 521 -7.49 45.45 19.67
C PHE C 521 -8.16 46.74 20.07
N GLU C 522 -7.47 47.57 20.84
CA GLU C 522 -8.03 48.73 21.49
C GLU C 522 -7.71 50.00 20.72
N VAL C 523 -6.51 50.07 20.15
CA VAL C 523 -6.06 51.28 19.47
C VAL C 523 -6.93 51.70 18.29
N PRO C 524 -7.36 50.80 17.39
CA PRO C 524 -7.78 51.24 16.04
C PRO C 524 -8.74 52.42 15.95
N ASN C 525 -9.60 52.66 16.93
CA ASN C 525 -10.46 53.82 16.87
C ASN C 525 -10.63 54.45 18.24
N SER C 526 -9.58 54.43 19.05
CA SER C 526 -9.61 55.01 20.39
C SER C 526 -8.75 56.25 20.50
N ASP C 527 -8.36 56.85 19.38
CA ASP C 527 -7.56 58.07 19.40
C ASP C 527 -6.26 57.88 20.16
N ILE C 528 -5.62 56.74 19.99
CA ILE C 528 -4.36 56.47 20.67
C ILE C 528 -3.23 57.11 19.88
N VAL C 529 -2.40 57.90 20.57
CA VAL C 529 -1.30 58.55 19.88
C VAL C 529 -0.09 57.65 19.79
N CYS C 530 0.27 56.97 20.87
CA CYS C 530 1.46 56.13 20.87
C CYS C 530 1.28 55.01 21.89
N VAL C 531 2.03 53.94 21.70
CA VAL C 531 2.01 52.79 22.60
C VAL C 531 3.40 52.64 23.19
N GLU C 532 3.47 52.57 24.51
CA GLU C 532 4.75 52.48 25.20
C GLU C 532 4.93 51.09 25.75
N VAL C 533 6.04 50.47 25.40
CA VAL C 533 6.40 49.15 25.87
C VAL C 533 7.69 49.24 26.67
N ASP C 534 7.62 48.91 27.95
CA ASP C 534 8.80 48.90 28.80
C ASP C 534 9.18 47.46 29.13
N LYS C 535 10.27 47.30 29.88
CA LYS C 535 10.70 45.96 30.29
C LYS C 535 9.71 45.31 31.25
N GLU C 536 9.15 46.09 32.17
CA GLU C 536 8.13 45.54 33.08
C GLU C 536 6.91 45.11 32.30
N VAL C 537 6.57 45.82 31.24
CA VAL C 537 5.43 45.47 30.40
C VAL C 537 5.63 44.11 29.78
N VAL C 538 6.83 43.84 29.27
CA VAL C 538 7.14 42.54 28.70
C VAL C 538 7.07 41.46 29.77
N GLU C 539 7.56 41.77 30.97
CA GLU C 539 7.55 40.82 32.06
C GLU C 539 6.15 40.53 32.58
N GLY C 540 5.13 41.26 32.12
CA GLY C 540 3.79 41.04 32.59
C GLY C 540 3.45 41.79 33.86
N LYS C 541 4.31 42.70 34.28
CA LYS C 541 4.10 43.49 35.48
C LYS C 541 3.27 44.73 35.23
N LYS C 542 3.02 45.06 33.97
CA LYS C 542 2.27 46.26 33.63
C LYS C 542 1.39 45.99 32.43
N GLU C 543 0.34 46.74 32.35
CA GLU C 543 -0.37 46.81 31.10
C GLU C 543 0.36 47.76 30.16
N PRO C 544 0.23 47.57 28.84
CA PRO C 544 0.86 48.50 27.90
C PRO C 544 0.26 49.89 28.01
N GLY C 545 1.14 50.87 28.14
CA GLY C 545 0.71 52.25 28.31
C GLY C 545 0.18 52.85 27.03
N TYR C 546 -0.79 53.76 27.20
CA TYR C 546 -1.36 54.50 26.09
C TYR C 546 -1.23 56.00 26.36
N ILE C 547 -0.92 56.75 25.31
CA ILE C 547 -0.95 58.20 25.36
C ILE C 547 -2.04 58.69 24.41
N ARG C 548 -3.03 59.37 24.96
CA ARG C 548 -4.21 59.85 24.25
C ARG C 548 -4.01 61.20 23.58
N ALA C 549 -4.61 61.36 22.42
CA ALA C 549 -4.57 62.64 21.71
C ALA C 549 -5.49 63.64 22.39
N PRO D 109 -13.45 49.60 3.50
CA PRO D 109 -12.48 49.57 4.60
C PRO D 109 -12.74 48.41 5.55
N PRO D 110 -11.71 47.98 6.28
CA PRO D 110 -11.85 46.81 7.12
C PRO D 110 -12.70 47.11 8.34
N PRO D 111 -13.50 46.14 8.80
CA PRO D 111 -14.27 46.35 10.02
C PRO D 111 -13.34 46.39 11.21
N PRO D 112 -13.67 47.18 12.24
CA PRO D 112 -12.82 47.20 13.41
C PRO D 112 -12.92 45.90 14.18
N PRO D 113 -11.87 45.52 14.89
CA PRO D 113 -11.91 44.26 15.64
C PRO D 113 -12.93 44.22 16.75
N LYS D 114 -13.27 45.34 17.36
CA LYS D 114 -14.29 45.31 18.40
C LYS D 114 -15.66 44.98 17.81
N LYS D 115 -15.96 45.42 16.59
CA LYS D 115 -17.24 45.08 15.98
C LYS D 115 -17.37 43.57 15.81
N ILE D 116 -16.29 42.90 15.43
CA ILE D 116 -16.33 41.44 15.32
C ILE D 116 -16.54 40.81 16.69
N TYR D 117 -16.02 41.43 17.73
CA TYR D 117 -16.24 40.91 19.07
C TYR D 117 -17.70 40.99 19.47
N ASN D 118 -18.36 42.11 19.20
CA ASN D 118 -19.80 42.18 19.46
C ASN D 118 -20.57 41.23 18.55
N TYR D 119 -20.19 41.14 17.28
CA TYR D 119 -20.88 40.23 16.37
C TYR D 119 -20.73 38.77 16.79
N LEU D 120 -19.51 38.36 17.14
CA LEU D 120 -19.32 36.97 17.56
C LEU D 120 -19.99 36.70 18.89
N ASP D 121 -20.11 37.70 19.74
CA ASP D 121 -20.79 37.48 20.99
C ASP D 121 -22.26 37.16 20.78
N LYS D 122 -22.83 37.48 19.61
CA LYS D 122 -24.23 37.15 19.38
C LYS D 122 -24.42 35.66 19.17
N TYR D 123 -23.45 34.98 18.57
CA TYR D 123 -23.59 33.57 18.24
C TYR D 123 -22.89 32.64 19.20
N VAL D 124 -21.90 33.12 19.96
CA VAL D 124 -21.16 32.28 20.89
C VAL D 124 -21.19 32.96 22.25
N VAL D 125 -21.44 32.18 23.29
CA VAL D 125 -21.73 32.76 24.59
C VAL D 125 -20.46 33.20 25.30
N GLY D 126 -19.58 32.27 25.61
CA GLY D 126 -18.38 32.57 26.34
C GLY D 126 -17.19 32.78 25.42
N GLN D 127 -16.00 32.71 26.03
CA GLN D 127 -14.75 32.69 25.29
C GLN D 127 -14.48 34.00 24.53
N SER D 128 -14.56 35.11 25.26
CA SER D 128 -14.25 36.40 24.66
C SER D 128 -12.78 36.46 24.23
N PHE D 129 -11.90 35.82 25.00
CA PHE D 129 -10.47 35.82 24.68
C PHE D 129 -10.22 35.17 23.32
N ALA D 130 -10.94 34.09 23.01
CA ALA D 130 -10.83 33.49 21.70
C ALA D 130 -11.41 34.39 20.63
N LYS D 131 -12.60 34.93 20.87
CA LYS D 131 -13.18 35.93 19.98
C LYS D 131 -12.20 37.07 19.73
N LYS D 132 -11.58 37.58 20.79
CA LYS D 132 -10.71 38.75 20.62
C LYS D 132 -9.48 38.43 19.80
N VAL D 133 -8.85 37.28 20.02
CA VAL D 133 -7.69 36.94 19.21
C VAL D 133 -8.09 36.80 17.75
N LEU D 134 -9.20 36.12 17.47
CA LEU D 134 -9.65 36.00 16.09
C LEU D 134 -10.03 37.36 15.52
N SER D 135 -10.60 38.23 16.34
CA SER D 135 -10.94 39.57 15.90
C SER D 135 -9.69 40.32 15.44
N VAL D 136 -8.64 40.30 16.25
CA VAL D 136 -7.38 40.90 15.85
C VAL D 136 -6.78 40.18 14.64
N ALA D 137 -6.92 38.86 14.60
CA ALA D 137 -6.44 38.08 13.46
C ALA D 137 -7.06 38.48 12.14
N VAL D 138 -8.38 38.69 12.11
CA VAL D 138 -9.01 39.16 10.89
C VAL D 138 -8.53 40.55 10.51
N TYR D 139 -8.51 41.47 11.48
CA TYR D 139 -8.15 42.84 11.17
C TYR D 139 -6.68 42.96 10.76
N ASN D 140 -5.78 42.22 11.40
CA ASN D 140 -4.40 42.18 10.93
C ASN D 140 -4.27 41.64 9.51
N HIS D 141 -4.99 40.56 9.20
CA HIS D 141 -5.04 40.06 7.83
C HIS D 141 -5.51 41.12 6.84
N TYR D 142 -6.58 41.83 7.18
CA TYR D 142 -7.07 42.87 6.28
C TYR D 142 -6.05 43.97 6.00
N LYS D 143 -5.29 44.40 7.01
CA LYS D 143 -4.20 45.34 6.76
C LYS D 143 -3.08 44.72 5.94
N ARG D 144 -2.79 43.45 6.19
CA ARG D 144 -1.68 42.78 5.51
C ARG D 144 -1.95 42.54 4.03
N ILE D 145 -3.18 42.21 3.63
CA ILE D 145 -3.43 42.02 2.21
C ILE D 145 -3.42 43.32 1.40
N TYR D 146 -3.63 44.49 2.02
CA TYR D 146 -3.28 45.73 1.35
C TYR D 146 -1.77 45.95 1.31
N ASN D 147 -1.13 45.88 2.47
CA ASN D 147 0.29 46.22 2.57
C ASN D 147 1.14 45.40 1.60
N ASN D 148 0.85 44.12 1.48
CA ASN D 148 1.63 43.27 0.59
C ASN D 148 1.17 43.36 -0.86
N ILE D 149 0.29 44.29 -1.19
CA ILE D 149 -0.09 44.50 -2.58
C ILE D 149 -0.13 45.97 -2.91
N LYS D 227 7.97 44.58 4.13
CA LYS D 227 6.93 43.60 3.85
C LYS D 227 6.44 42.94 5.13
N LEU D 228 5.22 42.42 5.08
CA LEU D 228 4.58 41.84 6.26
C LEU D 228 4.36 40.34 6.14
N GLU D 229 4.48 39.65 7.26
CA GLU D 229 4.32 38.19 7.30
C GLU D 229 3.22 37.80 8.28
N LYS D 230 2.44 36.79 7.89
CA LYS D 230 1.29 36.32 8.64
C LYS D 230 1.67 35.49 9.85
N SER D 231 0.80 35.49 10.87
CA SER D 231 0.86 34.55 11.98
C SER D 231 -0.40 33.70 11.98
N ASN D 232 -0.24 32.40 11.73
CA ASN D 232 -1.38 31.48 11.79
C ASN D 232 -1.77 31.17 13.23
N ILE D 233 -2.97 30.64 13.40
CA ILE D 233 -3.58 30.44 14.72
C ILE D 233 -3.99 29.00 14.96
N LEU D 234 -3.69 28.50 16.17
CA LEU D 234 -4.09 27.18 16.63
C LEU D 234 -5.09 27.30 17.78
N LEU D 235 -6.28 26.73 17.60
CA LEU D 235 -7.31 26.76 18.62
C LEU D 235 -7.36 25.41 19.33
N LEU D 236 -7.24 25.44 20.65
CA LEU D 236 -7.35 24.25 21.49
C LEU D 236 -8.75 24.14 22.09
N GLY D 237 -9.49 23.12 21.68
CA GLY D 237 -10.85 22.98 22.09
C GLY D 237 -11.12 21.66 22.78
N PRO D 238 -11.22 21.68 24.12
CA PRO D 238 -11.72 20.50 24.82
C PRO D 238 -13.14 20.20 24.35
N THR D 239 -13.42 18.92 24.15
CA THR D 239 -14.41 18.51 23.17
C THR D 239 -15.79 19.07 23.50
N GLY D 240 -16.57 19.28 22.46
CA GLY D 240 -17.91 19.81 22.58
C GLY D 240 -18.02 21.30 22.79
N SER D 241 -17.04 22.06 22.32
CA SER D 241 -16.98 23.49 22.60
C SER D 241 -16.85 24.24 21.29
N GLY D 242 -16.74 25.56 21.39
CA GLY D 242 -17.04 26.45 20.29
C GLY D 242 -16.37 26.15 18.95
N LYS D 243 -15.24 25.43 18.98
CA LYS D 243 -14.25 25.53 17.92
C LYS D 243 -14.85 25.39 16.52
N THR D 244 -15.66 24.35 16.30
CA THR D 244 -16.30 24.21 14.99
C THR D 244 -17.35 25.29 14.74
N LEU D 245 -18.03 25.75 15.79
CA LEU D 245 -18.97 26.86 15.63
C LEU D 245 -18.26 28.19 15.45
N LEU D 246 -17.13 28.39 16.13
CA LEU D 246 -16.34 29.60 15.90
C LEU D 246 -15.96 29.74 14.44
N ALA D 247 -15.49 28.65 13.84
CA ALA D 247 -15.16 28.70 12.42
C ALA D 247 -16.37 29.11 11.59
N GLN D 248 -17.51 28.45 11.81
CA GLN D 248 -18.69 28.72 11.02
C GLN D 248 -19.23 30.13 11.23
N THR D 249 -19.25 30.60 12.47
CA THR D 249 -19.79 31.92 12.73
C THR D 249 -18.84 33.02 12.26
N LEU D 250 -17.55 32.83 12.48
CA LEU D 250 -16.57 33.77 11.97
C LEU D 250 -16.56 33.78 10.46
N ALA D 251 -16.70 32.60 9.85
CA ALA D 251 -16.70 32.50 8.39
C ALA D 251 -17.72 33.41 7.74
N LYS D 252 -18.90 33.54 8.34
CA LYS D 252 -19.93 34.39 7.74
C LYS D 252 -19.55 35.87 7.68
N CYS D 253 -18.60 36.33 8.49
CA CYS D 253 -18.12 37.69 8.30
C CYS D 253 -17.33 37.85 7.02
N LEU D 254 -16.70 36.79 6.54
CA LEU D 254 -15.54 36.95 5.67
C LEU D 254 -15.97 37.39 4.28
N ASP D 255 -15.43 38.52 3.84
CA ASP D 255 -15.52 38.89 2.43
C ASP D 255 -14.64 38.01 1.56
N VAL D 256 -13.51 37.55 2.08
CA VAL D 256 -12.65 36.57 1.42
C VAL D 256 -13.18 35.16 1.65
N PRO D 257 -12.82 34.19 0.81
CA PRO D 257 -13.33 32.83 0.97
C PRO D 257 -12.78 32.12 2.18
N PHE D 258 -13.48 31.05 2.55
CA PHE D 258 -13.08 30.19 3.65
C PHE D 258 -13.40 28.74 3.29
N ALA D 259 -12.62 27.83 3.85
CA ALA D 259 -12.78 26.42 3.59
C ALA D 259 -12.38 25.66 4.84
N ILE D 260 -13.25 24.79 5.32
CA ILE D 260 -13.00 24.03 6.53
C ILE D 260 -12.91 22.57 6.13
N CYS D 261 -11.71 21.99 6.23
CA CYS D 261 -11.49 20.64 5.74
C CYS D 261 -10.62 19.87 6.71
N ASP D 262 -10.71 18.55 6.62
CA ASP D 262 -9.85 17.70 7.43
C ASP D 262 -8.62 17.33 6.61
N ILE D 276 -3.58 16.36 0.00
CA ILE D 276 -3.28 17.56 0.76
C ILE D 276 -3.52 18.79 -0.11
N GLU D 277 -3.27 18.66 -1.41
CA GLU D 277 -3.60 19.77 -2.30
C GLU D 277 -5.11 19.94 -2.43
N SER D 278 -5.88 18.96 -1.97
CA SER D 278 -7.33 19.11 -1.93
C SER D 278 -7.73 20.25 -1.04
N VAL D 279 -6.90 20.57 -0.05
CA VAL D 279 -7.15 21.73 0.80
C VAL D 279 -7.14 22.99 -0.04
N ILE D 280 -6.11 23.16 -0.87
CA ILE D 280 -6.07 24.28 -1.78
C ILE D 280 -7.16 24.16 -2.82
N ALA D 281 -7.49 22.93 -3.22
CA ALA D 281 -8.56 22.73 -4.19
C ALA D 281 -9.89 23.17 -3.62
N LYS D 282 -10.14 22.85 -2.35
CA LYS D 282 -11.38 23.24 -1.71
C LYS D 282 -11.51 24.76 -1.60
N LEU D 283 -10.42 25.44 -1.26
CA LEU D 283 -10.45 26.90 -1.19
C LEU D 283 -10.73 27.56 -2.54
N LEU D 284 -10.02 27.13 -3.59
CA LEU D 284 -10.16 27.76 -4.89
C LEU D 284 -11.57 27.62 -5.45
N GLN D 285 -12.22 26.49 -5.17
CA GLN D 285 -13.56 26.28 -5.66
C GLN D 285 -14.54 27.30 -5.08
N ASP D 286 -14.38 27.64 -3.80
CA ASP D 286 -15.29 28.59 -3.17
C ASP D 286 -15.19 29.97 -3.78
N ALA D 287 -14.02 30.39 -4.22
CA ALA D 287 -13.84 31.73 -4.77
C ALA D 287 -14.24 31.82 -6.23
N ASN D 288 -15.01 30.86 -6.72
CA ASN D 288 -15.48 30.83 -8.11
C ASN D 288 -14.31 30.90 -9.07
N TYR D 289 -13.22 30.23 -8.70
CA TYR D 289 -12.01 30.14 -9.51
C TYR D 289 -11.41 31.51 -9.83
N ASN D 290 -11.77 32.54 -9.05
CA ASN D 290 -11.20 33.88 -9.18
C ASN D 290 -9.89 33.89 -8.40
N VAL D 291 -8.77 33.77 -9.12
CA VAL D 291 -7.49 33.51 -8.48
C VAL D 291 -7.01 34.69 -7.64
N GLU D 292 -7.23 35.93 -8.07
CA GLU D 292 -6.75 37.03 -7.25
C GLU D 292 -7.50 37.17 -5.93
N LYS D 293 -8.75 36.73 -5.87
CA LYS D 293 -9.46 36.71 -4.60
C LYS D 293 -9.24 35.42 -3.82
N ALA D 294 -9.06 34.30 -4.51
CA ALA D 294 -8.82 33.03 -3.83
C ALA D 294 -7.52 33.00 -3.06
N GLN D 295 -6.46 33.63 -3.58
CA GLN D 295 -5.18 33.59 -2.86
C GLN D 295 -5.18 34.34 -1.54
N GLN D 296 -6.21 35.10 -1.23
CA GLN D 296 -6.27 35.86 0.02
C GLN D 296 -7.05 35.16 1.13
N GLY D 297 -7.40 33.90 0.94
CA GLY D 297 -8.43 33.29 1.76
C GLY D 297 -8.01 32.95 3.18
N ILE D 298 -9.00 32.49 3.94
CA ILE D 298 -8.83 32.00 5.30
C ILE D 298 -9.25 30.54 5.33
N VAL D 299 -8.28 29.65 5.47
CA VAL D 299 -8.50 28.21 5.42
C VAL D 299 -8.41 27.62 6.83
N PHE D 300 -9.38 26.79 7.18
CA PHE D 300 -9.40 26.08 8.45
C PHE D 300 -8.98 24.63 8.27
N LEU D 301 -7.90 24.23 8.93
CA LEU D 301 -7.44 22.85 8.92
C LEU D 301 -7.93 22.24 10.22
N ASP D 302 -8.93 21.39 10.14
CA ASP D 302 -9.45 20.78 11.34
C ASP D 302 -8.61 19.59 11.79
N GLN D 303 -8.84 19.21 13.04
CA GLN D 303 -8.31 17.99 13.62
C GLN D 303 -6.81 17.86 13.47
N VAL D 304 -6.10 18.95 13.79
CA VAL D 304 -4.66 18.93 13.73
C VAL D 304 -4.09 17.99 14.77
N ASP D 305 -4.81 17.76 15.86
CA ASP D 305 -4.38 16.74 16.81
C ASP D 305 -4.58 15.33 16.29
N LYS D 306 -5.40 15.15 15.27
CA LYS D 306 -5.60 13.82 14.73
C LYS D 306 -4.46 13.36 13.84
N ILE D 307 -3.58 14.25 13.43
CA ILE D 307 -2.34 13.82 12.79
C ILE D 307 -1.18 13.93 13.77
N GLY D 321 0.07 10.46 10.00
CA GLY D 321 0.42 11.27 11.17
C GLY D 321 1.47 12.30 10.87
N GLU D 322 2.74 11.90 11.05
CA GLU D 322 3.85 12.79 10.74
C GLU D 322 3.84 13.25 9.29
N GLY D 323 3.40 12.39 8.37
CA GLY D 323 3.45 12.74 6.96
C GLY D 323 2.65 13.97 6.61
N VAL D 324 1.44 14.09 7.15
CA VAL D 324 0.64 15.27 6.88
C VAL D 324 1.24 16.50 7.57
N GLN D 325 1.78 16.34 8.78
CA GLN D 325 2.39 17.49 9.46
C GLN D 325 3.52 18.08 8.64
N GLN D 326 4.48 17.26 8.26
CA GLN D 326 5.63 17.75 7.53
C GLN D 326 5.33 18.01 6.06
N GLY D 327 4.20 17.54 5.55
CA GLY D 327 3.85 17.84 4.18
C GLY D 327 3.17 19.18 4.06
N LEU D 328 2.53 19.64 5.13
CA LEU D 328 1.84 20.93 5.14
C LEU D 328 2.76 22.11 5.40
N LEU D 329 4.04 21.87 5.65
CA LEU D 329 4.96 22.96 5.96
C LEU D 329 5.05 23.96 4.82
N LYS D 330 5.17 23.47 3.59
CA LYS D 330 5.29 24.37 2.44
C LYS D 330 4.05 25.21 2.20
N LEU D 331 2.84 24.69 2.45
CA LEU D 331 1.68 25.56 2.32
C LEU D 331 1.70 26.66 3.37
N LEU D 332 1.94 26.28 4.62
CA LEU D 332 1.96 27.24 5.73
C LEU D 332 2.98 28.34 5.48
N GLU D 333 4.21 27.98 5.16
CA GLU D 333 5.27 28.95 4.92
C GLU D 333 5.10 29.66 3.60
N GLY D 334 4.16 29.21 2.77
CA GLY D 334 4.03 29.72 1.42
C GLY D 334 4.82 28.91 0.42
N THR D 335 4.10 28.30 -0.51
CA THR D 335 4.68 27.60 -1.64
C THR D 335 3.72 27.68 -2.79
N ILE D 336 4.25 27.51 -4.00
CA ILE D 336 3.38 27.31 -5.13
C ILE D 336 2.78 25.92 -5.06
N VAL D 337 1.48 25.83 -5.23
CA VAL D 337 0.82 24.55 -5.42
C VAL D 337 -0.21 24.75 -6.52
N ASN D 338 -0.33 23.76 -7.40
CA ASN D 338 -1.32 23.82 -8.46
C ASN D 338 -2.50 22.92 -8.12
N VAL D 339 -3.69 23.48 -8.16
CA VAL D 339 -4.91 22.70 -8.08
C VAL D 339 -5.14 22.04 -9.43
N PRO D 340 -5.18 20.70 -9.49
CA PRO D 340 -5.41 19.98 -10.75
C PRO D 340 -6.83 20.16 -11.28
N THR D 351 -4.21 22.59 -14.86
CA THR D 351 -4.13 22.95 -13.46
C THR D 351 -4.15 24.46 -13.30
N VAL D 352 -4.42 24.91 -12.08
CA VAL D 352 -4.34 26.32 -11.72
C VAL D 352 -3.15 26.49 -10.78
N GLN D 353 -2.23 27.37 -11.12
CA GLN D 353 -1.12 27.66 -10.23
C GLN D 353 -1.57 28.58 -9.11
N VAL D 354 -1.23 28.20 -7.87
CA VAL D 354 -1.66 28.92 -6.67
C VAL D 354 -0.44 29.15 -5.79
N ASP D 355 -0.40 30.31 -5.13
CA ASP D 355 0.60 30.62 -4.11
C ASP D 355 -0.05 30.68 -2.74
N THR D 356 0.40 29.81 -1.84
CA THR D 356 -0.17 29.69 -0.51
C THR D 356 0.37 30.69 0.50
N THR D 357 1.28 31.57 0.10
CA THR D 357 1.91 32.51 1.03
C THR D 357 0.90 33.32 1.83
N ASN D 358 -0.20 33.75 1.19
CA ASN D 358 -1.23 34.57 1.83
C ASN D 358 -2.39 33.78 2.44
N ILE D 359 -2.32 32.45 2.50
CA ILE D 359 -3.35 31.71 3.20
C ILE D 359 -3.22 31.92 4.69
N LEU D 360 -4.31 32.33 5.33
CA LEU D 360 -4.36 32.35 6.77
C LEU D 360 -4.86 31.01 7.24
N PHE D 361 -4.08 30.33 8.08
CA PHE D 361 -4.47 29.03 8.58
C PHE D 361 -5.00 29.17 10.00
N VAL D 362 -6.24 28.77 10.20
CA VAL D 362 -6.77 28.61 11.54
C VAL D 362 -6.93 27.11 11.73
N ALA D 363 -6.19 26.57 12.68
CA ALA D 363 -6.17 25.14 12.93
C ALA D 363 -6.91 24.84 14.21
N SER D 364 -7.61 23.71 14.23
CA SER D 364 -8.36 23.31 15.40
C SER D 364 -7.97 21.88 15.75
N GLY D 365 -7.80 21.62 17.04
CA GLY D 365 -7.50 20.28 17.51
C GLY D 365 -7.73 20.21 18.99
N ALA D 366 -8.16 19.03 19.45
CA ALA D 366 -8.45 18.87 20.87
C ALA D 366 -7.18 18.84 21.72
N PHE D 367 -6.13 18.19 21.24
CA PHE D 367 -4.94 17.94 22.05
C PHE D 367 -5.30 17.28 23.37
N ASN D 368 -6.05 16.19 23.27
CA ASN D 368 -6.53 15.47 24.44
C ASN D 368 -5.38 15.01 25.33
N GLY D 369 -5.55 15.19 26.64
CA GLY D 369 -4.53 14.79 27.57
C GLY D 369 -3.33 15.70 27.63
N LEU D 370 -3.30 16.76 26.83
CA LEU D 370 -2.25 17.77 26.97
C LEU D 370 -2.26 18.45 28.32
N ASP D 371 -3.43 18.55 28.95
CA ASP D 371 -3.47 19.04 30.33
C ASP D 371 -2.64 18.18 31.26
N ARG D 372 -2.76 16.87 31.13
CA ARG D 372 -1.93 15.98 31.94
C ARG D 372 -0.46 16.07 31.54
N ILE D 373 -0.19 16.27 30.26
CA ILE D 373 1.18 16.52 29.81
C ILE D 373 1.75 17.76 30.46
N ILE D 374 1.07 18.89 30.31
CA ILE D 374 1.51 20.14 30.91
C ILE D 374 1.55 20.05 32.44
N SER D 375 0.57 19.35 33.01
CA SER D 375 0.57 19.14 34.46
C SER D 375 1.85 18.45 34.93
N ARG D 376 2.23 17.36 34.26
CA ARG D 376 3.50 16.71 34.61
C ARG D 376 4.67 17.69 34.51
N ARG D 377 4.72 18.49 33.45
CA ARG D 377 5.73 19.54 33.40
C ARG D 377 5.63 20.45 34.62
N LYS D 378 4.41 20.84 34.99
CA LYS D 378 4.21 21.67 36.16
C LYS D 378 4.21 20.88 37.46
N ASN D 379 4.17 19.55 37.41
CA ASN D 379 4.21 18.74 38.62
C ASN D 379 5.58 18.16 38.90
N GLU D 380 6.31 17.76 37.86
CA GLU D 380 7.64 17.18 38.06
C GLU D 380 8.66 18.25 38.41
N LYS D 381 8.39 19.52 38.13
CA LYS D 381 9.25 20.60 38.57
C LYS D 381 9.41 20.57 40.10
N TYR D 382 10.66 20.55 40.55
CA TYR D 382 11.07 20.44 41.95
C TYR D 382 10.55 19.17 42.63
N LEU D 383 10.06 18.20 41.87
CA LEU D 383 9.58 16.96 42.48
C LEU D 383 10.71 16.00 42.81
N GLY D 384 11.77 15.97 41.99
CA GLY D 384 12.91 15.13 42.28
C GLY D 384 13.70 15.56 43.49
N PHE D 385 14.41 14.60 44.07
CA PHE D 385 15.14 14.81 45.32
C PHE D 385 16.31 15.78 45.16
N GLY D 386 16.76 16.03 43.93
CA GLY D 386 17.82 16.99 43.71
C GLY D 386 17.42 18.44 43.79
N THR D 387 16.13 18.72 43.95
CA THR D 387 15.63 20.09 44.04
C THR D 387 16.20 20.80 45.26
N ILE D 416 -11.46 19.53 36.24
CA ILE D 416 -12.05 20.48 35.31
C ILE D 416 -11.57 21.88 35.65
N GLU D 417 -11.54 22.20 36.94
CA GLU D 417 -11.06 23.51 37.36
C GLU D 417 -9.61 23.70 36.95
N GLU D 418 -8.79 22.68 37.15
CA GLU D 418 -7.41 22.73 36.72
C GLU D 418 -7.30 22.74 35.20
N LYS D 419 -8.25 22.10 34.51
CA LYS D 419 -8.18 22.03 33.06
C LYS D 419 -8.31 23.41 32.43
N ASP D 420 -9.22 24.23 32.90
CA ASP D 420 -9.33 25.57 32.34
C ASP D 420 -8.15 26.44 32.78
N ARG D 421 -7.75 26.36 34.05
CA ARG D 421 -6.65 27.17 34.54
C ARG D 421 -5.33 26.79 33.90
N LEU D 422 -5.06 25.49 33.80
CA LEU D 422 -3.79 25.00 33.28
C LEU D 422 -3.65 25.26 31.80
N LEU D 423 -4.73 25.07 31.04
CA LEU D 423 -4.66 25.17 29.60
C LEU D 423 -4.45 26.60 29.09
N ARG D 424 -4.52 27.61 29.96
CA ARG D 424 -4.08 28.94 29.54
C ARG D 424 -2.58 29.02 29.33
N HIS D 425 -1.81 28.09 29.87
CA HIS D 425 -0.36 28.13 29.84
C HIS D 425 0.26 27.10 28.89
N VAL D 426 -0.43 26.78 27.80
CA VAL D 426 0.17 25.94 26.76
C VAL D 426 1.41 26.61 26.19
N GLU D 427 2.49 25.84 26.04
CA GLU D 427 3.76 26.36 25.53
C GLU D 427 4.36 25.38 24.52
N ALA D 428 5.33 25.90 23.75
CA ALA D 428 5.88 25.18 22.61
C ALA D 428 6.41 23.80 22.96
N ARG D 429 7.02 23.65 24.13
CA ARG D 429 7.49 22.34 24.57
C ARG D 429 6.34 21.36 24.67
N ASP D 430 5.18 21.85 25.08
CA ASP D 430 4.01 21.00 25.28
C ASP D 430 3.38 20.59 23.96
N LEU D 431 3.25 21.52 23.03
CA LEU D 431 2.76 21.16 21.70
C LEU D 431 3.71 20.19 21.01
N ILE D 432 5.01 20.42 21.13
CA ILE D 432 5.98 19.44 20.62
C ILE D 432 5.78 18.11 21.32
N GLU D 433 5.76 18.12 22.65
CA GLU D 433 5.67 16.88 23.41
C GLU D 433 4.37 16.11 23.13
N PHE D 434 3.32 16.79 22.68
CA PHE D 434 2.10 16.08 22.27
C PHE D 434 2.33 15.16 21.09
N GLY D 435 3.46 15.27 20.42
CA GLY D 435 3.70 14.58 19.19
C GLY D 435 3.55 15.46 17.98
N MET D 436 3.86 16.75 18.10
CA MET D 436 3.89 17.66 16.99
C MET D 436 5.34 17.99 16.66
N ILE D 437 5.69 17.90 15.38
CA ILE D 437 7.00 18.35 14.94
C ILE D 437 7.21 19.80 15.34
N PRO D 438 8.32 20.15 15.99
CA PRO D 438 8.62 21.56 16.24
C PRO D 438 8.57 22.40 14.98
N GLU D 439 8.89 21.80 13.84
CA GLU D 439 8.73 22.46 12.54
C GLU D 439 7.30 22.97 12.38
N PHE D 440 6.33 22.20 12.84
CA PHE D 440 4.92 22.53 12.74
C PHE D 440 4.44 23.40 13.89
N VAL D 441 4.91 23.14 15.11
CA VAL D 441 4.57 23.99 16.23
C VAL D 441 5.07 25.42 16.02
N GLY D 442 6.25 25.58 15.43
CA GLY D 442 6.79 26.90 15.22
C GLY D 442 5.96 27.78 14.30
N ARG D 443 5.47 27.23 13.19
CA ARG D 443 4.78 28.05 12.21
C ARG D 443 3.30 28.24 12.47
N LEU D 444 2.80 27.74 13.59
CA LEU D 444 1.56 28.23 14.18
C LEU D 444 1.91 28.98 15.46
N PRO D 445 2.38 30.23 15.35
CA PRO D 445 2.85 30.92 16.56
C PRO D 445 1.75 31.26 17.55
N VAL D 446 0.54 31.59 17.12
CA VAL D 446 -0.49 32.04 18.04
C VAL D 446 -1.29 30.83 18.50
N VAL D 447 -1.31 30.61 19.81
CA VAL D 447 -2.06 29.51 20.39
C VAL D 447 -3.16 30.08 21.27
N VAL D 448 -4.40 29.72 20.96
CA VAL D 448 -5.59 30.26 21.62
C VAL D 448 -6.33 29.12 22.28
N PRO D 449 -6.23 29.00 23.59
CA PRO D 449 -6.96 27.95 24.29
C PRO D 449 -8.40 28.34 24.59
N LEU D 450 -9.31 27.42 24.33
CA LEU D 450 -10.72 27.61 24.64
C LEU D 450 -11.03 26.91 25.95
N HIS D 451 -11.60 27.66 26.89
CA HIS D 451 -11.97 27.10 28.17
C HIS D 451 -13.18 26.18 28.06
N SER D 452 -13.30 25.28 29.03
CA SER D 452 -14.46 24.44 29.20
C SER D 452 -15.70 25.28 29.49
N LEU D 453 -16.86 24.62 29.39
CA LEU D 453 -18.16 25.28 29.48
C LEU D 453 -18.73 25.05 30.88
N ASP D 454 -19.27 26.11 31.47
CA ASP D 454 -19.82 26.02 32.81
C ASP D 454 -21.34 25.86 32.77
N GLU D 455 -21.94 25.73 33.95
CA GLU D 455 -23.39 25.66 34.05
C GLU D 455 -24.05 26.99 33.69
N LYS D 456 -23.50 28.10 34.18
CA LYS D 456 -24.03 29.41 33.87
C LYS D 456 -24.01 29.69 32.38
N THR D 457 -23.07 29.07 31.67
CA THR D 457 -22.99 29.24 30.22
C THR D 457 -23.94 28.32 29.50
N LEU D 458 -24.18 27.13 30.04
CA LEU D 458 -25.10 26.22 29.41
C LEU D 458 -26.52 26.77 29.45
N VAL D 459 -26.91 27.37 30.57
CA VAL D 459 -28.23 27.98 30.67
C VAL D 459 -28.38 29.11 29.66
N GLN D 460 -27.35 29.93 29.53
CA GLN D 460 -27.42 31.02 28.57
C GLN D 460 -27.53 30.50 27.15
N ILE D 461 -26.79 29.44 26.81
CA ILE D 461 -26.82 28.87 25.48
C ILE D 461 -28.23 28.40 25.15
N LEU D 462 -28.91 27.81 26.12
CA LEU D 462 -30.26 27.32 25.90
C LEU D 462 -31.20 28.43 25.48
N THR D 463 -30.96 29.64 25.93
CA THR D 463 -31.91 30.71 25.67
C THR D 463 -31.33 31.86 24.87
N GLU D 464 -30.19 32.42 25.30
CA GLU D 464 -29.79 33.74 24.78
C GLU D 464 -29.38 33.71 23.31
N PRO D 465 -28.35 32.97 22.90
CA PRO D 465 -27.77 33.19 21.58
C PRO D 465 -28.72 32.73 20.49
N ARG D 466 -28.36 33.11 19.27
CA ARG D 466 -29.17 32.73 18.11
C ARG D 466 -29.17 31.22 17.93
N ASN D 467 -30.30 30.70 17.43
CA ASN D 467 -30.51 29.25 17.26
C ASN D 467 -30.32 28.49 18.57
N ALA D 468 -30.79 29.06 19.68
CA ALA D 468 -30.66 28.38 20.95
C ALA D 468 -31.53 27.13 20.97
N VAL D 469 -31.19 26.19 21.83
CA VAL D 469 -31.82 24.87 21.77
C VAL D 469 -33.30 24.96 22.12
N ILE D 470 -33.63 25.62 23.22
CA ILE D 470 -35.01 25.62 23.69
C ILE D 470 -35.91 26.41 22.72
N PRO D 471 -35.50 27.58 22.22
CA PRO D 471 -36.32 28.24 21.21
C PRO D 471 -36.53 27.42 19.94
N GLN D 472 -35.53 26.65 19.52
CA GLN D 472 -35.74 25.73 18.41
C GLN D 472 -36.84 24.72 18.71
N TYR D 473 -36.78 24.09 19.88
CA TYR D 473 -37.87 23.22 20.28
C TYR D 473 -39.17 24.00 20.46
N GLN D 474 -39.09 25.24 20.92
CA GLN D 474 -40.29 26.07 20.95
C GLN D 474 -40.77 26.38 19.54
N ALA D 475 -39.85 26.69 18.64
CA ALA D 475 -40.22 26.90 17.25
C ALA D 475 -40.75 25.62 16.61
N LEU D 476 -40.16 24.47 16.92
CA LEU D 476 -40.67 23.22 16.38
C LEU D 476 -42.12 23.00 16.77
N PHE D 477 -42.45 23.26 18.03
CA PHE D 477 -43.81 23.07 18.50
C PHE D 477 -44.76 24.13 17.96
N SER D 478 -44.27 25.33 17.69
CA SER D 478 -45.16 26.31 17.07
C SER D 478 -45.52 25.88 15.66
N MET D 479 -44.64 25.13 15.00
CA MET D 479 -44.96 24.51 13.72
C MET D 479 -46.14 23.57 13.85
N ASP D 480 -46.40 23.04 15.04
CA ASP D 480 -47.58 22.23 15.30
C ASP D 480 -48.67 23.03 15.99
N LYS D 481 -48.59 24.35 15.93
CA LYS D 481 -49.58 25.27 16.48
C LYS D 481 -49.77 25.11 17.98
N CYS D 482 -48.77 24.57 18.68
CA CYS D 482 -48.80 24.39 20.12
C CYS D 482 -47.61 25.13 20.71
N GLU D 483 -47.79 25.72 21.89
CA GLU D 483 -46.68 26.34 22.57
C GLU D 483 -46.00 25.38 23.52
N LEU D 484 -44.69 25.55 23.68
CA LEU D 484 -43.93 24.85 24.70
C LEU D 484 -43.47 25.85 25.74
N ASN D 485 -43.90 25.67 26.98
CA ASN D 485 -43.46 26.49 28.10
C ASN D 485 -42.48 25.68 28.94
N VAL D 486 -41.29 26.22 29.14
CA VAL D 486 -40.32 25.66 30.08
C VAL D 486 -40.02 26.73 31.11
N THR D 487 -40.22 26.40 32.38
CA THR D 487 -39.96 27.40 33.40
C THR D 487 -38.46 27.61 33.54
N GLU D 488 -38.10 28.71 34.21
CA GLU D 488 -36.70 29.02 34.42
C GLU D 488 -36.02 28.00 35.30
N ASP D 489 -36.71 27.53 36.34
CA ASP D 489 -36.11 26.57 37.24
C ASP D 489 -35.80 25.25 36.55
N ALA D 490 -36.54 24.92 35.49
CA ALA D 490 -36.27 23.65 34.81
C ALA D 490 -34.99 23.71 33.99
N LEU D 491 -34.63 24.90 33.49
CA LEU D 491 -33.42 25.01 32.69
C LEU D 491 -32.20 24.65 33.51
N LYS D 492 -32.20 25.05 34.78
CA LYS D 492 -31.06 24.77 35.65
C LYS D 492 -30.82 23.27 35.75
N ALA D 493 -31.89 22.48 35.82
CA ALA D 493 -31.73 21.03 35.87
C ALA D 493 -31.11 20.49 34.59
N ILE D 494 -31.47 21.02 33.43
CA ILE D 494 -30.90 20.51 32.18
C ILE D 494 -29.39 20.70 32.15
N ALA D 495 -28.92 21.87 32.57
CA ALA D 495 -27.48 22.08 32.58
C ALA D 495 -26.79 21.14 33.54
N ARG D 496 -27.41 20.90 34.70
CA ARG D 496 -26.82 19.98 35.65
C ARG D 496 -26.71 18.57 35.06
N LEU D 497 -27.72 18.14 34.31
CA LEU D 497 -27.67 16.83 33.67
C LEU D 497 -26.62 16.77 32.57
N ALA D 498 -26.32 17.91 31.93
CA ALA D 498 -25.28 17.89 30.91
C ALA D 498 -23.90 17.73 31.52
N LEU D 499 -23.68 18.29 32.71
CA LEU D 499 -22.38 18.15 33.34
C LEU D 499 -22.05 16.70 33.61
N GLU D 500 -23.01 15.93 34.09
CA GLU D 500 -22.68 14.54 34.32
C GLU D 500 -22.61 13.76 33.03
N ARG D 501 -23.13 14.30 31.92
CA ARG D 501 -22.92 13.67 30.63
C ARG D 501 -21.52 13.93 30.14
N LYS D 502 -20.92 15.02 30.60
CA LYS D 502 -19.62 15.50 30.16
C LYS D 502 -19.47 15.37 28.64
N THR D 503 -20.50 15.83 27.92
CA THR D 503 -20.43 15.94 26.47
C THR D 503 -20.79 17.33 25.98
N GLY D 504 -20.86 18.32 26.87
CA GLY D 504 -20.97 19.71 26.47
C GLY D 504 -22.20 20.02 25.66
N ALA D 505 -22.03 20.86 24.64
CA ALA D 505 -23.14 21.29 23.81
C ALA D 505 -23.77 20.19 22.98
N ARG D 506 -23.05 19.09 22.74
CA ARG D 506 -23.70 17.94 22.13
C ARG D 506 -24.71 17.31 23.07
N GLY D 507 -24.48 17.41 24.38
CA GLY D 507 -25.33 16.72 25.32
C GLY D 507 -26.62 17.43 25.66
N LEU D 508 -26.67 18.75 25.51
CA LEU D 508 -27.91 19.47 25.80
C LEU D 508 -29.08 18.92 25.00
N ARG D 509 -28.93 18.88 23.68
CA ARG D 509 -30.05 18.50 22.83
C ARG D 509 -30.39 17.01 22.95
N SER D 510 -29.40 16.16 23.24
CA SER D 510 -29.73 14.77 23.55
C SER D 510 -30.59 14.67 24.81
N ILE D 511 -30.27 15.45 25.84
CA ILE D 511 -31.09 15.44 27.04
C ILE D 511 -32.46 16.06 26.79
N MET D 512 -32.50 17.21 26.11
CA MET D 512 -33.77 17.86 25.82
C MET D 512 -34.66 17.05 24.88
N GLU D 513 -34.07 16.43 23.85
CA GLU D 513 -34.88 15.65 22.90
C GLU D 513 -35.52 14.46 23.58
N LYS D 514 -34.86 13.88 24.58
CA LYS D 514 -35.49 12.81 25.34
C LYS D 514 -36.76 13.26 26.01
N LEU D 515 -36.76 14.44 26.61
CA LEU D 515 -37.93 14.91 27.33
C LEU D 515 -39.09 15.14 26.38
N LEU D 516 -38.84 15.77 25.26
CA LEU D 516 -39.88 16.21 24.33
C LEU D 516 -40.37 15.10 23.40
N LEU D 517 -40.08 13.83 23.69
CA LEU D 517 -40.56 12.75 22.82
C LEU D 517 -42.06 12.58 22.95
N GLU D 518 -42.55 12.36 24.17
CA GLU D 518 -43.99 12.18 24.36
C GLU D 518 -44.80 13.42 24.04
N PRO D 519 -44.39 14.62 24.41
CA PRO D 519 -45.05 15.80 23.86
C PRO D 519 -45.11 15.77 22.35
N MET D 520 -43.99 15.51 21.68
CA MET D 520 -44.01 15.50 20.23
C MET D 520 -44.75 14.32 19.64
N PHE D 521 -44.94 13.21 20.35
CA PHE D 521 -45.81 12.22 19.74
C PHE D 521 -47.29 12.52 20.02
N GLU D 522 -47.61 12.98 21.23
CA GLU D 522 -48.99 13.16 21.64
C GLU D 522 -49.61 14.48 21.18
N VAL D 523 -48.84 15.56 21.19
CA VAL D 523 -49.40 16.85 20.77
C VAL D 523 -49.86 16.88 19.33
N PRO D 524 -49.14 16.31 18.35
CA PRO D 524 -49.59 16.38 16.96
C PRO D 524 -51.00 15.92 16.70
N ASN D 525 -51.85 16.86 16.27
CA ASN D 525 -53.21 16.61 15.83
C ASN D 525 -54.05 15.92 16.88
N SER D 526 -53.60 15.99 18.14
CA SER D 526 -54.38 15.64 19.31
C SER D 526 -54.45 16.92 20.12
N ASP D 527 -55.48 17.73 19.84
CA ASP D 527 -55.49 19.17 20.10
C ASP D 527 -55.04 19.52 21.50
N ILE D 528 -53.89 20.19 21.60
CA ILE D 528 -53.34 20.69 22.86
C ILE D 528 -52.94 22.15 22.64
N VAL D 529 -53.17 22.98 23.66
CA VAL D 529 -52.72 24.37 23.57
C VAL D 529 -51.25 24.51 23.95
N CYS D 530 -50.85 23.97 25.08
CA CYS D 530 -49.48 24.21 25.51
C CYS D 530 -49.04 23.11 26.47
N VAL D 531 -47.74 23.02 26.65
CA VAL D 531 -47.13 22.05 27.55
C VAL D 531 -46.18 22.79 28.46
N GLU D 532 -46.20 22.45 29.74
CA GLU D 532 -45.36 23.11 30.71
C GLU D 532 -44.45 22.08 31.35
N VAL D 533 -43.15 22.27 31.19
CA VAL D 533 -42.16 21.35 31.74
C VAL D 533 -41.56 22.06 32.94
N ASP D 534 -41.92 21.60 34.12
CA ASP D 534 -41.32 22.08 35.34
C ASP D 534 -40.13 21.21 35.72
N LYS D 535 -39.45 21.60 36.79
CA LYS D 535 -38.35 20.81 37.31
C LYS D 535 -38.79 19.38 37.57
N GLU D 536 -40.04 19.19 37.96
CA GLU D 536 -40.52 17.84 38.21
C GLU D 536 -40.50 16.99 36.95
N VAL D 537 -40.85 17.59 35.81
CA VAL D 537 -40.85 16.83 34.56
C VAL D 537 -39.42 16.46 34.17
N VAL D 538 -38.50 17.41 34.27
CA VAL D 538 -37.12 17.12 33.92
C VAL D 538 -36.52 16.17 34.93
N GLU D 539 -36.90 16.28 36.20
CA GLU D 539 -36.38 15.38 37.22
C GLU D 539 -36.85 13.96 37.01
N GLY D 540 -37.79 13.72 36.11
CA GLY D 540 -38.28 12.39 35.86
C GLY D 540 -39.31 11.93 36.86
N LYS D 541 -39.78 12.83 37.70
CA LYS D 541 -40.78 12.51 38.71
C LYS D 541 -42.17 12.98 38.31
N LYS D 542 -42.33 13.55 37.13
CA LYS D 542 -43.65 13.97 36.70
C LYS D 542 -43.73 13.88 35.19
N GLU D 543 -44.94 13.67 34.70
CA GLU D 543 -45.20 13.62 33.28
C GLU D 543 -45.71 14.97 32.79
N PRO D 544 -45.34 15.36 31.58
CA PRO D 544 -45.61 16.74 31.15
C PRO D 544 -47.09 17.08 31.18
N GLY D 545 -47.42 18.16 31.88
CA GLY D 545 -48.80 18.57 31.99
C GLY D 545 -49.28 19.18 30.69
N TYR D 546 -50.51 18.82 30.30
CA TYR D 546 -51.03 19.20 29.00
C TYR D 546 -52.18 20.17 29.15
N ILE D 547 -52.16 21.23 28.35
CA ILE D 547 -53.21 22.25 28.33
C ILE D 547 -54.10 22.01 27.14
N ARG D 548 -55.41 21.95 27.38
CA ARG D 548 -56.37 21.59 26.34
C ARG D 548 -57.59 22.47 26.46
N ALA D 549 -58.31 22.60 25.35
CA ALA D 549 -59.48 23.46 25.25
C ALA D 549 -60.53 23.11 26.30
N PRO E 109 -48.20 17.73 3.31
CA PRO E 109 -48.14 17.55 4.76
C PRO E 109 -47.67 16.17 5.18
N PRO E 110 -46.63 16.13 6.00
CA PRO E 110 -46.13 14.84 6.47
C PRO E 110 -47.21 14.12 7.24
N PRO E 111 -47.27 12.79 7.15
CA PRO E 111 -48.28 12.06 7.91
C PRO E 111 -48.03 12.16 9.39
N PRO E 112 -49.07 12.07 10.22
CA PRO E 112 -48.86 12.14 11.65
C PRO E 112 -48.05 10.95 12.15
N PRO E 113 -47.30 11.13 13.22
CA PRO E 113 -46.51 10.01 13.77
C PRO E 113 -47.34 8.82 14.19
N LYS E 114 -48.58 9.03 14.66
CA LYS E 114 -49.43 7.90 15.04
C LYS E 114 -49.74 7.02 13.84
N LYS E 115 -50.00 7.63 12.69
CA LYS E 115 -50.22 6.86 11.47
C LYS E 115 -48.98 6.12 11.02
N ILE E 116 -47.81 6.75 11.11
CA ILE E 116 -46.58 6.05 10.76
C ILE E 116 -46.32 4.90 11.72
N TYR E 117 -46.61 5.10 13.01
CA TYR E 117 -46.47 4.02 13.98
C TYR E 117 -47.38 2.85 13.66
N ASN E 118 -48.66 3.13 13.38
CA ASN E 118 -49.57 2.06 13.00
C ASN E 118 -49.16 1.44 11.68
N TYR E 119 -48.68 2.25 10.74
CA TYR E 119 -48.23 1.69 9.47
C TYR E 119 -47.02 0.77 9.67
N LEU E 120 -46.04 1.21 10.45
CA LEU E 120 -44.90 0.35 10.73
C LEU E 120 -45.27 -0.83 11.61
N ASP E 121 -46.32 -0.69 12.42
CA ASP E 121 -46.79 -1.79 13.25
C ASP E 121 -47.14 -3.03 12.42
N LYS E 122 -47.44 -2.86 11.13
CA LYS E 122 -47.88 -3.99 10.32
C LYS E 122 -46.76 -4.99 10.07
N TYR E 123 -45.52 -4.55 10.03
CA TYR E 123 -44.43 -5.37 9.54
C TYR E 123 -43.49 -5.88 10.60
N VAL E 124 -43.35 -5.18 11.71
CA VAL E 124 -42.51 -5.62 12.81
C VAL E 124 -43.40 -5.78 14.03
N VAL E 125 -43.10 -6.77 14.85
CA VAL E 125 -43.99 -7.23 15.89
C VAL E 125 -43.55 -6.65 17.22
N GLY E 126 -44.47 -6.00 17.91
CA GLY E 126 -44.31 -5.72 19.33
C GLY E 126 -43.53 -4.53 19.82
N GLN E 127 -42.33 -4.31 19.29
CA GLN E 127 -41.38 -3.37 19.89
C GLN E 127 -41.79 -1.92 19.63
N SER E 128 -42.84 -1.53 20.36
CA SER E 128 -43.47 -0.23 20.25
C SER E 128 -42.52 0.93 20.53
N PHE E 129 -41.73 0.82 21.61
CA PHE E 129 -40.91 1.94 22.05
C PHE E 129 -39.90 2.39 20.99
N ALA E 130 -39.18 1.46 20.40
CA ALA E 130 -38.31 1.82 19.28
C ALA E 130 -39.10 2.37 18.10
N LYS E 131 -40.21 1.71 17.75
CA LYS E 131 -41.04 2.19 16.65
C LYS E 131 -41.57 3.59 16.90
N LYS E 132 -41.99 3.86 18.14
CA LYS E 132 -42.53 5.17 18.46
C LYS E 132 -41.47 6.25 18.35
N VAL E 133 -40.25 5.96 18.79
CA VAL E 133 -39.17 6.94 18.67
C VAL E 133 -38.81 7.18 17.20
N LEU E 134 -38.65 6.12 16.42
CA LEU E 134 -38.39 6.30 15.00
C LEU E 134 -39.54 6.99 14.29
N SER E 135 -40.76 6.82 14.77
CA SER E 135 -41.85 7.54 14.14
C SER E 135 -41.73 9.03 14.40
N VAL E 136 -41.42 9.42 15.63
CA VAL E 136 -41.23 10.83 15.95
C VAL E 136 -40.06 11.41 15.15
N ALA E 137 -38.97 10.65 15.03
CA ALA E 137 -37.78 11.13 14.34
C ALA E 137 -38.07 11.45 12.87
N VAL E 138 -38.81 10.60 12.19
CA VAL E 138 -39.15 10.90 10.80
C VAL E 138 -40.08 12.10 10.73
N TYR E 139 -41.03 12.20 11.64
CA TYR E 139 -41.98 13.30 11.55
C TYR E 139 -41.26 14.62 11.79
N ASN E 140 -40.37 14.66 12.78
CA ASN E 140 -39.60 15.87 13.05
C ASN E 140 -38.78 16.31 11.84
N HIS E 141 -38.22 15.36 11.11
CA HIS E 141 -37.40 15.68 9.95
C HIS E 141 -38.23 16.38 8.86
N TYR E 142 -39.36 15.78 8.46
CA TYR E 142 -40.17 16.43 7.46
C TYR E 142 -40.79 17.73 7.95
N LYS E 143 -40.88 17.94 9.25
CA LYS E 143 -41.30 19.24 9.73
C LYS E 143 -40.19 20.27 9.60
N ARG E 144 -38.95 19.88 9.91
CA ARG E 144 -37.84 20.83 9.79
C ARG E 144 -37.55 21.17 8.33
N ILE E 145 -37.58 20.19 7.43
CA ILE E 145 -37.36 20.51 6.03
C ILE E 145 -38.51 21.37 5.53
N TYR E 146 -39.71 21.16 6.04
CA TYR E 146 -40.77 22.12 5.75
C TYR E 146 -40.54 23.46 6.44
N ASN E 147 -39.79 23.49 7.54
CA ASN E 147 -39.59 24.71 8.29
C ASN E 147 -38.27 25.42 8.02
N ASN E 148 -37.34 24.79 7.30
CA ASN E 148 -36.14 25.51 6.94
C ASN E 148 -35.76 25.26 5.49
N ILE E 149 -36.76 25.03 4.64
CA ILE E 149 -36.53 24.69 3.26
C ILE E 149 -35.77 25.80 2.54
N ILE E 226 -35.16 30.78 13.49
CA ILE E 226 -33.96 29.97 13.59
C ILE E 226 -33.92 28.96 12.46
N LYS E 227 -32.93 28.08 12.48
CA LYS E 227 -32.70 27.09 11.42
C LYS E 227 -32.24 25.79 12.07
N LEU E 228 -33.18 25.04 12.60
CA LEU E 228 -32.89 24.02 13.60
C LEU E 228 -32.07 22.87 13.04
N GLU E 229 -31.30 22.23 13.91
CA GLU E 229 -30.32 21.22 13.56
C GLU E 229 -30.92 19.82 13.52
N LYS E 230 -30.20 18.91 12.88
CA LYS E 230 -30.57 17.50 12.79
C LYS E 230 -30.42 16.81 14.14
N SER E 231 -30.87 15.56 14.18
CA SER E 231 -30.56 14.67 15.31
C SER E 231 -30.58 13.25 14.77
N ASN E 232 -29.42 12.60 14.77
CA ASN E 232 -29.32 11.22 14.31
C ASN E 232 -29.83 10.24 15.36
N ILE E 233 -30.42 9.15 14.90
CA ILE E 233 -31.02 8.14 15.77
C ILE E 233 -30.17 6.88 15.68
N LEU E 234 -29.77 6.37 16.83
CA LEU E 234 -28.94 5.17 16.94
C LEU E 234 -29.75 4.02 17.54
N LEU E 235 -29.75 2.89 16.85
CA LEU E 235 -30.51 1.70 17.25
C LEU E 235 -29.59 0.65 17.86
N LEU E 236 -29.60 0.53 19.18
CA LEU E 236 -28.90 -0.57 19.83
C LEU E 236 -29.66 -1.88 19.63
N GLY E 237 -29.01 -2.83 18.96
CA GLY E 237 -29.64 -4.06 18.57
C GLY E 237 -28.94 -5.31 19.07
N PRO E 238 -29.68 -6.20 19.73
CA PRO E 238 -29.26 -7.61 19.72
C PRO E 238 -29.54 -8.19 18.35
N THR E 239 -28.60 -8.98 17.85
CA THR E 239 -28.68 -9.49 16.49
C THR E 239 -29.97 -10.27 16.25
N GLY E 240 -30.66 -9.93 15.18
CA GLY E 240 -31.94 -10.53 14.86
C GLY E 240 -33.16 -9.81 15.42
N SER E 241 -32.97 -8.68 16.09
CA SER E 241 -34.10 -7.90 16.57
C SER E 241 -34.96 -7.34 15.44
N GLY E 242 -34.51 -7.45 14.20
CA GLY E 242 -35.22 -6.86 13.07
C GLY E 242 -34.68 -5.53 12.65
N LYS E 243 -33.56 -5.10 13.23
CA LYS E 243 -33.05 -3.75 13.08
C LYS E 243 -33.00 -3.33 11.61
N THR E 244 -32.49 -4.19 10.75
CA THR E 244 -32.47 -3.87 9.33
C THR E 244 -33.88 -3.87 8.72
N LEU E 245 -34.69 -4.89 9.01
CA LEU E 245 -36.03 -4.93 8.43
C LEU E 245 -36.89 -3.75 8.87
N LEU E 246 -36.71 -3.31 10.12
CA LEU E 246 -37.43 -2.14 10.59
C LEU E 246 -37.12 -0.92 9.75
N ALA E 247 -35.84 -0.72 9.43
CA ALA E 247 -35.46 0.40 8.59
C ALA E 247 -36.07 0.28 7.20
N GLN E 248 -36.00 -0.91 6.59
CA GLN E 248 -36.77 -1.13 5.37
C GLN E 248 -38.26 -0.85 5.58
N THR E 249 -38.80 -1.22 6.74
CA THR E 249 -40.21 -0.96 6.99
C THR E 249 -40.51 0.54 7.01
N LEU E 250 -39.66 1.33 7.69
CA LEU E 250 -39.80 2.78 7.60
C LEU E 250 -39.54 3.25 6.17
N ALA E 251 -38.55 2.66 5.52
CA ALA E 251 -38.20 3.07 4.16
C ALA E 251 -39.39 2.82 3.23
N LYS E 252 -40.09 1.71 3.44
CA LYS E 252 -41.26 1.38 2.65
C LYS E 252 -42.27 2.52 2.66
N CYS E 253 -42.72 2.92 3.83
CA CYS E 253 -43.77 3.93 3.91
C CYS E 253 -43.25 5.33 3.62
N LEU E 254 -42.05 5.65 4.07
CA LEU E 254 -41.60 7.02 3.99
C LEU E 254 -41.18 7.45 2.59
N ASP E 255 -40.83 6.51 1.72
CA ASP E 255 -40.39 6.84 0.38
C ASP E 255 -39.26 7.85 0.42
N VAL E 256 -38.34 7.64 1.36
CA VAL E 256 -37.12 8.43 1.47
C VAL E 256 -35.96 7.55 1.04
N PRO E 257 -35.04 8.04 0.21
CA PRO E 257 -33.96 7.17 -0.27
C PRO E 257 -33.11 6.71 0.90
N PHE E 258 -32.75 5.43 0.88
CA PHE E 258 -32.16 4.80 2.05
C PHE E 258 -31.10 3.81 1.61
N ALA E 259 -30.05 3.68 2.43
CA ALA E 259 -28.92 2.83 2.08
C ALA E 259 -28.21 2.40 3.35
N ILE E 260 -27.36 1.37 3.23
CA ILE E 260 -26.61 0.83 4.36
C ILE E 260 -25.22 0.46 3.87
N CYS E 261 -24.27 0.37 4.80
CA CYS E 261 -22.99 -0.27 4.55
C CYS E 261 -22.26 -0.50 5.87
N ASP E 262 -21.18 -1.28 5.80
CA ASP E 262 -20.09 -1.20 6.77
C ASP E 262 -18.78 -1.55 6.06
N ASP E 275 -12.22 4.74 2.40
CA ASP E 275 -13.21 5.35 1.53
C ASP E 275 -14.39 5.87 2.33
N ILE E 276 -14.92 7.03 1.95
CA ILE E 276 -16.07 7.62 2.61
C ILE E 276 -17.25 7.81 1.67
N GLU E 277 -17.01 8.32 0.47
CA GLU E 277 -18.12 8.60 -0.44
C GLU E 277 -18.82 7.34 -0.92
N SER E 278 -18.29 6.16 -0.60
CA SER E 278 -18.85 4.91 -1.09
C SER E 278 -20.28 4.67 -0.66
N VAL E 279 -20.71 5.28 0.44
CA VAL E 279 -22.12 5.26 0.80
C VAL E 279 -22.89 6.42 0.19
N ILE E 280 -22.29 7.61 0.14
CA ILE E 280 -22.99 8.78 -0.34
C ILE E 280 -23.33 8.67 -1.82
N ALA E 281 -22.40 8.17 -2.63
CA ALA E 281 -22.72 7.92 -4.03
C ALA E 281 -23.83 6.90 -4.17
N LYS E 282 -23.90 5.93 -3.26
CA LYS E 282 -25.00 4.97 -3.25
C LYS E 282 -26.34 5.64 -2.98
N LEU E 283 -26.36 6.65 -2.11
CA LEU E 283 -27.56 7.46 -1.96
C LEU E 283 -27.85 8.30 -3.19
N LEU E 284 -26.83 8.93 -3.77
CA LEU E 284 -27.06 9.71 -4.98
C LEU E 284 -27.52 8.84 -6.14
N GLN E 285 -26.99 7.62 -6.26
CA GLN E 285 -27.58 6.69 -7.21
C GLN E 285 -29.02 6.36 -6.86
N ASP E 286 -29.24 5.96 -5.61
CA ASP E 286 -30.59 5.60 -5.17
C ASP E 286 -31.53 6.79 -5.22
N ALA E 287 -31.02 7.98 -4.93
CA ALA E 287 -31.89 9.16 -4.95
C ALA E 287 -32.23 9.60 -6.29
N ASN E 288 -31.91 8.79 -7.30
CA ASN E 288 -32.04 9.20 -8.69
C ASN E 288 -31.27 10.49 -8.93
N TYR E 289 -30.25 10.72 -8.10
CA TYR E 289 -29.49 11.96 -8.03
C TYR E 289 -30.37 13.18 -7.75
N ASN E 290 -31.56 12.97 -7.20
CA ASN E 290 -32.44 14.09 -6.89
C ASN E 290 -31.80 15.00 -5.85
N VAL E 291 -31.38 16.20 -6.30
CA VAL E 291 -30.45 17.03 -5.55
C VAL E 291 -31.00 17.35 -4.16
N GLU E 292 -32.31 17.51 -4.06
CA GLU E 292 -32.91 17.86 -2.78
C GLU E 292 -33.12 16.63 -1.92
N LYS E 293 -33.63 15.55 -2.50
CA LYS E 293 -33.83 14.31 -1.76
C LYS E 293 -32.51 13.69 -1.36
N ALA E 294 -31.47 13.88 -2.18
CA ALA E 294 -30.11 13.56 -1.75
C ALA E 294 -29.74 14.36 -0.50
N GLN E 295 -30.15 15.62 -0.44
CA GLN E 295 -29.89 16.37 0.77
C GLN E 295 -30.88 15.99 1.86
N GLN E 296 -32.09 15.59 1.48
CA GLN E 296 -33.17 15.31 2.40
C GLN E 296 -33.29 13.86 2.82
N GLY E 297 -32.42 12.97 2.35
CA GLY E 297 -32.61 11.55 2.55
C GLY E 297 -32.28 11.03 3.93
N ILE E 298 -32.31 9.70 4.02
CA ILE E 298 -32.09 8.94 5.25
C ILE E 298 -31.07 7.86 4.94
N VAL E 299 -30.06 7.72 5.79
CA VAL E 299 -28.97 6.78 5.54
C VAL E 299 -28.80 5.87 6.72
N PHE E 300 -28.77 4.56 6.46
CA PHE E 300 -28.41 3.62 7.51
C PHE E 300 -26.92 3.32 7.48
N LEU E 301 -26.37 3.08 8.65
CA LEU E 301 -25.02 2.60 8.80
C LEU E 301 -25.05 1.46 9.81
N ASP E 302 -24.37 0.37 9.50
CA ASP E 302 -24.68 -0.88 10.18
C ASP E 302 -23.48 -1.35 10.99
N GLN E 303 -23.78 -2.08 12.08
CA GLN E 303 -22.79 -2.65 13.00
C GLN E 303 -21.68 -1.67 13.30
N VAL E 304 -22.04 -0.41 13.56
CA VAL E 304 -21.06 0.66 13.67
C VAL E 304 -20.06 0.40 14.80
N ASP E 305 -20.38 -0.50 15.73
CA ASP E 305 -19.45 -0.83 16.78
C ASP E 305 -18.28 -1.63 16.23
N GLU E 322 -10.74 3.12 14.97
CA GLU E 322 -10.92 4.48 15.45
C GLU E 322 -10.89 5.45 14.28
N GLY E 323 -10.13 5.08 13.25
CA GLY E 323 -10.05 5.90 12.06
C GLY E 323 -11.38 6.00 11.35
N VAL E 324 -12.11 4.89 11.29
CA VAL E 324 -13.42 4.90 10.65
C VAL E 324 -14.39 5.78 11.42
N GLN E 325 -14.35 5.71 12.75
CA GLN E 325 -15.25 6.55 13.53
C GLN E 325 -14.92 8.01 13.35
N GLN E 326 -13.63 8.35 13.38
CA GLN E 326 -13.21 9.74 13.26
C GLN E 326 -13.36 10.29 11.84
N GLY E 327 -13.35 9.45 10.81
CA GLY E 327 -13.56 10.00 9.49
C GLY E 327 -15.01 10.30 9.19
N LEU E 328 -15.92 9.61 9.84
CA LEU E 328 -17.34 9.87 9.67
C LEU E 328 -17.81 10.98 10.59
N LEU E 329 -16.95 11.45 11.49
CA LEU E 329 -17.37 12.44 12.49
C LEU E 329 -17.90 13.69 11.80
N LYS E 330 -17.14 14.22 10.84
CA LYS E 330 -17.60 15.37 10.09
C LYS E 330 -18.43 14.96 8.89
N LEU E 331 -18.64 13.68 8.69
CA LEU E 331 -19.69 13.25 7.77
C LEU E 331 -21.04 13.26 8.45
N LEU E 332 -21.08 12.85 9.72
CA LEU E 332 -22.34 12.88 10.46
C LEU E 332 -22.82 14.31 10.67
N GLU E 333 -21.94 15.19 11.12
CA GLU E 333 -22.22 16.60 11.00
C GLU E 333 -22.28 16.98 9.52
N GLY E 334 -23.07 18.01 9.22
CA GLY E 334 -23.24 18.42 7.85
C GLY E 334 -21.97 18.93 7.20
N THR E 335 -21.43 18.17 6.25
CA THR E 335 -20.27 18.61 5.50
C THR E 335 -20.38 18.06 4.08
N ILE E 336 -19.61 18.67 3.19
CA ILE E 336 -19.75 18.46 1.76
C ILE E 336 -18.71 17.44 1.33
N VAL E 337 -19.12 16.45 0.55
CA VAL E 337 -18.19 15.51 -0.04
C VAL E 337 -18.59 15.23 -1.48
N ASP E 355 -23.26 16.76 0.12
CA ASP E 355 -23.85 17.64 1.13
C ASP E 355 -24.55 16.83 2.20
N THR E 356 -23.99 16.82 3.41
CA THR E 356 -24.55 16.08 4.53
C THR E 356 -25.42 16.94 5.43
N THR E 357 -25.62 18.22 5.09
CA THR E 357 -26.19 19.16 6.05
C THR E 357 -27.60 18.79 6.48
N ASN E 358 -28.32 17.99 5.68
CA ASN E 358 -29.66 17.56 6.03
C ASN E 358 -29.85 16.05 6.01
N ILE E 359 -28.79 15.26 5.81
CA ILE E 359 -28.95 13.82 5.77
C ILE E 359 -29.28 13.33 7.17
N LEU E 360 -30.40 12.64 7.30
CA LEU E 360 -30.81 12.03 8.56
C LEU E 360 -30.13 10.67 8.65
N PHE E 361 -29.04 10.60 9.41
CA PHE E 361 -28.41 9.31 9.63
C PHE E 361 -29.18 8.49 10.64
N VAL E 362 -29.48 7.25 10.29
CA VAL E 362 -29.92 6.25 11.25
C VAL E 362 -28.85 5.18 11.29
N ALA E 363 -28.62 4.60 12.45
CA ALA E 363 -27.50 3.67 12.57
C ALA E 363 -27.89 2.51 13.45
N SER E 364 -27.24 1.38 13.23
CA SER E 364 -27.41 0.20 14.08
C SER E 364 -26.07 -0.29 14.59
N GLY E 365 -26.10 -0.94 15.74
CA GLY E 365 -24.91 -1.57 16.28
C GLY E 365 -25.26 -2.59 17.34
N ALA E 366 -24.59 -3.74 17.34
CA ALA E 366 -24.66 -4.70 18.44
C ALA E 366 -23.48 -4.50 19.39
N PHE E 367 -23.57 -3.47 20.23
CA PHE E 367 -22.49 -3.19 21.17
C PHE E 367 -22.55 -4.14 22.37
N ASN E 368 -22.38 -5.43 22.07
CA ASN E 368 -22.38 -6.45 23.11
C ASN E 368 -21.39 -6.09 24.20
N GLY E 369 -21.80 -6.32 25.44
CA GLY E 369 -20.98 -6.04 26.59
C GLY E 369 -21.14 -4.64 27.13
N LEU E 370 -21.77 -3.74 26.36
CA LEU E 370 -22.10 -2.43 26.90
C LEU E 370 -22.99 -2.53 28.14
N ASP E 371 -23.88 -3.52 28.16
CA ASP E 371 -24.59 -3.89 29.38
C ASP E 371 -23.64 -4.30 30.49
N ARG E 372 -22.54 -4.96 30.14
CA ARG E 372 -21.54 -5.25 31.15
C ARG E 372 -20.75 -4.01 31.52
N ILE E 373 -20.57 -3.09 30.58
CA ILE E 373 -20.01 -1.79 30.94
C ILE E 373 -20.98 -1.04 31.84
N ILE E 374 -22.27 -1.04 31.49
CA ILE E 374 -23.30 -0.50 32.37
C ILE E 374 -23.33 -1.26 33.69
N SER E 375 -23.20 -2.58 33.64
CA SER E 375 -23.10 -3.35 34.88
C SER E 375 -21.92 -2.91 35.74
N ARG E 376 -20.78 -2.63 35.11
CA ARG E 376 -19.65 -2.06 35.84
C ARG E 376 -19.98 -0.68 36.39
N ARG E 377 -20.77 0.09 35.66
CA ARG E 377 -21.23 1.39 36.15
C ARG E 377 -22.28 1.29 37.26
N LYS E 378 -22.83 0.10 37.50
CA LYS E 378 -24.01 -0.04 38.35
C LYS E 378 -23.66 0.12 39.83
N ASN E 379 -23.25 1.34 40.19
CA ASN E 379 -22.91 1.71 41.57
C ASN E 379 -21.85 0.80 42.20
N GLU E 380 -20.88 0.36 41.40
CA GLU E 380 -19.74 -0.34 41.98
C GLU E 380 -18.98 0.56 42.94
N LYS E 381 -18.55 -0.02 44.05
CA LYS E 381 -17.72 0.67 45.04
C LYS E 381 -16.56 -0.22 45.45
N TYR E 382 -15.38 0.39 45.63
CA TYR E 382 -14.17 -0.35 45.91
C TYR E 382 -13.44 0.18 47.15
N LEU E 383 -14.13 0.90 48.02
CA LEU E 383 -13.50 1.47 49.22
C LEU E 383 -14.49 1.43 50.38
N GLY E 384 -13.93 1.41 51.58
CA GLY E 384 -14.73 1.41 52.80
C GLY E 384 -15.57 2.65 52.98
N ILE E 416 -33.86 -12.95 31.65
CA ILE E 416 -32.94 -12.17 30.83
C ILE E 416 -33.47 -10.74 30.71
N GLU E 417 -34.72 -10.56 31.15
CA GLU E 417 -35.36 -9.26 31.06
C GLU E 417 -34.54 -8.20 31.78
N GLU E 418 -33.82 -8.57 32.83
CA GLU E 418 -32.91 -7.65 33.51
C GLU E 418 -31.89 -7.06 32.54
N LYS E 419 -31.50 -7.80 31.51
CA LYS E 419 -30.58 -7.24 30.52
C LYS E 419 -31.28 -6.14 29.73
N ASP E 420 -32.50 -6.41 29.27
CA ASP E 420 -33.31 -5.35 28.69
C ASP E 420 -33.59 -4.26 29.72
N ARG E 421 -33.86 -4.67 30.96
CA ARG E 421 -34.08 -3.71 32.03
C ARG E 421 -32.82 -2.90 32.33
N LEU E 422 -31.64 -3.49 32.11
CA LEU E 422 -30.42 -2.72 32.27
C LEU E 422 -30.12 -1.85 31.05
N LEU E 423 -30.34 -2.39 29.85
CA LEU E 423 -30.13 -1.60 28.64
C LEU E 423 -31.10 -0.43 28.54
N ARG E 424 -32.27 -0.56 29.15
CA ARG E 424 -33.20 0.56 29.31
C ARG E 424 -32.58 1.75 30.05
N HIS E 425 -31.52 1.55 30.84
CA HIS E 425 -30.86 2.65 31.53
C HIS E 425 -29.55 3.09 30.87
N VAL E 426 -29.28 2.67 29.64
CA VAL E 426 -28.05 3.04 28.94
C VAL E 426 -27.85 4.55 28.92
N GLU E 427 -26.59 4.99 28.98
CA GLU E 427 -26.28 6.39 28.79
C GLU E 427 -24.95 6.52 28.08
N ALA E 428 -24.69 7.73 27.57
CA ALA E 428 -23.48 8.02 26.82
C ALA E 428 -22.19 7.75 27.60
N ARG E 429 -22.23 7.73 28.92
CA ARG E 429 -21.01 7.45 29.68
C ARG E 429 -20.48 6.06 29.40
N ASP E 430 -21.37 5.08 29.34
CA ASP E 430 -20.95 3.72 29.03
C ASP E 430 -20.47 3.61 27.59
N LEU E 431 -21.11 4.32 26.67
CA LEU E 431 -20.75 4.17 25.26
C LEU E 431 -19.38 4.75 24.96
N ILE E 432 -18.98 5.82 25.66
CA ILE E 432 -17.59 6.22 25.54
C ILE E 432 -16.70 5.18 26.19
N GLU E 433 -17.11 4.71 27.37
CA GLU E 433 -16.43 3.62 28.03
C GLU E 433 -16.44 2.35 27.19
N PHE E 434 -17.39 2.24 26.25
CA PHE E 434 -17.41 1.10 25.35
C PHE E 434 -16.35 1.17 24.26
N GLY E 435 -15.86 2.36 23.94
CA GLY E 435 -14.87 2.51 22.89
C GLY E 435 -15.26 3.41 21.75
N MET E 436 -16.47 3.96 21.73
CA MET E 436 -16.83 4.92 20.69
C MET E 436 -16.17 6.26 20.93
N ILE E 437 -15.78 6.91 19.83
CA ILE E 437 -15.26 8.27 19.93
C ILE E 437 -16.35 9.18 20.49
N PRO E 438 -16.07 9.94 21.54
CA PRO E 438 -17.05 10.90 22.05
C PRO E 438 -17.62 11.84 21.00
N GLU E 439 -16.79 12.33 20.08
CA GLU E 439 -17.29 13.15 18.99
C GLU E 439 -18.24 12.38 18.11
N PHE E 440 -18.03 11.09 17.94
CA PHE E 440 -18.99 10.28 17.21
C PHE E 440 -20.27 10.09 18.02
N VAL E 441 -20.14 9.76 19.31
CA VAL E 441 -21.30 9.62 20.19
C VAL E 441 -22.09 10.92 20.27
N GLY E 442 -21.40 12.05 20.40
CA GLY E 442 -22.10 13.32 20.38
C GLY E 442 -22.85 13.58 19.10
N ARG E 443 -22.34 13.08 17.98
CA ARG E 443 -23.04 13.17 16.72
C ARG E 443 -24.26 12.26 16.67
N LEU E 444 -24.39 11.31 17.60
CA LEU E 444 -25.54 10.42 17.65
C LEU E 444 -26.40 10.68 18.88
N PRO E 445 -27.27 11.70 18.84
CA PRO E 445 -27.94 12.14 20.07
C PRO E 445 -29.06 11.23 20.56
N VAL E 446 -29.72 10.47 19.71
CA VAL E 446 -30.88 9.68 20.14
C VAL E 446 -30.50 8.20 20.16
N VAL E 447 -30.53 7.62 21.35
CA VAL E 447 -30.14 6.24 21.57
C VAL E 447 -31.39 5.42 21.83
N VAL E 448 -31.64 4.43 20.99
CA VAL E 448 -32.85 3.61 21.09
C VAL E 448 -32.45 2.15 21.29
N PRO E 449 -32.79 1.53 22.41
CA PRO E 449 -32.62 0.07 22.54
C PRO E 449 -33.77 -0.74 22.00
N LEU E 450 -33.51 -1.66 21.07
CA LEU E 450 -34.55 -2.59 20.62
C LEU E 450 -34.85 -3.66 21.66
N HIS E 451 -36.13 -3.99 21.81
CA HIS E 451 -36.55 -5.08 22.68
C HIS E 451 -36.06 -6.43 22.13
N SER E 452 -35.68 -7.31 23.04
CA SER E 452 -35.42 -8.71 22.69
C SER E 452 -36.72 -9.49 22.50
N LEU E 453 -36.67 -10.50 21.65
CA LEU E 453 -37.86 -11.26 21.27
C LEU E 453 -38.04 -12.45 22.19
N ASP E 454 -39.15 -12.49 22.92
CA ASP E 454 -39.60 -13.66 23.65
C ASP E 454 -40.23 -14.72 22.73
N GLU E 455 -40.71 -15.81 23.33
CA GLU E 455 -41.46 -16.82 22.59
C GLU E 455 -42.80 -16.27 22.12
N LYS E 456 -43.43 -15.44 22.96
CA LYS E 456 -44.67 -14.80 22.55
C LYS E 456 -44.46 -13.90 21.35
N THR E 457 -43.34 -13.17 21.33
CA THR E 457 -43.07 -12.36 20.16
C THR E 457 -42.74 -13.22 18.95
N LEU E 458 -42.03 -14.33 19.16
CA LEU E 458 -41.76 -15.24 18.06
C LEU E 458 -43.00 -15.97 17.60
N VAL E 459 -43.89 -16.34 18.52
CA VAL E 459 -45.16 -16.93 18.12
C VAL E 459 -45.97 -15.94 17.29
N GLN E 460 -46.03 -14.70 17.74
CA GLN E 460 -46.67 -13.66 16.95
C GLN E 460 -46.03 -13.54 15.58
N ILE E 461 -44.70 -13.66 15.50
CA ILE E 461 -43.99 -13.53 14.25
C ILE E 461 -44.38 -14.55 13.18
N LEU E 462 -44.89 -15.73 13.57
CA LEU E 462 -45.39 -16.63 12.53
C LEU E 462 -46.77 -16.24 12.02
N THR E 463 -47.60 -15.63 12.84
CA THR E 463 -48.98 -15.36 12.45
C THR E 463 -49.25 -13.90 12.14
N GLU E 464 -48.64 -12.98 12.87
CA GLU E 464 -49.01 -11.58 12.75
C GLU E 464 -48.46 -10.89 11.50
N PRO E 465 -47.14 -10.97 11.22
CA PRO E 465 -46.58 -10.18 10.12
C PRO E 465 -47.30 -10.35 8.78
N ARG E 466 -47.19 -9.31 7.96
CA ARG E 466 -47.70 -9.35 6.59
C ARG E 466 -47.18 -10.55 5.82
N ASN E 467 -45.91 -10.89 6.00
CA ASN E 467 -45.25 -11.89 5.16
C ASN E 467 -44.51 -12.89 6.03
N ALA E 468 -45.13 -13.29 7.13
CA ALA E 468 -44.56 -14.23 8.09
C ALA E 468 -44.20 -15.56 7.43
N VAL E 469 -43.39 -16.34 8.16
CA VAL E 469 -42.76 -17.52 7.58
C VAL E 469 -43.79 -18.57 7.20
N ILE E 470 -44.73 -18.87 8.08
CA ILE E 470 -45.77 -19.85 7.75
C ILE E 470 -46.65 -19.40 6.59
N PRO E 471 -47.17 -18.17 6.55
CA PRO E 471 -47.83 -17.72 5.32
C PRO E 471 -46.97 -17.84 4.08
N GLN E 472 -45.66 -17.63 4.20
CA GLN E 472 -44.78 -17.89 3.08
C GLN E 472 -44.75 -19.36 2.69
N TYR E 473 -44.49 -20.26 3.65
CA TYR E 473 -44.41 -21.67 3.29
C TYR E 473 -45.76 -22.26 2.98
N GLN E 474 -46.80 -21.80 3.66
CA GLN E 474 -48.14 -22.23 3.33
C GLN E 474 -48.52 -21.82 1.92
N ALA E 475 -48.00 -20.69 1.44
CA ALA E 475 -48.20 -20.29 0.06
C ALA E 475 -47.41 -21.13 -0.94
N LEU E 476 -46.25 -21.65 -0.57
CA LEU E 476 -45.51 -22.50 -1.50
C LEU E 476 -46.20 -23.84 -1.71
N PHE E 477 -46.62 -24.48 -0.63
CA PHE E 477 -47.40 -25.70 -0.79
C PHE E 477 -48.77 -25.40 -1.38
N SER E 478 -49.34 -24.23 -1.06
CA SER E 478 -50.53 -23.78 -1.77
C SER E 478 -50.28 -23.65 -3.27
N MET E 479 -49.03 -23.39 -3.67
CA MET E 479 -48.75 -23.26 -5.10
C MET E 479 -48.84 -24.60 -5.80
N ASP E 480 -48.36 -25.66 -5.16
CA ASP E 480 -48.79 -26.98 -5.58
C ASP E 480 -50.26 -27.15 -5.28
N LYS E 481 -50.84 -28.21 -5.80
CA LYS E 481 -52.24 -28.46 -5.51
C LYS E 481 -52.38 -29.07 -4.12
N CYS E 482 -51.81 -28.39 -3.13
CA CYS E 482 -51.71 -28.89 -1.77
C CYS E 482 -52.03 -27.76 -0.82
N GLU E 483 -51.94 -28.05 0.47
CA GLU E 483 -52.20 -27.05 1.49
C GLU E 483 -51.41 -27.39 2.74
N LEU E 484 -50.99 -26.36 3.46
CA LEU E 484 -50.12 -26.55 4.61
C LEU E 484 -50.84 -26.06 5.86
N ASN E 485 -50.93 -26.94 6.86
CA ASN E 485 -51.73 -26.70 8.04
C ASN E 485 -50.95 -27.07 9.28
N VAL E 486 -51.10 -26.28 10.34
CA VAL E 486 -50.26 -26.37 11.53
C VAL E 486 -51.10 -26.15 12.77
N THR E 487 -50.90 -27.00 13.78
CA THR E 487 -51.57 -26.83 15.05
C THR E 487 -50.97 -25.66 15.80
N GLU E 488 -51.77 -25.08 16.69
CA GLU E 488 -51.26 -23.99 17.54
C GLU E 488 -50.17 -24.49 18.48
N ASP E 489 -50.35 -25.66 19.07
CA ASP E 489 -49.28 -26.25 19.87
C ASP E 489 -48.04 -26.53 19.03
N ALA E 490 -48.24 -26.88 17.76
CA ALA E 490 -47.09 -27.07 16.88
C ALA E 490 -46.31 -25.77 16.69
N LEU E 491 -47.01 -24.66 16.46
CA LEU E 491 -46.32 -23.38 16.39
C LEU E 491 -45.65 -23.04 17.72
N LYS E 492 -46.33 -23.31 18.82
CA LYS E 492 -45.76 -23.04 20.13
C LYS E 492 -44.53 -23.88 20.40
N ALA E 493 -44.55 -25.14 19.98
CA ALA E 493 -43.39 -26.01 20.13
C ALA E 493 -42.20 -25.53 19.29
N ILE E 494 -42.47 -25.03 18.09
CA ILE E 494 -41.41 -24.53 17.22
C ILE E 494 -40.71 -23.34 17.88
N ALA E 495 -41.47 -22.44 18.46
CA ALA E 495 -40.88 -21.28 19.10
C ALA E 495 -40.01 -21.69 20.27
N ARG E 496 -40.46 -22.70 21.02
CA ARG E 496 -39.74 -23.13 22.20
C ARG E 496 -38.37 -23.67 21.83
N LEU E 497 -38.29 -24.47 20.77
CA LEU E 497 -37.00 -24.95 20.28
C LEU E 497 -36.18 -23.82 19.68
N ALA E 498 -36.82 -22.90 18.97
CA ALA E 498 -36.08 -21.80 18.35
C ALA E 498 -35.38 -20.93 19.40
N LEU E 499 -36.06 -20.63 20.49
CA LEU E 499 -35.40 -19.88 21.56
C LEU E 499 -34.26 -20.68 22.16
N GLU E 500 -34.45 -21.98 22.32
CA GLU E 500 -33.41 -22.81 22.90
C GLU E 500 -32.18 -22.82 22.03
N ARG E 501 -32.36 -22.72 20.71
CA ARG E 501 -31.21 -22.67 19.81
C ARG E 501 -30.44 -21.36 19.92
N LYS E 502 -30.90 -20.40 20.71
CA LYS E 502 -30.21 -19.12 20.89
C LYS E 502 -29.98 -18.46 19.55
N THR E 503 -30.93 -18.62 18.65
CA THR E 503 -30.93 -18.00 17.33
C THR E 503 -32.13 -17.09 17.22
N GLY E 504 -31.91 -15.88 16.74
CA GLY E 504 -32.99 -14.93 16.56
C GLY E 504 -33.86 -15.26 15.36
N ALA E 505 -34.57 -14.24 14.89
CA ALA E 505 -35.51 -14.43 13.80
C ALA E 505 -34.87 -14.94 12.52
N ARG E 506 -33.55 -14.83 12.40
CA ARG E 506 -32.87 -15.51 11.29
C ARG E 506 -33.06 -17.02 11.38
N GLY E 507 -33.01 -17.57 12.61
CA GLY E 507 -33.08 -19.00 12.79
C GLY E 507 -34.46 -19.61 12.68
N LEU E 508 -35.52 -18.81 12.79
CA LEU E 508 -36.86 -19.36 12.62
C LEU E 508 -37.07 -19.93 11.22
N ARG E 509 -36.54 -19.26 10.20
CA ARG E 509 -36.63 -19.76 8.85
C ARG E 509 -35.94 -21.12 8.71
N SER E 510 -34.73 -21.24 9.26
CA SER E 510 -34.00 -22.51 9.19
C SER E 510 -34.74 -23.64 9.87
N ILE E 511 -35.28 -23.40 11.07
CA ILE E 511 -35.89 -24.50 11.78
C ILE E 511 -37.19 -24.93 11.10
N MET E 512 -37.90 -23.99 10.50
CA MET E 512 -39.11 -24.37 9.79
C MET E 512 -38.80 -25.13 8.51
N GLU E 513 -37.68 -24.81 7.86
CA GLU E 513 -37.25 -25.55 6.67
C GLU E 513 -36.85 -26.99 6.97
N LYS E 514 -36.45 -27.31 8.20
CA LYS E 514 -36.13 -28.70 8.51
C LYS E 514 -37.38 -29.56 8.56
N LEU E 515 -38.49 -29.02 9.05
CA LEU E 515 -39.67 -29.86 9.20
C LEU E 515 -40.32 -30.18 7.86
N LEU E 516 -40.20 -29.30 6.87
CA LEU E 516 -40.92 -29.45 5.61
C LEU E 516 -40.14 -30.13 4.50
N LEU E 517 -38.99 -30.72 4.79
CA LEU E 517 -38.18 -31.27 3.69
C LEU E 517 -38.90 -32.42 2.97
N GLU E 518 -39.35 -33.42 3.71
CA GLU E 518 -40.02 -34.56 3.09
C GLU E 518 -41.32 -34.22 2.40
N PRO E 519 -42.24 -33.44 3.00
CA PRO E 519 -43.41 -32.97 2.25
C PRO E 519 -43.09 -32.29 0.93
N MET E 520 -42.12 -31.38 0.91
CA MET E 520 -41.85 -30.60 -0.29
C MET E 520 -41.52 -31.49 -1.48
N PHE E 521 -40.77 -32.57 -1.25
CA PHE E 521 -40.48 -33.50 -2.34
C PHE E 521 -41.67 -34.37 -2.70
N GLU E 522 -42.42 -34.85 -1.70
CA GLU E 522 -43.43 -35.86 -1.95
C GLU E 522 -44.64 -35.31 -2.68
N VAL E 523 -45.12 -34.13 -2.30
CA VAL E 523 -46.41 -33.66 -2.81
C VAL E 523 -46.42 -33.37 -4.31
N PRO E 524 -45.33 -32.93 -4.96
CA PRO E 524 -45.40 -32.71 -6.42
C PRO E 524 -45.85 -33.94 -7.19
N ASN E 525 -46.11 -33.71 -8.48
CA ASN E 525 -46.83 -34.63 -9.35
C ASN E 525 -48.23 -34.96 -8.81
N SER E 526 -48.85 -33.96 -8.19
CA SER E 526 -50.23 -34.05 -7.72
C SER E 526 -50.46 -35.29 -6.86
N ASP E 527 -49.60 -35.49 -5.86
CA ASP E 527 -49.74 -36.67 -5.03
C ASP E 527 -50.75 -36.49 -3.91
N ILE E 528 -50.71 -35.35 -3.21
CA ILE E 528 -51.28 -35.23 -1.87
C ILE E 528 -51.95 -33.87 -1.73
N VAL E 529 -53.07 -33.82 -1.00
CA VAL E 529 -53.90 -32.61 -0.98
C VAL E 529 -53.60 -31.67 0.17
N CYS E 530 -53.25 -32.20 1.34
CA CYS E 530 -52.92 -31.36 2.47
C CYS E 530 -51.91 -32.07 3.35
N VAL E 531 -51.17 -31.30 4.12
CA VAL E 531 -50.19 -31.84 5.06
C VAL E 531 -50.33 -31.09 6.38
N GLU E 532 -50.22 -31.82 7.49
CA GLU E 532 -50.53 -31.25 8.79
C GLU E 532 -49.48 -31.67 9.81
N VAL E 533 -49.01 -30.71 10.58
CA VAL E 533 -47.92 -30.91 11.54
C VAL E 533 -48.49 -30.71 12.94
N ASP E 534 -48.15 -31.62 13.84
CA ASP E 534 -48.62 -31.53 15.20
C ASP E 534 -47.41 -31.41 16.13
N LYS E 535 -47.68 -31.38 17.44
CA LYS E 535 -46.61 -31.20 18.42
C LYS E 535 -45.58 -32.30 18.33
N GLU E 536 -46.03 -33.54 18.18
CA GLU E 536 -45.09 -34.65 18.07
C GLU E 536 -44.33 -34.62 16.75
N VAL E 537 -44.90 -34.00 15.72
CA VAL E 537 -44.17 -33.84 14.48
C VAL E 537 -43.04 -32.83 14.67
N VAL E 538 -43.30 -31.78 15.44
CA VAL E 538 -42.29 -30.74 15.67
C VAL E 538 -41.08 -31.32 16.37
N GLU E 539 -41.27 -32.22 17.31
CA GLU E 539 -40.12 -32.82 17.97
C GLU E 539 -39.32 -33.71 17.04
N GLY E 540 -39.83 -33.99 15.85
CA GLY E 540 -39.15 -34.85 14.90
C GLY E 540 -39.38 -36.33 15.11
N LYS E 541 -40.29 -36.70 16.01
CA LYS E 541 -40.52 -38.11 16.27
C LYS E 541 -41.41 -38.77 15.24
N LYS E 542 -42.03 -38.00 14.36
CA LYS E 542 -42.94 -38.61 13.40
C LYS E 542 -42.93 -37.80 12.12
N GLU E 543 -43.04 -38.51 11.00
CA GLU E 543 -43.16 -37.84 9.74
C GLU E 543 -44.54 -37.21 9.65
N PRO E 544 -44.68 -36.11 8.92
CA PRO E 544 -46.01 -35.56 8.69
C PRO E 544 -46.87 -36.47 7.83
N GLY E 545 -48.14 -36.58 8.22
CA GLY E 545 -49.10 -37.50 7.66
C GLY E 545 -49.82 -36.87 6.49
N TYR E 546 -49.18 -36.83 5.33
CA TYR E 546 -49.79 -36.24 4.14
C TYR E 546 -51.15 -36.88 3.84
N ILE E 547 -51.99 -36.11 3.16
CA ILE E 547 -53.27 -36.57 2.65
C ILE E 547 -53.39 -36.12 1.21
N PRO F 110 -40.84 -24.99 -13.40
CA PRO F 110 -39.70 -25.86 -13.07
C PRO F 110 -40.10 -27.32 -13.03
N PRO F 111 -39.20 -28.20 -13.50
CA PRO F 111 -39.51 -29.63 -13.46
C PRO F 111 -39.58 -30.11 -12.03
N PRO F 112 -40.44 -31.08 -11.73
CA PRO F 112 -40.51 -31.59 -10.38
C PRO F 112 -39.15 -32.08 -9.92
N PRO F 113 -38.90 -32.09 -8.61
CA PRO F 113 -37.67 -32.70 -8.10
C PRO F 113 -37.49 -34.15 -8.53
N LYS F 114 -38.56 -34.84 -8.90
CA LYS F 114 -38.42 -36.22 -9.37
C LYS F 114 -37.45 -36.30 -10.54
N LYS F 115 -37.61 -35.42 -11.52
CA LYS F 115 -36.71 -35.44 -12.65
C LYS F 115 -35.32 -34.95 -12.27
N ILE F 116 -35.25 -33.96 -11.38
CA ILE F 116 -33.95 -33.43 -10.97
C ILE F 116 -33.13 -34.52 -10.29
N TYR F 117 -33.78 -35.36 -9.49
CA TYR F 117 -33.09 -36.46 -8.84
C TYR F 117 -32.55 -37.45 -9.88
N ASN F 118 -33.33 -37.74 -10.92
CA ASN F 118 -32.92 -38.71 -11.92
C ASN F 118 -31.68 -38.26 -12.68
N TYR F 119 -31.55 -36.97 -12.95
CA TYR F 119 -30.31 -36.46 -13.53
C TYR F 119 -29.17 -36.45 -12.52
N LEU F 120 -29.39 -35.91 -11.33
CA LEU F 120 -28.33 -35.83 -10.34
C LEU F 120 -27.81 -37.21 -9.96
N ASP F 121 -28.71 -38.17 -9.74
CA ASP F 121 -28.30 -39.46 -9.21
C ASP F 121 -27.22 -40.12 -10.05
N LYS F 122 -27.22 -39.86 -11.35
CA LYS F 122 -26.30 -40.54 -12.26
C LYS F 122 -24.84 -40.16 -12.02
N TYR F 123 -24.55 -39.18 -11.19
CA TYR F 123 -23.25 -38.52 -11.26
C TYR F 123 -22.50 -38.50 -9.94
N VAL F 124 -23.23 -38.55 -8.83
CA VAL F 124 -22.63 -38.74 -7.51
C VAL F 124 -23.46 -39.75 -6.74
N VAL F 125 -23.02 -41.01 -6.75
CA VAL F 125 -23.87 -42.11 -6.32
C VAL F 125 -23.96 -42.19 -4.81
N GLY F 126 -22.97 -41.70 -4.08
CA GLY F 126 -22.91 -41.93 -2.64
C GLY F 126 -23.69 -40.94 -1.79
N GLN F 127 -24.11 -39.81 -2.35
CA GLN F 127 -24.66 -38.73 -1.55
C GLN F 127 -26.16 -38.65 -1.76
N SER F 128 -26.84 -39.77 -1.53
CA SER F 128 -28.27 -39.87 -1.79
C SER F 128 -29.05 -38.81 -1.01
N PHE F 129 -28.75 -38.70 0.28
CA PHE F 129 -29.40 -37.70 1.12
C PHE F 129 -29.19 -36.30 0.56
N ALA F 130 -27.94 -35.94 0.27
CA ALA F 130 -27.65 -34.58 -0.19
C ALA F 130 -28.28 -34.31 -1.54
N LYS F 131 -28.33 -35.32 -2.40
CA LYS F 131 -29.04 -35.19 -3.68
C LYS F 131 -30.48 -34.74 -3.49
N LYS F 132 -31.18 -35.27 -2.50
CA LYS F 132 -32.56 -34.84 -2.25
C LYS F 132 -32.63 -33.37 -1.85
N VAL F 133 -31.84 -32.97 -0.85
CA VAL F 133 -31.94 -31.60 -0.34
C VAL F 133 -31.67 -30.59 -1.45
N LEU F 134 -30.62 -30.81 -2.23
CA LEU F 134 -30.32 -29.91 -3.34
C LEU F 134 -31.43 -29.88 -4.37
N SER F 135 -31.91 -31.06 -4.78
CA SER F 135 -32.94 -31.13 -5.81
C SER F 135 -34.24 -30.49 -5.37
N VAL F 136 -34.68 -30.74 -4.14
CA VAL F 136 -36.00 -30.28 -3.71
C VAL F 136 -36.01 -28.78 -3.49
N ALA F 137 -34.95 -28.24 -2.91
CA ALA F 137 -34.93 -26.81 -2.62
C ALA F 137 -34.98 -25.97 -3.89
N VAL F 138 -34.19 -26.34 -4.89
CA VAL F 138 -34.07 -25.52 -6.09
C VAL F 138 -35.37 -25.49 -6.90
N TYR F 139 -36.08 -26.62 -6.98
CA TYR F 139 -37.36 -26.63 -7.70
C TYR F 139 -38.35 -25.62 -7.11
N ASN F 140 -38.54 -25.65 -5.80
CA ASN F 140 -39.46 -24.71 -5.17
C ASN F 140 -39.00 -23.28 -5.36
N HIS F 141 -37.70 -23.07 -5.39
CA HIS F 141 -37.14 -21.72 -5.53
C HIS F 141 -37.53 -21.12 -6.87
N TYR F 142 -37.31 -21.86 -7.95
CA TYR F 142 -37.71 -21.39 -9.27
C TYR F 142 -39.21 -21.48 -9.49
N LYS F 143 -39.94 -22.18 -8.62
CA LYS F 143 -41.39 -22.09 -8.63
C LYS F 143 -41.85 -20.72 -8.11
N ARG F 144 -41.32 -20.31 -6.96
CA ARG F 144 -41.63 -18.98 -6.44
C ARG F 144 -41.23 -17.89 -7.42
N ILE F 145 -40.15 -18.10 -8.16
CA ILE F 145 -39.78 -17.12 -9.18
C ILE F 145 -40.79 -17.16 -10.32
N TYR F 146 -41.23 -18.36 -10.68
CA TYR F 146 -42.28 -18.50 -11.68
C TYR F 146 -43.55 -17.76 -11.26
N ASN F 147 -43.78 -17.63 -9.95
CA ASN F 147 -44.62 -16.56 -9.43
C ASN F 147 -43.92 -15.21 -9.52
N LEU F 228 -41.13 -13.81 -1.51
CA LEU F 228 -40.65 -15.15 -1.86
C LEU F 228 -39.14 -15.19 -1.68
N GLU F 229 -38.72 -15.27 -0.43
CA GLU F 229 -37.31 -15.22 -0.09
C GLU F 229 -36.58 -16.50 -0.48
N LYS F 230 -35.38 -16.34 -1.00
CA LYS F 230 -34.45 -17.44 -1.14
C LYS F 230 -33.92 -17.86 0.23
N SER F 231 -33.07 -18.88 0.23
CA SER F 231 -32.38 -19.33 1.44
C SER F 231 -31.06 -19.93 0.99
N ASN F 232 -29.95 -19.33 1.41
CA ASN F 232 -28.66 -19.77 0.88
C ASN F 232 -28.31 -21.16 1.38
N ILE F 233 -27.55 -21.87 0.55
CA ILE F 233 -27.23 -23.29 0.76
C ILE F 233 -25.79 -23.40 1.22
N LEU F 234 -25.57 -24.17 2.28
CA LEU F 234 -24.22 -24.51 2.73
C LEU F 234 -23.97 -26.00 2.51
N LEU F 235 -22.92 -26.31 1.74
CA LEU F 235 -22.41 -27.67 1.60
C LEU F 235 -21.30 -27.94 2.60
N LEU F 236 -21.45 -28.99 3.41
CA LEU F 236 -20.40 -29.35 4.35
C LEU F 236 -19.27 -30.06 3.62
N THR F 239 -17.15 -31.94 -0.30
CA THR F 239 -15.86 -31.51 0.24
C THR F 239 -15.00 -32.73 0.57
N GLY F 240 -13.86 -32.84 -0.11
CA GLY F 240 -13.20 -34.12 -0.25
C GLY F 240 -14.03 -35.14 -1.01
N SER F 241 -15.17 -34.70 -1.57
CA SER F 241 -16.12 -35.63 -2.16
C SER F 241 -16.85 -35.04 -3.37
N GLY F 242 -16.27 -34.08 -4.06
CA GLY F 242 -16.81 -33.65 -5.34
C GLY F 242 -17.77 -32.49 -5.27
N LYS F 243 -17.59 -31.59 -4.31
CA LYS F 243 -18.46 -30.42 -4.20
C LYS F 243 -18.46 -29.63 -5.50
N THR F 244 -17.28 -29.39 -6.07
CA THR F 244 -17.22 -28.72 -7.37
C THR F 244 -17.77 -29.61 -8.48
N LEU F 245 -17.58 -30.93 -8.36
CA LEU F 245 -18.27 -31.85 -9.26
C LEU F 245 -19.78 -31.67 -9.15
N LEU F 246 -20.30 -31.72 -7.93
CA LEU F 246 -21.73 -31.60 -7.70
C LEU F 246 -22.28 -30.25 -8.18
N ALA F 247 -21.55 -29.17 -7.89
CA ALA F 247 -21.97 -27.86 -8.36
C ALA F 247 -22.13 -27.79 -9.87
N GLN F 248 -21.13 -28.28 -10.60
CA GLN F 248 -21.23 -28.35 -12.05
C GLN F 248 -22.31 -29.33 -12.52
N THR F 249 -22.65 -30.33 -11.71
CA THR F 249 -23.77 -31.20 -12.03
C THR F 249 -25.08 -30.44 -12.14
N LEU F 250 -25.43 -29.67 -11.11
CA LEU F 250 -26.64 -28.84 -11.21
C LEU F 250 -26.56 -27.87 -12.37
N ALA F 251 -25.42 -27.21 -12.55
CA ALA F 251 -25.29 -26.25 -13.64
C ALA F 251 -25.55 -26.91 -14.98
N LYS F 252 -24.98 -28.08 -15.20
CA LYS F 252 -25.25 -28.82 -16.43
C LYS F 252 -26.70 -29.24 -16.53
N CYS F 253 -27.40 -29.37 -15.40
CA CYS F 253 -28.85 -29.59 -15.46
C CYS F 253 -29.62 -28.33 -15.85
N LEU F 254 -29.39 -27.23 -15.16
CA LEU F 254 -30.30 -26.10 -15.24
C LEU F 254 -29.92 -25.06 -16.28
N ASP F 255 -28.64 -24.95 -16.61
CA ASP F 255 -28.14 -23.92 -17.53
C ASP F 255 -28.40 -22.51 -17.01
N VAL F 256 -28.66 -22.40 -15.71
CA VAL F 256 -28.77 -21.11 -15.04
C VAL F 256 -27.38 -20.45 -15.03
N PRO F 257 -27.29 -19.14 -14.80
CA PRO F 257 -25.98 -18.53 -14.54
C PRO F 257 -25.24 -19.27 -13.44
N PHE F 258 -24.00 -19.67 -13.76
CA PHE F 258 -23.17 -20.43 -12.85
C PHE F 258 -21.75 -19.90 -12.90
N ALA F 259 -21.17 -19.65 -11.73
CA ALA F 259 -19.80 -19.16 -11.65
C ALA F 259 -19.20 -19.65 -10.35
N ILE F 260 -17.88 -19.72 -10.33
CA ILE F 260 -17.14 -20.26 -9.20
C ILE F 260 -16.32 -19.15 -8.57
N CYS F 261 -16.28 -19.11 -7.24
CA CYS F 261 -15.44 -18.17 -6.53
C CYS F 261 -14.86 -18.83 -5.28
N ASP F 262 -13.69 -18.35 -4.88
CA ASP F 262 -12.98 -18.87 -3.71
C ASP F 262 -13.14 -17.90 -2.55
N CYS F 263 -13.63 -18.42 -1.42
CA CYS F 263 -13.65 -17.63 -0.20
C CYS F 263 -12.28 -17.65 0.47
N ALA F 281 -20.06 -10.33 -11.73
CA ALA F 281 -19.68 -9.85 -13.05
C ALA F 281 -19.34 -11.02 -13.95
N LYS F 282 -18.47 -11.90 -13.45
CA LYS F 282 -18.19 -13.15 -14.14
C LYS F 282 -19.48 -13.92 -14.38
N LEU F 283 -20.46 -13.73 -13.50
CA LEU F 283 -21.77 -14.35 -13.65
C LEU F 283 -22.54 -13.75 -14.83
N LEU F 284 -22.50 -12.43 -15.01
CA LEU F 284 -23.16 -11.85 -16.16
C LEU F 284 -22.46 -12.24 -17.45
N GLN F 285 -21.16 -12.47 -17.38
CA GLN F 285 -20.46 -13.01 -18.53
C GLN F 285 -20.87 -14.46 -18.70
N ASP F 286 -20.96 -15.18 -17.58
CA ASP F 286 -21.45 -16.55 -17.57
C ASP F 286 -22.91 -16.62 -17.99
N ALA F 287 -23.66 -15.56 -17.71
CA ALA F 287 -25.01 -15.39 -18.23
C ALA F 287 -25.02 -14.95 -19.69
N ASN F 288 -23.83 -14.78 -20.28
CA ASN F 288 -23.68 -14.28 -21.64
C ASN F 288 -24.37 -12.94 -21.78
N TYR F 289 -24.24 -12.13 -20.73
CA TYR F 289 -24.74 -10.77 -20.68
C TYR F 289 -26.23 -10.68 -20.98
N ASN F 290 -26.95 -11.78 -20.80
CA ASN F 290 -28.31 -11.87 -21.31
C ASN F 290 -29.23 -11.09 -20.39
N LYS F 293 -34.35 -13.93 -15.48
CA LYS F 293 -33.20 -14.75 -15.12
C LYS F 293 -32.11 -13.90 -14.47
N ALA F 294 -32.22 -12.57 -14.63
CA ALA F 294 -31.06 -11.70 -14.47
C ALA F 294 -30.33 -11.94 -13.15
N GLN F 295 -31.05 -12.38 -12.11
CA GLN F 295 -30.44 -12.61 -10.81
C GLN F 295 -30.86 -13.94 -10.20
N GLN F 296 -31.38 -14.85 -11.01
CA GLN F 296 -31.85 -16.13 -10.51
C GLN F 296 -30.79 -17.22 -10.48
N GLY F 297 -29.54 -16.93 -10.84
CA GLY F 297 -28.57 -17.98 -10.99
C GLY F 297 -27.96 -18.45 -9.68
N ILE F 298 -27.00 -19.36 -9.83
CA ILE F 298 -26.29 -19.98 -8.71
C ILE F 298 -24.86 -19.46 -8.69
N VAL F 299 -24.43 -18.98 -7.54
CA VAL F 299 -23.03 -18.66 -7.30
C VAL F 299 -22.43 -19.76 -6.43
N PHE F 300 -21.28 -20.28 -6.84
CA PHE F 300 -20.56 -21.24 -6.02
C PHE F 300 -19.45 -20.54 -5.25
N LEU F 301 -19.50 -20.66 -3.92
CA LEU F 301 -18.49 -20.12 -3.02
C LEU F 301 -17.71 -21.27 -2.40
N ASP F 302 -16.45 -21.40 -2.80
CA ASP F 302 -15.57 -22.47 -2.34
C ASP F 302 -14.82 -22.07 -1.08
N GLN F 303 -14.36 -23.09 -0.35
CA GLN F 303 -13.47 -22.92 0.80
C GLN F 303 -14.03 -21.95 1.84
N VAL F 304 -15.36 -21.98 2.02
CA VAL F 304 -15.99 -21.08 2.98
C VAL F 304 -15.52 -21.37 4.39
N ASP F 305 -15.08 -22.60 4.65
CA ASP F 305 -14.48 -22.94 5.94
C ASP F 305 -13.32 -22.01 6.30
N GLN F 325 -15.89 -12.68 7.38
CA GLN F 325 -16.89 -13.34 6.54
C GLN F 325 -18.03 -12.37 6.26
N GLN F 326 -18.18 -11.41 7.17
CA GLN F 326 -19.35 -10.54 7.25
C GLN F 326 -19.49 -9.62 6.05
N GLY F 327 -18.43 -9.39 5.27
CA GLY F 327 -18.55 -8.52 4.12
C GLY F 327 -19.42 -9.03 3.00
N LEU F 328 -19.59 -10.34 2.88
CA LEU F 328 -20.51 -10.87 1.88
C LEU F 328 -21.97 -10.84 2.34
N LEU F 329 -22.25 -10.48 3.59
CA LEU F 329 -23.62 -10.57 4.10
C LEU F 329 -24.58 -9.70 3.28
N LYS F 330 -24.20 -8.47 2.99
CA LYS F 330 -25.04 -7.68 2.09
C LYS F 330 -24.96 -8.18 0.67
N LEU F 331 -23.88 -8.88 0.33
CA LEU F 331 -23.77 -9.48 -0.99
C LEU F 331 -24.60 -10.74 -1.05
N LEU F 332 -24.65 -11.47 0.06
CA LEU F 332 -25.59 -12.57 0.19
C LEU F 332 -27.03 -12.06 0.16
N GLU F 333 -27.26 -10.89 0.75
CA GLU F 333 -28.45 -10.11 0.47
C GLU F 333 -28.33 -9.46 -0.91
N GLY F 334 -29.25 -8.55 -1.23
CA GLY F 334 -29.12 -7.66 -2.37
C GLY F 334 -28.06 -6.59 -2.30
N THR F 335 -27.01 -6.71 -3.12
CA THR F 335 -26.11 -5.60 -3.38
C THR F 335 -25.27 -5.81 -4.63
N ASP F 355 -28.87 -5.78 -8.46
CA ASP F 355 -29.11 -6.30 -7.12
C ASP F 355 -28.57 -7.71 -6.99
N THR F 356 -28.52 -8.21 -5.75
CA THR F 356 -28.11 -9.58 -5.46
C THR F 356 -29.19 -10.35 -4.71
N THR F 357 -30.31 -9.71 -4.40
CA THR F 357 -31.32 -10.27 -3.52
C THR F 357 -31.87 -11.62 -3.99
N ASN F 358 -31.81 -11.90 -5.29
CA ASN F 358 -32.33 -13.17 -5.80
C ASN F 358 -31.31 -14.30 -5.85
N ILE F 359 -30.02 -14.03 -5.68
CA ILE F 359 -29.00 -15.02 -6.02
C ILE F 359 -29.01 -16.16 -5.01
N LEU F 360 -29.17 -17.38 -5.51
CA LEU F 360 -28.96 -18.56 -4.69
C LEU F 360 -27.47 -18.85 -4.62
N PHE F 361 -26.95 -19.00 -3.40
CA PHE F 361 -25.55 -19.29 -3.18
C PHE F 361 -25.32 -20.73 -2.78
N VAL F 362 -24.24 -21.32 -3.31
CA VAL F 362 -23.79 -22.63 -2.86
C VAL F 362 -22.45 -22.47 -2.17
N ALA F 363 -22.48 -22.26 -0.85
CA ALA F 363 -21.29 -22.31 -0.02
C ALA F 363 -20.79 -23.74 0.15
N SER F 364 -19.47 -23.88 0.34
CA SER F 364 -18.87 -25.18 0.62
C SER F 364 -17.66 -24.99 1.52
N GLY F 365 -17.41 -25.97 2.39
CA GLY F 365 -16.21 -25.97 3.20
C GLY F 365 -16.04 -27.18 4.10
N ALA F 366 -14.79 -27.53 4.39
CA ALA F 366 -14.46 -28.59 5.34
C ALA F 366 -14.26 -28.02 6.74
N PHE F 367 -15.30 -28.07 7.55
CA PHE F 367 -15.27 -27.47 8.90
C PHE F 367 -14.51 -28.43 9.83
N ASN F 368 -13.19 -28.34 9.77
CA ASN F 368 -12.32 -29.26 10.50
C ASN F 368 -12.52 -29.15 12.00
N GLY F 369 -12.89 -30.25 12.63
CA GLY F 369 -13.24 -30.24 14.04
C GLY F 369 -14.70 -29.99 14.34
N LEU F 370 -15.55 -29.84 13.32
CA LEU F 370 -16.99 -29.80 13.57
C LEU F 370 -17.48 -31.10 14.20
N ASP F 371 -16.89 -32.23 13.83
CA ASP F 371 -17.13 -33.47 14.58
C ASP F 371 -16.80 -33.29 16.06
N ARG F 372 -15.64 -32.71 16.35
CA ARG F 372 -15.29 -32.45 17.74
C ARG F 372 -16.19 -31.37 18.32
N ILE F 373 -16.69 -30.46 17.48
CA ILE F 373 -17.64 -29.47 17.95
C ILE F 373 -19.01 -30.11 18.14
N ILE F 374 -19.39 -31.02 17.26
CA ILE F 374 -20.58 -31.83 17.52
C ILE F 374 -20.34 -32.74 18.72
N SER F 375 -19.13 -33.28 18.84
CA SER F 375 -18.74 -33.97 20.06
C SER F 375 -18.80 -33.06 21.27
N ARG F 376 -18.50 -31.77 21.08
CA ARG F 376 -18.72 -30.80 22.15
C ARG F 376 -20.21 -30.59 22.40
N ARG F 377 -20.97 -30.36 21.34
CA ARG F 377 -22.42 -30.14 21.48
C ARG F 377 -23.14 -31.38 21.99
N LYS F 378 -22.72 -32.57 21.56
CA LYS F 378 -23.26 -33.82 22.07
C LYS F 378 -22.54 -34.32 23.32
N ASN F 379 -21.77 -33.46 23.99
CA ASN F 379 -20.92 -33.85 25.10
C ASN F 379 -19.99 -35.00 24.73
N GLU F 417 -17.61 -44.89 8.53
CA GLU F 417 -18.52 -43.79 8.22
C GLU F 417 -19.00 -43.14 9.51
N GLU F 418 -18.44 -43.61 10.63
CA GLU F 418 -18.94 -43.21 11.95
C GLU F 418 -18.90 -41.70 12.14
N LYS F 419 -17.83 -41.05 11.67
CA LYS F 419 -17.75 -39.59 11.72
C LYS F 419 -18.77 -38.93 10.79
N ASP F 420 -19.11 -39.57 9.67
CA ASP F 420 -20.23 -39.08 8.86
C ASP F 420 -21.56 -39.31 9.57
N ARG F 421 -21.66 -40.36 10.39
CA ARG F 421 -22.85 -40.58 11.19
C ARG F 421 -22.95 -39.56 12.33
N LEU F 422 -21.81 -39.15 12.88
CA LEU F 422 -21.81 -38.01 13.80
C LEU F 422 -22.12 -36.71 13.07
N LEU F 423 -21.54 -36.51 11.88
CA LEU F 423 -21.88 -35.34 11.08
C LEU F 423 -23.34 -35.33 10.67
N ARG F 424 -23.95 -36.50 10.50
CA ARG F 424 -25.40 -36.59 10.32
C ARG F 424 -26.18 -36.01 11.49
N HIS F 425 -25.55 -35.85 12.66
CA HIS F 425 -26.19 -35.22 13.81
C HIS F 425 -25.97 -33.73 13.89
N VAL F 426 -25.32 -33.13 12.88
CA VAL F 426 -24.99 -31.69 12.91
C VAL F 426 -26.22 -30.82 13.17
N ARG F 429 -25.97 -22.88 15.50
CA ARG F 429 -25.58 -22.66 16.89
C ARG F 429 -24.45 -23.59 17.26
N ASP F 430 -24.64 -24.88 16.95
CA ASP F 430 -23.53 -25.80 16.95
C ASP F 430 -22.47 -25.39 15.93
N LEU F 431 -22.92 -24.98 14.74
CA LEU F 431 -22.00 -24.52 13.70
C LEU F 431 -21.28 -23.24 14.10
N ILE F 432 -21.94 -22.38 14.87
CA ILE F 432 -21.27 -21.19 15.40
C ILE F 432 -20.20 -21.57 16.39
N GLU F 433 -20.47 -22.59 17.23
CA GLU F 433 -19.51 -23.02 18.23
C GLU F 433 -18.20 -23.48 17.60
N PHE F 434 -18.26 -24.04 16.39
CA PHE F 434 -17.04 -24.36 15.66
C PHE F 434 -16.26 -23.10 15.30
N GLY F 435 -16.93 -21.96 15.16
CA GLY F 435 -16.24 -20.70 14.95
C GLY F 435 -16.80 -19.80 13.88
N MET F 436 -17.85 -20.25 13.20
CA MET F 436 -18.46 -19.45 12.15
C MET F 436 -19.16 -18.22 12.71
N ILE F 437 -19.15 -17.14 11.93
CA ILE F 437 -19.82 -15.90 12.34
C ILE F 437 -21.32 -16.14 12.45
N PRO F 438 -21.95 -15.82 13.58
CA PRO F 438 -23.41 -16.00 13.70
C PRO F 438 -24.22 -15.33 12.59
N GLU F 439 -23.90 -14.07 12.27
CA GLU F 439 -24.59 -13.37 11.18
C GLU F 439 -24.39 -14.08 9.86
N PHE F 440 -23.23 -14.71 9.68
CA PHE F 440 -22.95 -15.43 8.46
C PHE F 440 -23.66 -16.77 8.45
N VAL F 441 -23.70 -17.43 9.61
CA VAL F 441 -24.52 -18.63 9.78
C VAL F 441 -25.99 -18.34 9.52
N GLY F 442 -26.46 -17.14 9.88
CA GLY F 442 -27.87 -16.83 9.72
C GLY F 442 -28.33 -16.85 8.27
N ARG F 443 -27.49 -16.40 7.36
CA ARG F 443 -27.75 -16.52 5.93
C ARG F 443 -27.40 -17.90 5.39
N LEU F 444 -26.94 -18.82 6.21
CA LEU F 444 -26.74 -20.19 5.75
C LEU F 444 -27.68 -21.18 6.43
N PRO F 445 -29.00 -21.06 6.20
CA PRO F 445 -29.94 -21.87 6.97
C PRO F 445 -30.04 -23.33 6.53
N VAL F 446 -29.55 -23.69 5.35
CA VAL F 446 -29.61 -25.05 4.85
C VAL F 446 -28.21 -25.62 4.73
N VAL F 447 -28.00 -26.76 5.39
CA VAL F 447 -26.68 -27.36 5.58
C VAL F 447 -26.79 -28.84 5.25
N VAL F 448 -25.79 -29.38 4.55
CA VAL F 448 -25.83 -30.75 4.05
C VAL F 448 -24.53 -31.50 4.32
N PRO F 449 -24.56 -32.63 5.02
CA PRO F 449 -23.49 -33.63 4.90
C PRO F 449 -23.36 -34.18 3.49
N LEU F 450 -22.17 -34.67 3.16
CA LEU F 450 -21.85 -35.09 1.79
C LEU F 450 -21.35 -36.53 1.72
N HIS F 451 -21.92 -37.43 2.51
CA HIS F 451 -21.56 -38.87 2.51
C HIS F 451 -20.05 -39.06 2.51
N SER F 452 -19.37 -38.27 3.33
CA SER F 452 -17.98 -37.88 3.11
C SER F 452 -16.99 -39.04 3.01
N LEU F 453 -17.35 -40.27 3.41
CA LEU F 453 -16.34 -41.32 3.25
C LEU F 453 -16.16 -41.78 1.80
N ASP F 454 -17.24 -41.94 1.05
CA ASP F 454 -17.16 -42.35 -0.36
C ASP F 454 -16.35 -43.64 -0.60
N GLU F 455 -16.09 -44.46 0.43
CA GLU F 455 -14.95 -45.38 0.33
C GLU F 455 -15.17 -46.65 -0.47
N LYS F 456 -16.38 -47.14 -0.61
CA LYS F 456 -16.64 -48.13 -1.66
C LYS F 456 -17.15 -47.50 -2.95
N THR F 457 -17.96 -46.44 -2.83
CA THR F 457 -18.53 -45.79 -4.00
C THR F 457 -17.47 -45.30 -4.98
N LEU F 458 -16.22 -45.21 -4.54
CA LEU F 458 -15.12 -45.00 -5.48
C LEU F 458 -15.11 -46.06 -6.59
N VAL F 459 -15.42 -47.31 -6.24
CA VAL F 459 -15.40 -48.37 -7.25
C VAL F 459 -16.52 -48.15 -8.26
N GLN F 460 -17.70 -47.77 -7.78
CA GLN F 460 -18.74 -47.29 -8.66
C GLN F 460 -18.29 -46.08 -9.46
N ILE F 461 -17.66 -45.12 -8.77
CA ILE F 461 -17.16 -43.90 -9.42
C ILE F 461 -16.15 -44.24 -10.51
N LEU F 462 -15.33 -45.25 -10.28
CA LEU F 462 -14.41 -45.68 -11.33
C LEU F 462 -15.12 -46.32 -12.52
N THR F 463 -16.40 -46.63 -12.38
CA THR F 463 -17.08 -47.44 -13.37
C THR F 463 -18.40 -46.84 -13.85
N GLU F 464 -19.33 -46.63 -12.93
CA GLU F 464 -20.71 -46.36 -13.31
C GLU F 464 -20.96 -44.97 -13.88
N PRO F 465 -20.44 -43.88 -13.30
CA PRO F 465 -20.85 -42.55 -13.77
C PRO F 465 -20.64 -42.29 -15.26
N ARG F 466 -21.33 -41.25 -15.71
CA ARG F 466 -21.45 -40.85 -17.11
C ARG F 466 -20.11 -40.81 -17.83
N ASN F 467 -19.03 -40.50 -17.13
CA ASN F 467 -17.70 -40.45 -17.74
C ASN F 467 -16.64 -40.92 -16.76
N ALA F 468 -16.86 -42.08 -16.15
CA ALA F 468 -15.91 -42.63 -15.19
C ALA F 468 -14.54 -42.83 -15.83
N VAL F 469 -13.51 -42.73 -14.99
CA VAL F 469 -12.13 -42.62 -15.45
C VAL F 469 -11.70 -43.84 -16.27
N ILE F 470 -12.00 -45.04 -15.81
CA ILE F 470 -11.57 -46.24 -16.52
C ILE F 470 -12.27 -46.41 -17.86
N PRO F 471 -13.59 -46.26 -17.96
CA PRO F 471 -14.21 -46.11 -19.29
C PRO F 471 -13.57 -45.03 -20.18
N GLN F 472 -13.09 -43.93 -19.62
CA GLN F 472 -12.35 -42.97 -20.44
C GLN F 472 -11.02 -43.53 -20.92
N TYR F 473 -10.26 -44.19 -20.05
CA TYR F 473 -9.01 -44.80 -20.49
C TYR F 473 -9.24 -45.86 -21.55
N GLN F 474 -10.32 -46.62 -21.43
CA GLN F 474 -10.65 -47.58 -22.48
C GLN F 474 -10.94 -46.88 -23.79
N ALA F 475 -11.65 -45.75 -23.73
CA ALA F 475 -11.78 -44.93 -24.93
C ALA F 475 -10.45 -44.38 -25.39
N LEU F 476 -9.53 -44.06 -24.47
CA LEU F 476 -8.21 -43.59 -24.89
C LEU F 476 -7.40 -44.67 -25.59
N PHE F 477 -7.05 -45.74 -24.87
CA PHE F 477 -6.16 -46.75 -25.45
C PHE F 477 -6.83 -47.50 -26.59
N SER F 478 -8.08 -47.91 -26.41
CA SER F 478 -8.83 -48.54 -27.49
C SER F 478 -9.35 -47.54 -28.51
N MET F 479 -8.94 -46.27 -28.44
CA MET F 479 -9.07 -45.44 -29.63
C MET F 479 -8.03 -45.83 -30.66
N ASP F 480 -6.86 -46.26 -30.22
CA ASP F 480 -6.00 -47.09 -31.04
C ASP F 480 -6.49 -48.53 -31.00
N LYS F 481 -5.79 -49.40 -31.72
CA LYS F 481 -6.24 -50.77 -31.89
C LYS F 481 -6.27 -51.57 -30.59
N CYS F 482 -5.50 -51.18 -29.58
CA CYS F 482 -5.17 -52.10 -28.52
C CYS F 482 -6.37 -52.39 -27.61
N GLU F 483 -6.31 -53.55 -26.96
CA GLU F 483 -7.19 -53.86 -25.84
C GLU F 483 -6.82 -53.03 -24.62
N LEU F 484 -7.72 -52.98 -23.64
CA LEU F 484 -7.33 -52.61 -22.29
C LEU F 484 -8.33 -53.22 -21.31
N ASN F 485 -8.07 -54.46 -20.90
CA ASN F 485 -8.78 -55.02 -19.76
C ASN F 485 -8.18 -54.52 -18.45
N VAL F 486 -9.06 -54.11 -17.54
CA VAL F 486 -8.68 -53.90 -16.14
C VAL F 486 -9.51 -54.83 -15.28
N THR F 487 -8.83 -55.76 -14.60
CA THR F 487 -9.54 -56.77 -13.83
C THR F 487 -10.34 -56.13 -12.71
N GLU F 488 -11.41 -56.81 -12.31
CA GLU F 488 -12.27 -56.30 -11.26
C GLU F 488 -11.58 -56.24 -9.90
N ASP F 489 -10.61 -57.12 -9.65
CA ASP F 489 -9.80 -57.04 -8.45
C ASP F 489 -8.71 -55.97 -8.51
N ALA F 490 -8.37 -55.47 -9.70
CA ALA F 490 -7.52 -54.30 -9.79
C ALA F 490 -8.25 -53.04 -9.37
N LEU F 491 -9.49 -52.88 -9.82
CA LEU F 491 -10.33 -51.79 -9.32
C LEU F 491 -10.46 -51.85 -7.81
N LYS F 492 -10.65 -53.04 -7.25
CA LYS F 492 -10.68 -53.20 -5.80
C LYS F 492 -9.43 -52.62 -5.16
N ALA F 493 -8.25 -53.02 -5.63
CA ALA F 493 -7.01 -52.49 -5.08
C ALA F 493 -6.81 -51.02 -5.41
N ILE F 494 -7.22 -50.59 -6.61
CA ILE F 494 -7.04 -49.19 -7.02
C ILE F 494 -7.80 -48.24 -6.12
N ALA F 495 -9.06 -48.54 -5.84
CA ALA F 495 -9.83 -47.76 -4.87
C ALA F 495 -9.15 -47.77 -3.51
N ARG F 496 -8.71 -48.94 -3.07
CA ARG F 496 -7.98 -49.06 -1.82
C ARG F 496 -6.73 -48.19 -1.82
N LEU F 497 -6.03 -48.11 -2.95
CA LEU F 497 -4.86 -47.25 -3.03
C LEU F 497 -5.23 -45.78 -2.83
N ALA F 498 -6.29 -45.32 -3.48
CA ALA F 498 -6.70 -43.93 -3.35
C ALA F 498 -7.13 -43.62 -1.92
N LEU F 499 -7.80 -44.57 -1.27
CA LEU F 499 -8.24 -44.37 0.11
C LEU F 499 -7.08 -44.41 1.10
N GLU F 500 -6.11 -45.30 0.92
CA GLU F 500 -4.96 -45.29 1.82
C GLU F 500 -4.13 -44.03 1.65
N ARG F 501 -4.04 -43.50 0.44
CA ARG F 501 -3.34 -42.24 0.24
C ARG F 501 -4.10 -41.06 0.82
N LYS F 502 -5.33 -41.29 1.30
CA LYS F 502 -6.15 -40.21 1.85
C LYS F 502 -6.41 -39.17 0.78
N THR F 503 -6.68 -39.64 -0.43
CA THR F 503 -7.05 -38.80 -1.56
C THR F 503 -8.50 -39.08 -1.95
N GLY F 504 -9.27 -38.01 -2.10
CA GLY F 504 -10.58 -38.10 -2.70
C GLY F 504 -10.53 -38.28 -4.21
N ALA F 505 -11.73 -38.26 -4.79
CA ALA F 505 -11.93 -38.54 -6.21
C ALA F 505 -11.15 -37.64 -7.14
N ARG F 506 -10.65 -36.51 -6.64
CA ARG F 506 -9.76 -35.69 -7.44
C ARG F 506 -8.54 -36.46 -7.91
N GLY F 507 -7.92 -37.24 -7.03
CA GLY F 507 -6.68 -37.91 -7.39
C GLY F 507 -6.78 -39.22 -8.14
N LEU F 508 -7.98 -39.66 -8.50
CA LEU F 508 -8.10 -40.89 -9.29
C LEU F 508 -7.55 -40.73 -10.70
N ARG F 509 -7.77 -39.58 -11.34
CA ARG F 509 -7.23 -39.39 -12.68
C ARG F 509 -5.71 -39.36 -12.69
N SER F 510 -5.09 -38.83 -11.65
CA SER F 510 -3.64 -38.84 -11.57
C SER F 510 -3.10 -40.25 -11.35
N ILE F 511 -3.54 -40.91 -10.28
CA ILE F 511 -2.94 -42.19 -9.91
C ILE F 511 -3.17 -43.24 -11.00
N MET F 512 -4.34 -43.21 -11.64
CA MET F 512 -4.58 -44.17 -12.72
C MET F 512 -3.80 -43.82 -13.98
N GLU F 513 -3.45 -42.55 -14.17
CA GLU F 513 -2.50 -42.18 -15.21
C GLU F 513 -1.15 -42.87 -15.04
N LYS F 514 -0.67 -42.99 -13.80
CA LYS F 514 0.63 -43.63 -13.60
C LYS F 514 0.63 -45.08 -14.05
N LEU F 515 -0.43 -45.83 -13.76
CA LEU F 515 -0.42 -47.23 -14.14
C LEU F 515 -0.40 -47.39 -15.65
N LEU F 516 -1.14 -46.56 -16.37
CA LEU F 516 -1.25 -46.66 -17.82
C LEU F 516 -0.22 -45.83 -18.59
N LEU F 517 0.69 -45.15 -17.91
CA LEU F 517 1.72 -44.39 -18.62
C LEU F 517 2.60 -45.30 -19.48
N GLU F 518 3.26 -46.27 -18.88
CA GLU F 518 4.10 -47.17 -19.64
C GLU F 518 3.35 -48.05 -20.64
N PRO F 519 2.13 -48.51 -20.35
CA PRO F 519 1.32 -49.10 -21.43
C PRO F 519 1.11 -48.17 -22.59
N MET F 520 0.69 -46.94 -22.34
CA MET F 520 0.58 -45.96 -23.42
C MET F 520 1.91 -45.75 -24.10
N PHE F 521 3.01 -45.84 -23.37
CA PHE F 521 4.33 -45.69 -23.97
C PHE F 521 4.74 -46.91 -24.80
N GLU F 522 4.37 -48.11 -24.36
CA GLU F 522 4.85 -49.34 -24.99
C GLU F 522 3.88 -49.94 -26.00
N VAL F 523 2.61 -49.56 -25.97
CA VAL F 523 1.69 -49.98 -27.03
C VAL F 523 2.08 -49.53 -28.43
N PRO F 524 2.50 -48.30 -28.69
CA PRO F 524 2.34 -47.73 -30.03
C PRO F 524 3.35 -48.27 -31.03
N ASN F 525 3.27 -47.71 -32.23
CA ASN F 525 4.11 -48.11 -33.37
C ASN F 525 3.91 -49.57 -33.74
N SER F 526 2.66 -50.01 -33.69
CA SER F 526 2.26 -51.37 -34.06
C SER F 526 2.93 -52.45 -33.23
N ASP F 527 3.49 -52.10 -32.08
CA ASP F 527 4.09 -53.12 -31.24
C ASP F 527 3.04 -54.09 -30.71
N ILE F 528 2.08 -53.60 -29.94
CA ILE F 528 1.17 -54.45 -29.20
C ILE F 528 -0.27 -54.04 -29.49
N VAL F 529 -1.19 -54.99 -29.36
CA VAL F 529 -2.62 -54.73 -29.45
C VAL F 529 -3.33 -55.36 -28.26
N CYS F 530 -3.04 -56.62 -27.99
CA CYS F 530 -3.57 -57.25 -26.78
C CYS F 530 -2.83 -56.71 -25.56
N VAL F 531 -3.58 -56.15 -24.59
CA VAL F 531 -3.04 -55.60 -23.36
C VAL F 531 -3.99 -55.91 -22.22
N GLU F 532 -3.43 -56.08 -21.02
CA GLU F 532 -4.22 -56.36 -19.83
C GLU F 532 -3.51 -55.86 -18.57
N VAL F 533 -4.29 -55.33 -17.64
CA VAL F 533 -3.82 -54.89 -16.34
C VAL F 533 -4.55 -55.70 -15.27
N ASP F 534 -3.85 -56.07 -14.21
CA ASP F 534 -4.44 -56.88 -13.16
C ASP F 534 -3.95 -56.42 -11.80
N LYS F 535 -4.61 -56.93 -10.75
CA LYS F 535 -4.55 -56.31 -9.42
C LYS F 535 -3.13 -56.20 -8.88
N GLU F 536 -2.26 -57.15 -9.19
CA GLU F 536 -0.93 -57.06 -8.63
C GLU F 536 -0.03 -56.14 -9.44
N VAL F 537 -0.44 -55.80 -10.67
CA VAL F 537 0.22 -54.74 -11.41
C VAL F 537 -0.03 -53.40 -10.71
N VAL F 538 -1.24 -53.22 -10.19
CA VAL F 538 -1.51 -52.10 -9.29
C VAL F 538 -0.54 -52.13 -8.13
N GLU F 539 -0.20 -53.32 -7.66
CA GLU F 539 0.71 -53.46 -6.53
C GLU F 539 2.15 -53.23 -6.91
N GLY F 540 2.43 -52.83 -8.15
CA GLY F 540 3.78 -52.58 -8.58
C GLY F 540 4.62 -53.82 -8.80
N LYS F 541 4.04 -55.00 -8.67
CA LYS F 541 4.82 -56.22 -8.77
C LYS F 541 5.11 -56.62 -10.22
N LYS F 542 4.38 -56.07 -11.19
CA LYS F 542 4.41 -56.64 -12.52
C LYS F 542 4.04 -55.57 -13.55
N GLU F 543 4.29 -55.89 -14.87
CA GLU F 543 3.98 -55.16 -16.09
C GLU F 543 2.79 -55.78 -16.80
N PRO F 544 1.96 -54.97 -17.43
CA PRO F 544 0.86 -55.52 -18.23
C PRO F 544 1.27 -56.57 -19.26
N GLY F 545 0.32 -57.42 -19.63
CA GLY F 545 0.52 -58.41 -20.67
C GLY F 545 0.64 -57.78 -22.04
N TYR F 546 0.73 -58.64 -23.05
CA TYR F 546 1.05 -58.21 -24.40
C TYR F 546 0.78 -59.37 -25.37
N ILE F 547 1.20 -59.20 -26.61
CA ILE F 547 1.36 -60.31 -27.57
C ILE F 547 2.63 -60.20 -28.39
#